data_8DH9
#
_entry.id   8DH9
#
_cell.length_a   1.00
_cell.length_b   1.00
_cell.length_c   1.00
_cell.angle_alpha   90.00
_cell.angle_beta   90.00
_cell.angle_gamma   90.00
#
_symmetry.space_group_name_H-M   'P 1'
#
loop_
_entity.id
_entity.type
_entity.pdbx_description
1 polymer 'Leptin receptor'
2 polymer Leptin
#
loop_
_entity_poly.entity_id
_entity_poly.type
_entity_poly.pdbx_seq_one_letter_code
_entity_poly.pdbx_strand_id
1 'polypeptide(L)'
;TQDVVYFPPKILTSVGSNASFHCIYKNENQIISSKQIVWWRNLAEKIPEIQYSIVSDRVSKVTFSNLKATRPRGKFTYDA
VYCCNEQACHHRYAELYVIDVNINISCETDGYLTKMTCRWSPSTIQSLVGSTVQLRYHRRSLYCPDSPSIHPTSEPKNCV
LQRDGFYECVFQPIFLLSGYTMWIRINHSLGSLDSPPTCVLPDSVVKPLPPSNVKAEITVNTGLLKVSWEKPVFPENNLQ
FQIRYGLSGKEIQWKTHEVFDAKSKSASLLVSDLCAVYVVQVRCRRLDGLGYWSNWSSPAYTLVMDVKVPMRGPEFWRKM
DGDVTKKERNVTLLWKPLTKNDSLCSVRRYVVKHRTAHNGTWSEDVGNRTNLTFLWTEPAHTVTVLAVNSLGASLVNFNL
TFSWPMSKVSAVESLSAYPLSSSCVILSWTLSPDDYSLLYLVIEWKILNEDDGMKWLRIPSNVKKFYIHDNFIPIEKYQF
SLYPVFMEGVGKPKIINGFTKDAIDKQQNDAGGSGGMKQLEDKVEELLSKNYHLENEVARLKKLVGERSGGHHHHHH
;
A,B
2 'polypeptide(L)'
;MCWRPLCRFLWLWSYLSYVQAVPIQKVQDDTKTLIKTIVTRINDISHTQSVSAKQRVTGLDFIPGLHPILSLSKMDQTLA
VYQQVLTSLPSQNVLQIANDLENLRDLLHLLAFSKSCSLPQTSGLQKPESLDGVLEASLYSTEVVALSRLQGSLQDILQQ
LDVSPEC
;
C,D
#
# COMPACT_ATOMS: atom_id res chain seq x y z
N VAL A 5 28.96 50.10 -1.21
CA VAL A 5 30.33 49.71 -1.51
C VAL A 5 30.63 48.35 -0.89
N TYR A 6 30.55 47.29 -1.70
CA TYR A 6 30.74 45.93 -1.22
C TYR A 6 31.91 45.28 -1.96
N PHE A 7 32.61 44.40 -1.25
CA PHE A 7 33.69 43.63 -1.83
C PHE A 7 33.90 42.34 -1.04
N PRO A 8 33.63 41.17 -1.63
CA PRO A 8 33.02 40.94 -2.95
C PRO A 8 31.50 41.02 -2.89
N PRO A 9 30.82 41.17 -4.03
CA PRO A 9 29.35 41.26 -4.01
C PRO A 9 28.66 39.90 -4.01
N LYS A 10 29.31 38.87 -4.54
CA LYS A 10 28.70 37.55 -4.62
C LYS A 10 29.75 36.49 -4.36
N ILE A 11 29.32 35.40 -3.70
CA ILE A 11 30.22 34.36 -3.22
C ILE A 11 29.63 32.99 -3.53
N LEU A 12 30.50 32.08 -3.95
CA LEU A 12 30.14 30.69 -4.16
C LEU A 12 30.95 29.80 -3.21
N THR A 13 30.29 28.82 -2.62
CA THR A 13 30.92 27.86 -1.72
C THR A 13 29.91 26.78 -1.41
N SER A 14 30.39 25.69 -0.79
CA SER A 14 29.53 24.57 -0.46
C SER A 14 29.40 24.41 1.06
N VAL A 15 28.56 23.46 1.47
CA VAL A 15 28.27 23.26 2.88
C VAL A 15 29.54 22.83 3.61
N GLY A 16 29.81 23.44 4.76
CA GLY A 16 30.88 23.00 5.62
C GLY A 16 32.13 23.85 5.60
N SER A 17 31.99 25.12 5.19
CA SER A 17 33.12 26.02 5.11
C SER A 17 32.81 27.30 5.87
N ASN A 18 33.77 28.21 5.85
CA ASN A 18 33.63 29.50 6.52
C ASN A 18 33.33 30.58 5.48
N ALA A 19 33.27 31.83 5.92
CA ALA A 19 33.02 32.95 5.03
C ALA A 19 33.71 34.19 5.56
N SER A 20 33.90 35.18 4.69
CA SER A 20 34.52 36.44 5.05
C SER A 20 33.96 37.53 4.14
N PHE A 21 33.79 38.73 4.69
CA PHE A 21 33.16 39.83 3.97
C PHE A 21 33.90 41.14 4.26
N HIS A 22 33.64 42.12 3.42
CA HIS A 22 34.19 43.46 3.62
C HIS A 22 33.17 44.49 3.15
N CYS A 23 32.98 45.53 3.96
CA CYS A 23 32.00 46.55 3.68
C CYS A 23 32.60 47.94 3.87
N ILE A 24 32.13 48.88 3.06
CA ILE A 24 32.42 50.30 3.23
C ILE A 24 31.10 51.05 3.16
N TYR A 25 30.72 51.69 4.25
CA TYR A 25 29.48 52.44 4.32
C TYR A 25 29.71 53.88 3.87
N LYS A 26 28.95 54.31 2.87
CA LYS A 26 29.02 55.68 2.36
C LYS A 26 27.70 56.38 2.64
N ASN A 27 27.76 57.45 3.42
CA ASN A 27 26.59 58.29 3.69
C ASN A 27 26.91 59.73 3.34
N GLU A 28 26.09 60.32 2.48
CA GLU A 28 26.28 61.68 2.00
C GLU A 28 27.69 61.87 1.44
N ASN A 29 28.49 62.72 2.09
CA ASN A 29 29.88 62.94 1.72
C ASN A 29 30.82 62.53 2.86
N GLN A 30 30.35 61.64 3.72
CA GLN A 30 31.09 61.24 4.92
C GLN A 30 31.27 59.74 4.94
N ILE A 31 32.36 59.29 5.56
CA ILE A 31 32.61 57.87 5.81
C ILE A 31 32.79 57.70 7.31
N ILE A 32 31.97 56.84 7.91
CA ILE A 32 32.04 56.60 9.35
C ILE A 32 33.15 55.61 9.65
N SER A 33 33.49 55.49 10.93
CA SER A 33 34.45 54.50 11.35
C SER A 33 33.84 53.10 11.33
N SER A 34 34.69 52.10 11.19
CA SER A 34 34.24 50.71 11.16
C SER A 34 33.78 50.20 12.52
N LYS A 35 33.99 50.98 13.58
CA LYS A 35 33.58 50.57 14.92
C LYS A 35 32.08 50.70 15.15
N GLN A 36 31.35 51.28 14.19
CA GLN A 36 29.92 51.47 14.33
C GLN A 36 29.10 50.66 13.32
N ILE A 37 29.77 49.87 12.46
CA ILE A 37 29.04 49.09 11.48
C ILE A 37 28.34 47.92 12.16
N VAL A 38 27.06 47.74 11.84
CA VAL A 38 26.25 46.66 12.38
C VAL A 38 25.83 45.77 11.23
N TRP A 39 26.18 44.49 11.30
CA TRP A 39 25.87 43.58 10.21
C TRP A 39 24.54 42.86 10.45
N TRP A 40 23.84 42.59 9.36
CA TRP A 40 22.54 41.94 9.39
C TRP A 40 22.40 41.05 8.16
N ARG A 41 21.71 39.92 8.35
CA ARG A 41 21.38 39.04 7.25
C ARG A 41 19.88 39.03 7.06
N ASN A 42 19.44 39.20 5.81
CA ASN A 42 18.02 39.18 5.47
C ASN A 42 17.23 40.19 6.30
N LEU A 43 17.93 41.15 6.90
CA LEU A 43 17.31 42.18 7.73
C LEU A 43 16.47 41.58 8.87
N ALA A 44 16.90 40.44 9.39
CA ALA A 44 16.08 39.74 10.37
C ALA A 44 16.87 39.26 11.57
N GLU A 45 18.18 39.09 11.42
CA GLU A 45 19.02 38.59 12.50
C GLU A 45 20.27 39.44 12.61
N LYS A 46 20.54 39.92 13.83
CA LYS A 46 21.74 40.67 14.11
C LYS A 46 22.88 39.69 14.35
N ILE A 47 23.88 39.74 13.48
CA ILE A 47 25.02 38.82 13.57
C ILE A 47 25.78 39.12 14.85
N PRO A 48 26.13 38.09 15.64
CA PRO A 48 26.89 38.34 16.87
C PRO A 48 28.20 39.05 16.59
N GLU A 49 28.57 39.96 17.50
CA GLU A 49 29.79 40.75 17.35
C GLU A 49 31.04 39.88 17.29
N ILE A 50 31.01 38.70 17.91
CA ILE A 50 32.18 37.82 17.90
C ILE A 50 32.58 37.43 16.48
N GLN A 51 31.63 37.42 15.55
CA GLN A 51 31.92 37.10 14.15
C GLN A 51 32.47 38.30 13.38
N TYR A 52 32.54 39.47 13.99
CA TYR A 52 32.99 40.69 13.33
C TYR A 52 34.50 40.83 13.46
N SER A 53 35.06 41.72 12.66
CA SER A 53 36.47 42.03 12.71
C SER A 53 36.68 43.44 12.16
N ILE A 54 37.75 44.08 12.62
CA ILE A 54 38.09 45.44 12.22
C ILE A 54 39.49 45.39 11.61
N VAL A 55 39.56 45.24 10.28
CA VAL A 55 40.85 45.24 9.61
C VAL A 55 41.35 46.65 9.40
N SER A 56 40.43 47.60 9.26
CA SER A 56 40.77 49.00 9.04
C SER A 56 39.72 49.87 9.72
N ASP A 57 40.04 51.14 9.93
CA ASP A 57 39.10 52.04 10.58
C ASP A 57 37.87 52.30 9.72
N ARG A 58 37.97 52.06 8.41
CA ARG A 58 36.86 52.26 7.51
C ARG A 58 36.28 50.94 6.99
N VAL A 59 36.91 49.81 7.29
CA VAL A 59 36.49 48.52 6.75
C VAL A 59 36.04 47.62 7.90
N SER A 60 34.84 47.10 7.80
CA SER A 60 34.31 46.13 8.76
C SER A 60 34.31 44.75 8.10
N LYS A 61 34.95 43.79 8.76
CA LYS A 61 35.06 42.42 8.25
C LYS A 61 34.28 41.50 9.16
N VAL A 62 33.46 40.62 8.58
CA VAL A 62 32.70 39.63 9.31
C VAL A 62 33.06 38.25 8.79
N THR A 63 33.31 37.32 9.70
CA THR A 63 33.75 35.98 9.36
C THR A 63 32.74 34.96 9.85
N PHE A 64 32.30 34.07 8.96
CA PHE A 64 31.38 33.01 9.33
C PHE A 64 32.15 31.71 9.55
N SER A 65 31.41 30.65 9.83
CA SER A 65 31.99 29.33 10.03
C SER A 65 30.89 28.27 9.96
N ASN A 66 31.21 27.15 9.33
CA ASN A 66 30.30 26.00 9.20
C ASN A 66 28.95 26.45 8.64
N LEU A 67 28.99 27.03 7.46
CA LEU A 67 27.77 27.46 6.80
C LEU A 67 26.95 26.26 6.35
N LYS A 68 25.63 26.42 6.37
CA LYS A 68 24.69 25.33 6.10
C LYS A 68 23.93 25.60 4.81
N ALA A 69 23.25 24.57 4.32
CA ALA A 69 22.48 24.67 3.08
C ALA A 69 21.35 25.67 3.24
N THR A 70 21.18 26.52 2.23
CA THR A 70 20.14 27.54 2.26
C THR A 70 18.79 26.95 1.84
N ARG A 71 17.76 27.39 2.53
CA ARG A 71 16.38 27.03 2.21
C ARG A 71 15.79 28.05 1.25
N PRO A 72 15.28 27.62 0.10
CA PRO A 72 14.76 28.59 -0.87
C PRO A 72 13.63 29.42 -0.28
N ARG A 73 13.61 30.70 -0.66
CA ARG A 73 12.64 31.66 -0.14
C ARG A 73 11.95 32.30 -1.34
N GLY A 74 10.88 31.67 -1.80
CA GLY A 74 10.22 32.16 -3.01
C GLY A 74 11.12 32.03 -4.22
N LYS A 75 11.05 33.02 -5.10
CA LYS A 75 11.86 33.00 -6.31
C LYS A 75 13.34 33.19 -6.02
N PHE A 76 13.70 33.75 -4.87
CA PHE A 76 15.09 33.99 -4.55
C PHE A 76 15.83 32.70 -4.25
N THR A 77 17.09 32.64 -4.67
CA THR A 77 17.96 31.51 -4.38
C THR A 77 19.12 31.90 -3.47
N TYR A 78 19.11 33.12 -2.93
CA TYR A 78 20.18 33.60 -2.08
C TYR A 78 19.60 34.41 -0.94
N ASP A 79 20.44 34.64 0.08
CA ASP A 79 20.10 35.51 1.19
C ASP A 79 20.91 36.79 1.11
N ALA A 80 20.29 37.91 1.47
CA ALA A 80 20.93 39.21 1.39
C ALA A 80 21.45 39.62 2.77
N VAL A 81 22.72 39.98 2.82
CA VAL A 81 23.38 40.39 4.05
C VAL A 81 23.62 41.88 3.99
N TYR A 82 23.40 42.56 5.11
CA TYR A 82 23.47 44.02 5.14
C TYR A 82 24.42 44.50 6.24
N CYS A 83 25.37 45.33 5.83
CA CYS A 83 26.25 46.06 6.73
C CYS A 83 25.65 47.44 6.96
N CYS A 84 25.18 47.69 8.18
CA CYS A 84 24.41 48.89 8.49
C CYS A 84 25.10 49.69 9.58
N ASN A 85 24.85 51.00 9.56
CA ASN A 85 25.26 51.90 10.62
C ASN A 85 24.12 52.02 11.61
N GLU A 86 24.36 51.60 12.85
CA GLU A 86 23.35 51.64 13.89
C GLU A 86 22.09 50.92 13.44
N GLN A 87 21.10 51.68 12.97
CA GLN A 87 19.86 51.14 12.43
C GLN A 87 19.63 51.62 11.00
N ALA A 88 20.55 52.40 10.47
CA ALA A 88 20.48 52.93 9.11
C ALA A 88 21.17 51.93 8.19
N CYS A 89 20.42 51.40 7.22
CA CYS A 89 20.92 50.36 6.32
C CYS A 89 20.98 50.90 4.90
N HIS A 90 22.07 50.60 4.21
CA HIS A 90 22.18 50.92 2.80
C HIS A 90 21.37 49.92 1.98
N HIS A 91 20.81 50.40 0.87
CA HIS A 91 19.90 49.57 0.08
C HIS A 91 20.63 48.41 -0.57
N ARG A 92 21.95 48.50 -0.70
CA ARG A 92 22.71 47.44 -1.36
C ARG A 92 22.96 46.27 -0.42
N TYR A 93 23.39 45.15 -1.00
CA TYR A 93 23.63 43.93 -0.24
C TYR A 93 24.50 42.99 -1.07
N ALA A 94 24.83 41.84 -0.48
CA ALA A 94 25.66 40.85 -1.13
C ALA A 94 24.84 39.61 -1.48
N GLU A 95 25.51 38.62 -2.05
CA GLU A 95 24.89 37.40 -2.55
C GLU A 95 25.65 36.18 -2.04
N LEU A 96 24.91 35.13 -1.69
CA LEU A 96 25.51 33.90 -1.19
C LEU A 96 24.82 32.69 -1.83
N TYR A 97 25.60 31.66 -2.12
CA TYR A 97 25.14 30.44 -2.77
C TYR A 97 25.88 29.26 -2.18
N VAL A 98 25.16 28.20 -1.84
CA VAL A 98 25.71 27.10 -1.06
C VAL A 98 25.71 25.82 -1.90
N ILE A 99 24.53 25.34 -2.29
CA ILE A 99 24.37 24.18 -3.17
C ILE A 99 24.86 22.90 -2.49
N ASP A 100 24.06 21.85 -2.54
CA ASP A 100 24.48 20.54 -2.07
C ASP A 100 25.28 19.87 -3.18
N VAL A 101 26.42 19.25 -2.82
CA VAL A 101 27.28 18.63 -3.82
C VAL A 101 27.48 17.14 -3.60
N ASN A 102 27.14 16.61 -2.43
CA ASN A 102 27.32 15.20 -2.13
C ASN A 102 26.30 14.38 -2.93
N ILE A 103 26.79 13.78 -4.01
CA ILE A 103 25.97 12.99 -4.92
C ILE A 103 26.57 11.60 -5.00
N ASN A 104 25.73 10.57 -4.81
CA ASN A 104 26.19 9.20 -4.90
C ASN A 104 26.06 8.69 -6.33
N ILE A 105 26.98 7.81 -6.73
CA ILE A 105 27.03 7.27 -8.08
C ILE A 105 26.93 5.76 -8.00
N SER A 106 26.02 5.18 -8.79
CA SER A 106 25.79 3.75 -8.80
C SER A 106 26.23 3.14 -10.12
N CYS A 107 27.15 2.17 -10.04
CA CYS A 107 27.70 1.49 -11.20
C CYS A 107 27.51 -0.02 -11.05
N GLU A 108 27.40 -0.71 -12.18
CA GLU A 108 27.27 -2.16 -12.20
C GLU A 108 28.09 -2.71 -13.36
N THR A 109 28.62 -3.91 -13.19
CA THR A 109 29.26 -4.63 -14.28
C THR A 109 28.26 -5.60 -14.90
N ASP A 110 28.21 -5.62 -16.23
CA ASP A 110 27.37 -6.56 -16.94
C ASP A 110 27.88 -7.99 -16.72
N GLY A 111 26.96 -8.95 -16.87
CA GLY A 111 27.32 -10.35 -16.70
C GLY A 111 28.26 -10.90 -17.75
N TYR A 112 28.41 -10.21 -18.88
CA TYR A 112 29.29 -10.62 -19.95
C TYR A 112 30.62 -9.89 -19.96
N LEU A 113 30.90 -9.08 -18.93
CA LEU A 113 32.17 -8.38 -18.79
C LEU A 113 32.56 -7.62 -20.06
N THR A 114 31.60 -6.87 -20.62
CA THR A 114 31.86 -6.00 -21.75
C THR A 114 31.74 -4.52 -21.41
N LYS A 115 30.79 -4.15 -20.55
CA LYS A 115 30.37 -2.77 -20.42
C LYS A 115 30.23 -2.37 -18.95
N MET A 116 30.49 -1.09 -18.70
CA MET A 116 30.26 -0.45 -17.41
C MET A 116 29.02 0.43 -17.51
N THR A 117 28.09 0.24 -16.59
CA THR A 117 26.88 1.05 -16.52
C THR A 117 26.86 1.77 -15.18
N CYS A 118 27.07 3.08 -15.21
CA CYS A 118 26.97 3.91 -14.02
C CYS A 118 25.72 4.77 -14.08
N ARG A 119 25.12 5.00 -12.92
CA ARG A 119 23.86 5.73 -12.81
C ARG A 119 23.92 6.67 -11.61
N TRP A 120 23.14 7.74 -11.68
CA TRP A 120 23.11 8.76 -10.64
C TRP A 120 21.92 9.67 -10.89
N SER A 121 21.56 10.45 -9.87
CA SER A 121 20.40 11.29 -10.10
C SER A 121 20.73 12.76 -9.85
N PRO A 122 20.24 13.65 -10.70
CA PRO A 122 20.45 15.10 -10.53
C PRO A 122 19.44 15.80 -9.64
N SER A 123 18.71 15.07 -8.78
CA SER A 123 17.66 15.67 -7.98
C SER A 123 18.15 16.87 -7.18
N THR A 124 19.33 16.77 -6.56
CA THR A 124 19.87 17.91 -5.83
C THR A 124 20.21 19.09 -6.73
N ILE A 125 20.45 18.84 -8.02
CA ILE A 125 20.79 19.90 -8.96
C ILE A 125 19.55 20.57 -9.53
N GLN A 126 18.38 19.94 -9.44
CA GLN A 126 17.17 20.45 -10.08
C GLN A 126 16.79 21.85 -9.58
N SER A 127 17.18 22.20 -8.35
CA SER A 127 16.79 23.48 -7.78
C SER A 127 17.49 24.66 -8.45
N LEU A 128 18.59 24.42 -9.15
CA LEU A 128 19.35 25.49 -9.80
C LEU A 128 19.04 25.46 -11.29
N VAL A 129 18.55 26.58 -11.82
CA VAL A 129 18.39 26.72 -13.25
C VAL A 129 19.59 27.46 -13.82
N GLY A 130 19.99 27.11 -15.03
CA GLY A 130 21.19 27.67 -15.63
C GLY A 130 22.46 26.92 -15.31
N SER A 131 22.40 25.89 -14.47
CA SER A 131 23.59 25.11 -14.16
C SER A 131 23.72 23.93 -15.11
N THR A 132 24.92 23.72 -15.62
CA THR A 132 25.20 22.66 -16.57
C THR A 132 26.11 21.62 -15.93
N VAL A 133 25.69 20.36 -16.00
CA VAL A 133 26.38 19.25 -15.35
C VAL A 133 27.22 18.52 -16.37
N GLN A 134 28.41 18.09 -15.96
CA GLN A 134 29.29 17.27 -16.78
C GLN A 134 29.93 16.23 -15.88
N LEU A 135 30.06 15.01 -16.36
CA LEU A 135 30.70 13.98 -15.58
C LEU A 135 32.18 13.87 -15.94
N ARG A 136 33.04 13.97 -14.93
CA ARG A 136 34.48 13.96 -15.13
C ARG A 136 35.10 12.79 -14.38
N TYR A 137 35.99 12.08 -15.08
CA TYR A 137 36.58 10.85 -14.55
C TYR A 137 38.03 10.76 -14.96
N HIS A 138 38.78 9.98 -14.18
CA HIS A 138 40.15 9.60 -14.51
C HIS A 138 40.35 8.16 -14.11
N ARG A 139 40.90 7.36 -15.01
CA ARG A 139 41.08 5.93 -14.78
C ARG A 139 42.51 5.68 -14.31
N ARG A 140 42.65 4.96 -13.21
CA ARG A 140 43.95 4.49 -12.75
C ARG A 140 44.20 3.08 -13.26
N SER A 141 45.37 2.87 -13.89
CA SER A 141 45.76 1.53 -14.29
C SER A 141 45.92 0.60 -13.10
N LEU A 142 46.20 1.14 -11.92
CA LEU A 142 46.24 0.38 -10.68
C LEU A 142 44.85 0.35 -10.06
N TYR A 143 44.78 -0.17 -8.84
CA TYR A 143 43.50 -0.24 -8.15
C TYR A 143 43.19 1.08 -7.45
N CYS A 144 41.95 1.20 -7.00
CA CYS A 144 41.49 2.44 -6.40
C CYS A 144 42.23 2.71 -5.09
N PRO A 145 42.67 3.94 -4.86
CA PRO A 145 43.31 4.29 -3.59
C PRO A 145 42.27 4.39 -2.47
N ASP A 146 42.78 4.40 -1.24
CA ASP A 146 41.90 4.50 -0.08
C ASP A 146 41.14 5.81 -0.07
N SER A 147 41.77 6.89 -0.52
CA SER A 147 41.13 8.20 -0.57
C SER A 147 41.05 8.66 -2.03
N PRO A 148 39.90 8.52 -2.68
CA PRO A 148 39.77 9.02 -4.06
C PRO A 148 39.92 10.54 -4.10
N SER A 149 40.56 11.02 -5.17
CA SER A 149 40.83 12.44 -5.32
C SER A 149 40.57 12.86 -6.76
N ILE A 150 40.25 14.14 -6.93
CA ILE A 150 39.98 14.68 -8.27
C ILE A 150 41.29 14.84 -9.01
N HIS A 151 41.49 14.00 -10.03
CA HIS A 151 42.74 14.04 -10.79
C HIS A 151 42.74 15.24 -11.73
N PRO A 152 43.87 15.94 -11.87
CA PRO A 152 43.90 17.08 -12.79
C PRO A 152 43.55 16.70 -14.22
N THR A 153 43.99 15.53 -14.68
CA THR A 153 43.64 15.03 -16.00
C THR A 153 42.35 14.24 -15.88
N SER A 154 41.23 14.85 -16.24
CA SER A 154 39.92 14.23 -16.14
C SER A 154 39.31 14.12 -17.52
N GLU A 155 38.31 13.25 -17.64
CA GLU A 155 37.72 13.21 -18.96
C GLU A 155 36.21 13.36 -18.88
N PRO A 156 35.59 13.97 -19.88
CA PRO A 156 34.12 14.08 -19.89
C PRO A 156 33.47 12.78 -20.34
N LYS A 157 32.32 12.48 -19.74
CA LYS A 157 31.55 11.28 -20.07
C LYS A 157 30.13 11.68 -20.43
N ASN A 158 29.62 11.10 -21.52
CA ASN A 158 28.25 11.39 -21.95
C ASN A 158 27.29 10.42 -21.28
N CYS A 159 26.26 10.96 -20.63
CA CYS A 159 25.27 10.18 -19.92
C CYS A 159 23.89 10.65 -20.32
N VAL A 160 22.93 9.71 -20.33
CA VAL A 160 21.57 9.97 -20.79
C VAL A 160 20.64 9.95 -19.59
N LEU A 161 19.87 11.03 -19.42
CA LEU A 161 18.85 11.08 -18.39
C LEU A 161 17.69 10.17 -18.79
N GLN A 162 17.41 9.18 -17.96
CA GLN A 162 16.35 8.24 -18.27
C GLN A 162 15.01 8.74 -17.75
N ARG A 163 13.94 8.03 -18.12
CA ARG A 163 12.61 8.39 -17.67
C ARG A 163 12.48 8.34 -16.16
N ASP A 164 13.30 7.54 -15.49
CA ASP A 164 13.30 7.42 -14.04
C ASP A 164 13.82 8.66 -13.34
N GLY A 165 14.40 9.62 -14.06
CA GLY A 165 15.08 10.74 -13.44
C GLY A 165 16.53 10.50 -13.12
N PHE A 166 17.12 9.44 -13.63
CA PHE A 166 18.53 9.14 -13.41
C PHE A 166 19.31 9.26 -14.71
N TYR A 167 20.57 9.71 -14.60
CA TYR A 167 21.47 9.69 -15.74
C TYR A 167 22.22 8.37 -15.77
N GLU A 168 22.23 7.73 -16.95
CA GLU A 168 22.88 6.44 -17.13
C GLU A 168 24.14 6.64 -17.95
N CYS A 169 25.22 5.97 -17.55
CA CYS A 169 26.54 6.19 -18.12
C CYS A 169 27.12 4.85 -18.55
N VAL A 170 27.25 4.66 -19.86
CA VAL A 170 27.67 3.41 -20.44
C VAL A 170 29.13 3.52 -20.86
N PHE A 171 30.00 2.75 -20.21
CA PHE A 171 31.42 2.72 -20.54
C PHE A 171 31.79 1.36 -21.12
N GLN A 172 32.46 1.36 -22.27
CA GLN A 172 32.79 0.14 -22.98
C GLN A 172 33.83 0.43 -24.06
N PRO A 173 34.89 -0.40 -24.20
CA PRO A 173 35.20 -1.63 -23.47
C PRO A 173 35.75 -1.36 -22.07
N ILE A 174 36.06 -2.37 -21.26
CA ILE A 174 36.29 -2.18 -19.85
C ILE A 174 37.69 -2.67 -19.45
N PHE A 175 38.08 -2.30 -18.24
CA PHE A 175 39.35 -2.71 -17.62
C PHE A 175 39.02 -3.04 -16.16
N LEU A 176 38.86 -4.33 -15.87
CA LEU A 176 38.31 -4.75 -14.57
C LEU A 176 39.22 -4.33 -13.42
N LEU A 177 40.53 -4.52 -13.59
CA LEU A 177 41.51 -4.29 -12.53
C LEU A 177 42.01 -2.86 -12.48
N SER A 178 41.53 -1.99 -13.36
CA SER A 178 41.90 -0.59 -13.37
C SER A 178 40.98 0.18 -12.43
N GLY A 179 41.55 1.12 -11.68
CA GLY A 179 40.74 1.99 -10.84
C GLY A 179 40.13 3.10 -11.66
N TYR A 180 38.88 3.46 -11.34
CA TYR A 180 38.14 4.47 -12.09
C TYR A 180 37.68 5.55 -11.11
N THR A 181 38.47 6.61 -10.99
CA THR A 181 38.11 7.72 -10.11
C THR A 181 37.03 8.57 -10.76
N MET A 182 35.97 8.87 -10.02
CA MET A 182 34.81 9.53 -10.59
C MET A 182 34.32 10.65 -9.68
N TRP A 183 33.85 11.73 -10.29
CA TRP A 183 33.22 12.83 -9.57
C TRP A 183 32.37 13.64 -10.55
N ILE A 184 31.28 14.19 -10.04
CA ILE A 184 30.35 14.99 -10.82
C ILE A 184 30.92 16.39 -10.94
N ARG A 185 30.78 17.00 -12.11
CA ARG A 185 31.13 18.41 -12.29
C ARG A 185 29.90 19.19 -12.74
N ILE A 186 29.56 20.23 -11.99
CA ILE A 186 28.46 21.13 -12.32
C ILE A 186 29.10 22.44 -12.79
N ASN A 187 28.52 23.06 -13.81
CA ASN A 187 29.01 24.31 -14.35
C ASN A 187 27.85 25.29 -14.50
N HIS A 188 27.80 26.27 -13.60
CA HIS A 188 26.78 27.30 -13.63
C HIS A 188 27.34 28.55 -14.29
N SER A 189 26.46 29.54 -14.49
CA SER A 189 26.90 30.81 -15.05
C SER A 189 27.93 31.50 -14.17
N LEU A 190 27.96 31.20 -12.87
CA LEU A 190 28.87 31.84 -11.94
C LEU A 190 30.15 31.05 -11.71
N GLY A 191 30.28 29.86 -12.30
CA GLY A 191 31.46 29.05 -12.10
C GLY A 191 31.21 27.56 -12.19
N SER A 192 32.05 26.76 -11.54
CA SER A 192 31.93 25.31 -11.57
C SER A 192 32.33 24.71 -10.22
N LEU A 193 31.64 23.64 -9.83
CA LEU A 193 31.92 22.91 -8.61
C LEU A 193 31.97 21.41 -8.91
N ASP A 194 32.40 20.63 -7.93
CA ASP A 194 32.60 19.20 -8.09
C ASP A 194 32.03 18.43 -6.91
N SER A 195 31.43 17.27 -7.21
CA SER A 195 30.97 16.35 -6.18
C SER A 195 32.17 15.64 -5.55
N PRO A 196 32.01 15.07 -4.36
CA PRO A 196 33.09 14.30 -3.74
C PRO A 196 33.55 13.18 -4.67
N PRO A 197 34.86 13.03 -4.85
CA PRO A 197 35.36 12.02 -5.80
C PRO A 197 35.12 10.60 -5.28
N THR A 198 34.88 9.67 -6.20
CA THR A 198 34.66 8.27 -5.89
C THR A 198 35.41 7.42 -6.90
N CYS A 199 35.99 6.31 -6.45
CA CYS A 199 36.67 5.38 -7.33
C CYS A 199 36.00 4.01 -7.23
N VAL A 200 35.75 3.40 -8.39
CA VAL A 200 35.06 2.12 -8.47
C VAL A 200 35.92 1.16 -9.28
N LEU A 201 36.11 -0.05 -8.74
CA LEU A 201 36.77 -1.11 -9.48
C LEU A 201 35.73 -1.96 -10.20
N PRO A 202 35.81 -2.11 -11.51
CA PRO A 202 34.78 -2.89 -12.23
C PRO A 202 34.59 -4.31 -11.73
N ASP A 203 35.66 -4.95 -11.26
CA ASP A 203 35.55 -6.33 -10.80
C ASP A 203 34.66 -6.42 -9.55
N SER A 204 34.68 -5.40 -8.70
CA SER A 204 33.95 -5.42 -7.44
C SER A 204 32.45 -5.27 -7.61
N VAL A 205 31.96 -4.89 -8.79
CA VAL A 205 30.55 -4.59 -8.99
C VAL A 205 29.92 -5.49 -10.05
N VAL A 206 30.40 -6.73 -10.16
CA VAL A 206 29.90 -7.62 -11.21
C VAL A 206 28.59 -8.25 -10.78
N LYS A 207 27.59 -8.16 -11.66
CA LYS A 207 26.32 -8.87 -11.48
C LYS A 207 26.29 -10.07 -12.43
N PRO A 208 26.40 -11.30 -11.92
CA PRO A 208 26.51 -12.46 -12.81
C PRO A 208 25.20 -12.76 -13.53
N LEU A 209 25.30 -13.63 -14.52
CA LEU A 209 24.13 -14.10 -15.23
C LEU A 209 23.34 -15.08 -14.37
N PRO A 210 22.04 -15.20 -14.60
CA PRO A 210 21.24 -16.14 -13.84
C PRO A 210 21.69 -17.57 -14.12
N PRO A 211 21.56 -18.46 -13.14
CA PRO A 211 21.95 -19.86 -13.35
C PRO A 211 21.09 -20.53 -14.43
N SER A 212 21.64 -21.53 -15.08
CA SER A 212 20.99 -22.17 -16.20
C SER A 212 20.79 -23.67 -15.96
N ASN A 213 19.96 -24.27 -16.81
CA ASN A 213 19.69 -25.71 -16.79
C ASN A 213 19.23 -26.19 -15.42
N VAL A 214 18.34 -25.41 -14.80
CA VAL A 214 17.81 -25.79 -13.49
C VAL A 214 16.82 -26.92 -13.65
N LYS A 215 17.17 -28.08 -13.11
CA LYS A 215 16.37 -29.29 -13.21
C LYS A 215 16.05 -29.80 -11.82
N ALA A 216 14.76 -29.94 -11.54
CA ALA A 216 14.28 -30.34 -10.22
C ALA A 216 13.73 -31.75 -10.30
N GLU A 217 14.05 -32.57 -9.30
CA GLU A 217 13.58 -33.94 -9.25
C GLU A 217 13.52 -34.41 -7.80
N ILE A 218 12.52 -35.24 -7.50
CA ILE A 218 12.42 -35.90 -6.21
C ILE A 218 13.01 -37.29 -6.35
N THR A 219 14.09 -37.55 -5.63
CA THR A 219 14.78 -38.83 -5.74
C THR A 219 13.88 -39.96 -5.27
N VAL A 220 13.79 -41.02 -6.07
CA VAL A 220 12.87 -42.11 -5.77
C VAL A 220 13.35 -42.88 -4.56
N ASN A 221 12.40 -43.42 -3.79
CA ASN A 221 12.65 -44.26 -2.63
C ASN A 221 13.30 -43.49 -1.49
N THR A 222 13.51 -42.19 -1.68
CA THR A 222 14.07 -41.35 -0.63
C THR A 222 13.24 -40.10 -0.36
N GLY A 223 12.59 -39.56 -1.39
CA GLY A 223 11.80 -38.35 -1.21
C GLY A 223 12.60 -37.08 -1.07
N LEU A 224 13.86 -37.09 -1.52
CA LEU A 224 14.72 -35.92 -1.42
C LEU A 224 14.64 -35.11 -2.71
N LEU A 225 14.37 -33.81 -2.57
CA LEU A 225 14.28 -32.90 -3.71
C LEU A 225 15.68 -32.60 -4.20
N LYS A 226 16.10 -33.29 -5.27
CA LYS A 226 17.42 -33.08 -5.85
C LYS A 226 17.30 -32.08 -7.00
N VAL A 227 18.20 -31.11 -7.02
CA VAL A 227 18.22 -30.07 -8.05
C VAL A 227 19.57 -30.13 -8.77
N SER A 228 19.54 -29.94 -10.08
CA SER A 228 20.74 -29.87 -10.89
C SER A 228 20.67 -28.63 -11.77
N TRP A 229 21.80 -27.93 -11.87
CA TRP A 229 21.84 -26.65 -12.58
C TRP A 229 23.17 -26.49 -13.28
N GLU A 230 23.16 -25.73 -14.36
CA GLU A 230 24.37 -25.35 -15.07
C GLU A 230 24.81 -23.96 -14.64
N LYS A 231 26.08 -23.85 -14.28
CA LYS A 231 26.68 -22.62 -13.78
C LYS A 231 26.93 -21.64 -14.92
N PRO A 232 26.47 -20.40 -14.78
CA PRO A 232 26.84 -19.38 -15.76
C PRO A 232 28.32 -19.11 -15.74
N VAL A 233 28.86 -18.69 -16.88
CA VAL A 233 30.30 -18.50 -17.03
C VAL A 233 30.77 -17.38 -16.13
N PHE A 234 31.81 -17.64 -15.34
CA PHE A 234 32.36 -16.67 -14.42
C PHE A 234 33.85 -16.93 -14.18
N PRO A 235 34.64 -15.88 -14.02
CA PRO A 235 36.06 -16.08 -13.66
C PRO A 235 36.20 -16.78 -12.31
N GLU A 236 37.15 -17.72 -12.26
CA GLU A 236 37.49 -18.50 -11.07
C GLU A 236 36.39 -19.44 -10.64
N ASN A 237 35.21 -19.33 -11.27
CA ASN A 237 34.00 -20.04 -10.84
C ASN A 237 33.73 -19.87 -9.35
N ASN A 238 34.30 -18.85 -8.72
CA ASN A 238 34.12 -18.60 -7.29
C ASN A 238 32.77 -17.91 -7.09
N LEU A 239 31.72 -18.72 -7.14
CA LEU A 239 30.35 -18.25 -7.07
C LEU A 239 29.68 -18.77 -5.80
N GLN A 240 29.02 -17.87 -5.08
CA GLN A 240 28.17 -18.25 -3.97
C GLN A 240 26.74 -18.38 -4.47
N PHE A 241 26.16 -19.56 -4.26
CA PHE A 241 24.88 -19.92 -4.86
C PHE A 241 23.76 -19.84 -3.83
N GLN A 242 22.61 -19.34 -4.27
CA GLN A 242 21.42 -19.26 -3.44
C GLN A 242 20.27 -19.92 -4.18
N ILE A 243 19.58 -20.83 -3.50
CA ILE A 243 18.48 -21.59 -4.08
C ILE A 243 17.23 -21.34 -3.25
N ARG A 244 16.15 -20.93 -3.92
CA ARG A 244 14.85 -20.78 -3.29
C ARG A 244 13.90 -21.81 -3.86
N TYR A 245 13.09 -22.41 -2.99
CA TYR A 245 12.19 -23.48 -3.39
C TYR A 245 10.89 -23.37 -2.60
N GLY A 246 9.77 -23.62 -3.27
CA GLY A 246 8.48 -23.50 -2.62
C GLY A 246 7.42 -24.30 -3.36
N LEU A 247 6.27 -24.42 -2.69
CA LEU A 247 5.16 -25.17 -3.26
C LEU A 247 4.59 -24.46 -4.48
N SER A 248 4.18 -25.25 -5.48
CA SER A 248 3.56 -24.69 -6.68
C SER A 248 2.10 -24.38 -6.40
N GLY A 249 1.74 -23.10 -6.48
CA GLY A 249 0.38 -22.68 -6.24
C GLY A 249 0.23 -21.20 -6.51
N LYS A 250 -0.93 -20.68 -6.09
CA LYS A 250 -1.17 -19.24 -6.23
C LYS A 250 -0.15 -18.43 -5.44
N GLU A 251 0.16 -18.85 -4.21
CA GLU A 251 1.25 -18.28 -3.44
C GLU A 251 2.29 -19.37 -3.24
N ILE A 252 3.54 -19.09 -3.61
CA ILE A 252 4.63 -20.04 -3.46
C ILE A 252 5.30 -19.77 -2.13
N GLN A 253 5.11 -20.68 -1.18
CA GLN A 253 5.74 -20.53 0.12
C GLN A 253 7.22 -20.82 -0.02
N TRP A 254 7.97 -19.85 -0.53
CA TRP A 254 9.37 -20.07 -0.88
C TRP A 254 10.19 -20.39 0.35
N LYS A 255 10.96 -21.47 0.27
CA LYS A 255 11.99 -21.79 1.25
C LYS A 255 13.34 -21.70 0.55
N THR A 256 14.38 -21.42 1.32
CA THR A 256 15.69 -21.18 0.74
C THR A 256 16.72 -22.18 1.26
N HIS A 257 17.73 -22.42 0.43
CA HIS A 257 18.91 -23.18 0.83
C HIS A 257 20.12 -22.59 0.13
N GLU A 258 21.24 -22.56 0.83
CA GLU A 258 22.49 -22.03 0.29
C GLU A 258 23.48 -23.17 0.10
N VAL A 259 24.21 -23.12 -1.01
CA VAL A 259 25.24 -24.10 -1.33
C VAL A 259 26.58 -23.39 -1.23
N PHE A 260 27.29 -23.61 -0.13
CA PHE A 260 28.62 -23.03 0.03
C PHE A 260 29.64 -23.59 -0.95
N ASP A 261 29.55 -24.87 -1.27
CA ASP A 261 30.50 -25.52 -2.17
C ASP A 261 30.32 -24.93 -3.57
N ALA A 262 31.29 -24.12 -3.99
CA ALA A 262 31.27 -23.57 -5.35
C ALA A 262 31.46 -24.64 -6.41
N LYS A 263 31.96 -25.83 -6.03
CA LYS A 263 32.13 -26.92 -6.98
C LYS A 263 30.88 -27.77 -7.14
N SER A 264 29.90 -27.61 -6.25
CA SER A 264 28.71 -28.42 -6.32
C SER A 264 27.86 -28.05 -7.54
N LYS A 265 27.47 -29.07 -8.30
CA LYS A 265 26.57 -28.90 -9.44
C LYS A 265 25.17 -29.38 -9.14
N SER A 266 25.00 -30.27 -8.16
CA SER A 266 23.68 -30.77 -7.80
C SER A 266 23.60 -30.86 -6.28
N ALA A 267 22.38 -30.74 -5.77
CA ALA A 267 22.12 -30.84 -4.34
C ALA A 267 20.73 -31.42 -4.12
N SER A 268 20.54 -32.04 -2.96
CA SER A 268 19.29 -32.68 -2.60
C SER A 268 18.76 -32.09 -1.31
N LEU A 269 17.45 -31.86 -1.25
CA LEU A 269 16.81 -31.26 -0.08
C LEU A 269 15.60 -32.10 0.32
N LEU A 270 15.33 -32.13 1.62
CA LEU A 270 14.17 -32.84 2.15
C LEU A 270 12.91 -32.00 1.93
N VAL A 271 11.82 -32.67 1.58
CA VAL A 271 10.52 -32.03 1.43
C VAL A 271 9.47 -32.81 2.21
N SER A 272 8.56 -32.09 2.84
CA SER A 272 7.54 -32.71 3.68
C SER A 272 6.54 -33.54 2.90
N ASP A 273 6.03 -33.03 1.78
CA ASP A 273 5.06 -33.73 0.95
C ASP A 273 5.77 -34.18 -0.32
N LEU A 274 5.75 -35.48 -0.58
CA LEU A 274 6.42 -36.02 -1.76
C LEU A 274 5.54 -36.02 -3.00
N CYS A 275 4.28 -35.59 -2.87
CA CYS A 275 3.32 -35.71 -3.97
C CYS A 275 2.82 -34.36 -4.47
N ALA A 276 3.56 -33.29 -4.22
CA ALA A 276 3.14 -31.95 -4.63
C ALA A 276 4.12 -31.36 -5.64
N VAL A 277 3.58 -30.57 -6.56
CA VAL A 277 4.39 -29.83 -7.51
C VAL A 277 5.07 -28.69 -6.76
N TYR A 278 6.36 -28.47 -7.04
CA TYR A 278 7.12 -27.43 -6.37
C TYR A 278 7.74 -26.50 -7.39
N VAL A 279 8.00 -25.26 -6.96
CA VAL A 279 8.67 -24.26 -7.79
C VAL A 279 10.00 -23.91 -7.13
N VAL A 280 11.08 -23.98 -7.90
CA VAL A 280 12.43 -23.75 -7.40
C VAL A 280 13.13 -22.76 -8.32
N GLN A 281 13.83 -21.80 -7.71
CA GLN A 281 14.65 -20.85 -8.46
C GLN A 281 16.01 -20.72 -7.77
N VAL A 282 17.02 -20.41 -8.58
CA VAL A 282 18.40 -20.34 -8.11
C VAL A 282 19.00 -19.02 -8.55
N ARG A 283 19.70 -18.35 -7.63
CA ARG A 283 20.48 -17.17 -7.95
C ARG A 283 21.88 -17.34 -7.37
N CYS A 284 22.85 -16.67 -7.99
CA CYS A 284 24.23 -16.82 -7.61
C CYS A 284 24.92 -15.46 -7.53
N ARG A 285 25.94 -15.38 -6.68
CA ARG A 285 26.80 -14.21 -6.61
C ARG A 285 28.22 -14.71 -6.39
N ARG A 286 29.16 -13.76 -6.36
CA ARG A 286 30.55 -14.11 -6.13
C ARG A 286 30.71 -14.77 -4.77
N LEU A 287 31.58 -15.79 -4.72
CA LEU A 287 31.76 -16.55 -3.48
C LEU A 287 32.27 -15.67 -2.35
N ASP A 288 33.06 -14.64 -2.67
CA ASP A 288 33.51 -13.69 -1.66
C ASP A 288 32.41 -12.72 -1.24
N GLY A 289 31.27 -12.73 -1.92
CA GLY A 289 30.18 -11.82 -1.61
C GLY A 289 30.24 -10.50 -2.35
N LEU A 290 31.27 -10.27 -3.15
CA LEU A 290 31.39 -9.02 -3.90
C LEU A 290 30.41 -9.02 -5.07
N GLY A 291 30.29 -7.85 -5.71
CA GLY A 291 29.37 -7.74 -6.81
C GLY A 291 27.92 -7.82 -6.35
N TYR A 292 27.07 -8.25 -7.27
CA TYR A 292 25.65 -8.40 -7.02
C TYR A 292 25.25 -9.87 -7.09
N TRP A 293 24.04 -10.14 -6.61
CA TRP A 293 23.43 -11.45 -6.84
C TRP A 293 22.87 -11.52 -8.26
N SER A 294 23.04 -12.67 -8.89
CA SER A 294 22.52 -12.85 -10.24
C SER A 294 21.00 -12.90 -10.23
N ASN A 295 20.41 -12.79 -11.41
CA ASN A 295 18.97 -12.93 -11.54
C ASN A 295 18.54 -14.33 -11.11
N TRP A 296 17.35 -14.42 -10.54
CA TRP A 296 16.81 -15.72 -10.18
C TRP A 296 16.60 -16.55 -11.44
N SER A 297 17.04 -17.80 -11.39
CA SER A 297 16.97 -18.67 -12.55
C SER A 297 15.52 -18.99 -12.91
N SER A 298 15.35 -19.64 -14.05
CA SER A 298 14.03 -20.02 -14.51
C SER A 298 13.40 -21.00 -13.52
N PRO A 299 12.10 -20.92 -13.28
CA PRO A 299 11.47 -21.83 -12.29
C PRO A 299 11.39 -23.25 -12.83
N ALA A 300 11.91 -24.19 -12.05
CA ALA A 300 11.82 -25.61 -12.37
C ALA A 300 10.67 -26.23 -11.60
N TYR A 301 9.88 -27.05 -12.28
CA TYR A 301 8.65 -27.60 -11.73
C TYR A 301 8.78 -29.11 -11.55
N THR A 302 8.41 -29.58 -10.36
CA THR A 302 8.51 -31.00 -10.06
C THR A 302 7.29 -31.76 -10.58
N LEU A 303 7.53 -32.96 -11.09
CA LEU A 303 6.47 -33.81 -11.60
C LEU A 303 6.04 -34.81 -10.53
N VAL A 304 4.72 -34.98 -10.39
CA VAL A 304 4.18 -35.83 -9.34
C VAL A 304 4.22 -37.28 -9.80
N MET A 305 5.28 -37.99 -9.42
CA MET A 305 5.41 -39.41 -9.66
C MET A 305 5.19 -40.16 -8.35
N ASP A 306 5.03 -41.48 -8.45
CA ASP A 306 4.88 -42.31 -7.27
C ASP A 306 6.26 -42.70 -6.75
N VAL A 307 6.71 -42.04 -5.69
CA VAL A 307 8.01 -42.33 -5.10
C VAL A 307 8.06 -43.73 -4.51
N LYS A 308 6.95 -44.20 -3.93
CA LYS A 308 6.88 -45.53 -3.34
C LYS A 308 5.50 -46.11 -3.56
N VAL A 309 5.40 -47.42 -3.37
CA VAL A 309 4.16 -48.18 -3.51
C VAL A 309 3.20 -47.78 -2.40
N PRO A 310 1.89 -48.02 -2.55
CA PRO A 310 0.96 -47.74 -1.45
C PRO A 310 1.29 -48.59 -0.23
N MET A 311 1.00 -48.04 0.95
CA MET A 311 1.48 -48.65 2.19
C MET A 311 0.51 -49.70 2.72
N ARG A 312 -0.79 -49.55 2.46
CA ARG A 312 -1.76 -50.53 2.90
C ARG A 312 -2.87 -50.71 1.88
N GLY A 313 -3.29 -51.96 1.68
CA GLY A 313 -4.42 -52.26 0.83
C GLY A 313 -5.72 -51.82 1.47
N PRO A 314 -6.67 -51.37 0.64
CA PRO A 314 -7.89 -50.77 1.18
C PRO A 314 -8.71 -51.76 2.02
N GLU A 315 -9.32 -51.23 3.07
CA GLU A 315 -10.22 -52.01 3.90
C GLU A 315 -11.53 -52.25 3.15
N PHE A 316 -12.00 -53.50 3.16
CA PHE A 316 -13.13 -53.90 2.33
C PHE A 316 -14.13 -54.68 3.15
N TRP A 317 -15.37 -54.71 2.66
CA TRP A 317 -16.43 -55.47 3.29
C TRP A 317 -17.31 -56.11 2.23
N ARG A 318 -18.06 -57.17 2.61
CA ARG A 318 -18.85 -57.93 1.67
C ARG A 318 -20.33 -57.60 1.86
N LYS A 319 -21.09 -57.70 0.77
CA LYS A 319 -22.54 -57.71 0.82
C LYS A 319 -23.05 -59.05 0.31
N MET A 320 -23.92 -59.68 1.10
CA MET A 320 -24.44 -61.01 0.79
C MET A 320 -25.78 -60.86 0.09
N ASP A 321 -25.80 -61.11 -1.22
CA ASP A 321 -27.04 -61.22 -1.99
C ASP A 321 -27.15 -62.63 -2.55
N GLY A 322 -28.28 -63.28 -2.27
CA GLY A 322 -28.47 -64.68 -2.61
C GLY A 322 -29.23 -65.38 -1.51
N ASP A 323 -30.12 -66.30 -1.89
CA ASP A 323 -30.96 -66.97 -0.90
C ASP A 323 -30.12 -67.86 0.00
N VAL A 324 -30.59 -68.05 1.24
CA VAL A 324 -29.90 -68.90 2.19
C VAL A 324 -29.85 -70.34 1.70
N THR A 325 -30.94 -70.82 1.08
CA THR A 325 -30.97 -72.18 0.57
C THR A 325 -29.98 -72.41 -0.57
N LYS A 326 -29.51 -71.34 -1.22
CA LYS A 326 -28.59 -71.48 -2.33
C LYS A 326 -27.15 -71.59 -1.84
N LYS A 327 -26.47 -72.66 -2.26
CA LYS A 327 -25.03 -72.76 -2.01
C LYS A 327 -24.26 -71.68 -2.73
N GLU A 328 -24.64 -71.36 -3.97
CA GLU A 328 -24.02 -70.28 -4.73
C GLU A 328 -24.65 -68.94 -4.33
N ARG A 329 -23.81 -68.04 -3.82
CA ARG A 329 -24.25 -66.72 -3.41
C ARG A 329 -23.26 -65.69 -3.90
N ASN A 330 -23.75 -64.72 -4.67
CA ASN A 330 -22.90 -63.63 -5.13
C ASN A 330 -22.40 -62.82 -3.94
N VAL A 331 -21.15 -62.37 -4.01
CA VAL A 331 -20.53 -61.59 -2.95
C VAL A 331 -20.07 -60.28 -3.58
N THR A 332 -20.45 -59.17 -2.97
CA THR A 332 -20.11 -57.83 -3.45
C THR A 332 -19.10 -57.22 -2.48
N LEU A 333 -17.89 -56.96 -2.97
CA LEU A 333 -16.84 -56.42 -2.12
C LEU A 333 -16.85 -54.90 -2.15
N LEU A 334 -16.94 -54.29 -0.97
CA LEU A 334 -17.03 -52.85 -0.86
C LEU A 334 -15.83 -52.31 -0.10
N TRP A 335 -14.97 -51.56 -0.79
CA TRP A 335 -13.87 -50.86 -0.15
C TRP A 335 -13.91 -49.40 -0.59
N LYS A 336 -12.90 -48.65 -0.14
CA LYS A 336 -12.89 -47.22 -0.43
C LYS A 336 -11.52 -46.79 -0.94
N PRO A 337 -11.45 -45.66 -1.65
CA PRO A 337 -10.14 -45.19 -2.14
C PRO A 337 -9.19 -44.89 -1.00
N LEU A 338 -7.91 -45.16 -1.24
CA LEU A 338 -6.89 -44.93 -0.23
C LEU A 338 -6.71 -43.43 0.01
N THR A 339 -6.52 -43.07 1.28
CA THR A 339 -6.23 -41.69 1.62
C THR A 339 -4.84 -41.31 1.14
N LYS A 340 -4.57 -40.00 1.12
CA LYS A 340 -3.26 -39.53 0.70
C LYS A 340 -2.16 -40.08 1.59
N ASN A 341 -2.51 -40.45 2.83
CA ASN A 341 -1.56 -41.17 3.66
C ASN A 341 -1.41 -42.63 3.20
N ASP A 342 -2.51 -43.24 2.75
CA ASP A 342 -2.44 -44.63 2.30
C ASP A 342 -2.11 -44.72 0.82
N SER A 343 -2.73 -43.86 -0.01
CA SER A 343 -2.40 -43.82 -1.43
C SER A 343 -1.02 -43.20 -1.68
N LEU A 344 -0.40 -42.64 -0.65
CA LEU A 344 0.85 -41.90 -0.77
C LEU A 344 0.64 -40.75 -1.74
N CYS A 345 0.92 -40.97 -3.02
CA CYS A 345 0.63 -40.00 -4.06
C CYS A 345 -0.62 -40.37 -4.85
N SER A 346 -0.79 -41.64 -5.18
CA SER A 346 -1.96 -42.10 -5.94
C SER A 346 -2.08 -43.61 -5.84
N VAL A 347 -3.29 -44.10 -6.14
CA VAL A 347 -3.55 -45.51 -6.37
C VAL A 347 -4.01 -45.62 -7.81
N ARG A 348 -3.29 -46.41 -8.61
CA ARG A 348 -3.55 -46.45 -10.05
C ARG A 348 -4.59 -47.48 -10.41
N ARG A 349 -4.66 -48.58 -9.67
CA ARG A 349 -5.58 -49.67 -9.99
C ARG A 349 -5.80 -50.53 -8.75
N TYR A 350 -6.95 -51.18 -8.71
CA TYR A 350 -7.28 -52.11 -7.65
C TYR A 350 -7.30 -53.54 -8.18
N VAL A 351 -6.47 -54.39 -7.59
CA VAL A 351 -6.37 -55.79 -7.97
C VAL A 351 -6.76 -56.62 -6.76
N VAL A 352 -7.83 -57.40 -6.88
CA VAL A 352 -8.38 -58.17 -5.78
C VAL A 352 -7.90 -59.61 -5.91
N LYS A 353 -7.14 -60.06 -4.92
CA LYS A 353 -6.59 -61.42 -4.92
C LYS A 353 -7.61 -62.36 -4.28
N HIS A 354 -7.63 -63.60 -4.76
CA HIS A 354 -8.53 -64.63 -4.23
C HIS A 354 -7.71 -65.84 -3.79
N ARG A 355 -8.29 -66.63 -2.89
CA ARG A 355 -7.64 -67.84 -2.40
C ARG A 355 -8.68 -68.92 -2.22
N THR A 356 -8.46 -70.08 -2.83
CA THR A 356 -9.36 -71.22 -2.71
C THR A 356 -8.53 -72.48 -2.52
N ALA A 357 -9.20 -73.53 -2.04
CA ALA A 357 -8.53 -74.82 -1.86
C ALA A 357 -8.33 -75.53 -3.19
N HIS A 358 -9.25 -75.35 -4.13
CA HIS A 358 -9.19 -76.06 -5.41
C HIS A 358 -8.60 -75.19 -6.52
N ASN A 359 -9.19 -74.02 -6.78
CA ASN A 359 -8.65 -73.11 -7.77
C ASN A 359 -7.42 -72.36 -7.29
N GLY A 360 -6.94 -72.65 -6.09
CA GLY A 360 -5.76 -71.98 -5.58
C GLY A 360 -6.00 -70.51 -5.39
N THR A 361 -5.12 -69.70 -5.98
CA THR A 361 -5.15 -68.25 -5.84
C THR A 361 -5.18 -67.61 -7.23
N TRP A 362 -5.88 -66.48 -7.34
CA TRP A 362 -5.87 -65.67 -8.55
C TRP A 362 -6.27 -64.25 -8.18
N SER A 363 -6.02 -63.32 -9.10
CA SER A 363 -6.28 -61.91 -8.84
C SER A 363 -7.07 -61.32 -10.00
N GLU A 364 -7.92 -60.34 -9.70
CA GLU A 364 -8.72 -59.64 -10.68
C GLU A 364 -8.45 -58.15 -10.58
N ASP A 365 -7.97 -57.56 -11.66
CA ASP A 365 -7.72 -56.12 -11.69
C ASP A 365 -9.05 -55.40 -11.84
N VAL A 366 -9.56 -54.85 -10.73
CA VAL A 366 -10.81 -54.12 -10.74
C VAL A 366 -10.64 -52.72 -11.32
N GLY A 367 -9.41 -52.26 -11.50
CA GLY A 367 -9.18 -50.92 -12.02
C GLY A 367 -9.35 -49.88 -10.93
N ASN A 368 -9.97 -48.76 -11.29
CA ASN A 368 -10.23 -47.69 -10.35
C ASN A 368 -11.47 -47.92 -9.49
N ARG A 369 -12.23 -48.96 -9.78
CA ARG A 369 -13.45 -49.23 -9.02
C ARG A 369 -13.11 -49.65 -7.59
N THR A 370 -13.96 -49.23 -6.66
CA THR A 370 -13.87 -49.67 -5.27
C THR A 370 -14.84 -50.79 -4.95
N ASN A 371 -15.40 -51.44 -5.98
CA ASN A 371 -16.35 -52.52 -5.79
C ASN A 371 -16.04 -53.65 -6.76
N LEU A 372 -16.17 -54.87 -6.26
CA LEU A 372 -16.04 -56.07 -7.09
C LEU A 372 -17.07 -57.09 -6.63
N THR A 373 -17.88 -57.57 -7.57
CA THR A 373 -18.94 -58.54 -7.28
C THR A 373 -18.56 -59.88 -7.88
N PHE A 374 -18.73 -60.95 -7.09
CA PHE A 374 -18.38 -62.30 -7.51
C PHE A 374 -19.26 -63.31 -6.79
N LEU A 375 -19.34 -64.50 -7.38
CA LEU A 375 -20.15 -65.59 -6.84
C LEU A 375 -19.33 -66.41 -5.85
N TRP A 376 -19.98 -66.89 -4.80
CA TRP A 376 -19.35 -67.77 -3.80
C TRP A 376 -19.93 -69.16 -3.95
N THR A 377 -19.06 -70.14 -4.20
CA THR A 377 -19.47 -71.54 -4.28
C THR A 377 -18.66 -72.47 -3.41
N GLU A 378 -17.36 -72.25 -3.27
CA GLU A 378 -16.49 -73.14 -2.49
C GLU A 378 -16.73 -72.96 -1.00
N PRO A 379 -16.62 -74.04 -0.23
CA PRO A 379 -16.73 -73.91 1.23
C PRO A 379 -15.67 -73.01 1.83
N ALA A 380 -14.46 -73.01 1.29
CA ALA A 380 -13.36 -72.19 1.81
C ALA A 380 -12.88 -71.25 0.73
N HIS A 381 -12.87 -69.95 1.02
CA HIS A 381 -12.45 -68.94 0.07
C HIS A 381 -11.90 -67.75 0.85
N THR A 382 -10.64 -67.39 0.57
CA THR A 382 -10.01 -66.24 1.19
C THR A 382 -9.76 -65.17 0.14
N VAL A 383 -10.01 -63.91 0.49
CA VAL A 383 -9.91 -62.80 -0.43
C VAL A 383 -9.02 -61.72 0.18
N THR A 384 -8.40 -60.93 -0.69
CA THR A 384 -7.48 -59.88 -0.27
C THR A 384 -7.35 -58.84 -1.38
N VAL A 385 -7.62 -57.58 -1.05
CA VAL A 385 -7.60 -56.49 -2.02
C VAL A 385 -6.24 -55.79 -1.96
N LEU A 386 -5.64 -55.58 -3.12
CA LEU A 386 -4.34 -54.94 -3.23
C LEU A 386 -4.47 -53.61 -3.99
N ALA A 387 -3.72 -52.61 -3.54
CA ALA A 387 -3.67 -51.32 -4.20
C ALA A 387 -2.34 -51.16 -4.92
N VAL A 388 -2.41 -50.99 -6.25
CA VAL A 388 -1.23 -50.98 -7.10
C VAL A 388 -1.05 -49.58 -7.68
N ASN A 389 0.14 -49.01 -7.47
CA ASN A 389 0.55 -47.79 -8.15
C ASN A 389 1.59 -48.17 -9.21
N SER A 390 2.22 -47.14 -9.80
CA SER A 390 3.20 -47.37 -10.84
C SER A 390 4.34 -48.28 -10.39
N LEU A 391 4.72 -48.24 -9.11
CA LEU A 391 5.82 -49.05 -8.63
C LEU A 391 5.41 -50.45 -8.18
N GLY A 392 4.12 -50.70 -8.00
CA GLY A 392 3.66 -52.02 -7.63
C GLY A 392 2.52 -51.94 -6.64
N ALA A 393 2.20 -53.09 -6.05
CA ALA A 393 1.07 -53.25 -5.16
C ALA A 393 1.39 -52.75 -3.75
N SER A 394 0.37 -52.70 -2.91
CA SER A 394 0.53 -52.27 -1.53
C SER A 394 1.10 -53.40 -0.68
N LEU A 395 1.70 -53.04 0.45
CA LEU A 395 2.37 -54.03 1.29
C LEU A 395 1.39 -54.75 2.19
N VAL A 396 0.74 -54.02 3.09
CA VAL A 396 -0.11 -54.61 4.13
C VAL A 396 -1.54 -54.61 3.61
N ASN A 397 -2.11 -55.80 3.48
CA ASN A 397 -3.42 -55.96 2.86
C ASN A 397 -4.30 -56.84 3.73
N PHE A 398 -5.57 -56.46 3.82
CA PHE A 398 -6.52 -57.19 4.64
C PHE A 398 -6.96 -58.48 3.96
N ASN A 399 -7.06 -59.54 4.75
CA ASN A 399 -7.55 -60.83 4.28
C ASN A 399 -8.94 -61.09 4.84
N LEU A 400 -9.70 -61.94 4.15
CA LEU A 400 -11.05 -62.29 4.56
C LEU A 400 -11.37 -63.67 4.03
N THR A 401 -11.60 -64.62 4.94
CA THR A 401 -11.87 -66.01 4.58
C THR A 401 -13.36 -66.28 4.75
N PHE A 402 -13.94 -67.05 3.82
CA PHE A 402 -15.35 -67.42 3.88
C PHE A 402 -15.44 -68.93 4.09
N SER A 403 -16.28 -69.34 5.06
CA SER A 403 -16.39 -70.75 5.41
C SER A 403 -17.85 -71.10 5.67
N TRP A 404 -18.35 -72.13 4.98
CA TRP A 404 -19.68 -72.65 5.32
C TRP A 404 -19.76 -73.20 6.74
N PRO A 405 -18.86 -74.10 7.19
CA PRO A 405 -18.99 -74.59 8.57
C PRO A 405 -18.87 -73.50 9.63
N MET A 406 -18.01 -72.51 9.39
CA MET A 406 -17.75 -71.51 10.43
C MET A 406 -18.88 -70.51 10.54
N SER A 407 -19.63 -70.30 9.46
CA SER A 407 -20.76 -69.38 9.47
C SER A 407 -21.84 -69.80 10.46
N LYS A 408 -21.96 -71.10 10.75
CA LYS A 408 -22.94 -71.59 11.71
C LYS A 408 -22.54 -71.34 13.16
N VAL A 409 -21.29 -70.92 13.40
CA VAL A 409 -20.83 -70.68 14.75
C VAL A 409 -21.37 -69.35 15.24
N SER A 410 -22.03 -69.36 16.39
CA SER A 410 -22.61 -68.17 17.01
C SER A 410 -21.71 -67.77 18.17
N ALA A 411 -21.01 -66.63 18.03
CA ALA A 411 -20.08 -66.16 19.04
C ALA A 411 -20.60 -64.98 19.84
N VAL A 412 -21.63 -64.29 19.38
CA VAL A 412 -22.18 -63.12 20.05
C VAL A 412 -23.34 -63.59 20.92
N GLU A 413 -23.31 -63.23 22.20
CA GLU A 413 -24.35 -63.67 23.13
C GLU A 413 -25.51 -62.69 23.20
N SER A 414 -25.23 -61.44 23.56
CA SER A 414 -26.25 -60.41 23.70
C SER A 414 -25.88 -59.20 22.87
N LEU A 415 -26.87 -58.36 22.59
CA LEU A 415 -26.66 -57.13 21.82
C LEU A 415 -27.71 -56.12 22.24
N SER A 416 -27.29 -54.86 22.36
CA SER A 416 -28.18 -53.79 22.80
C SER A 416 -27.77 -52.47 22.16
N ALA A 417 -28.76 -51.70 21.74
CA ALA A 417 -28.56 -50.41 21.09
C ALA A 417 -29.20 -49.32 21.93
N TYR A 418 -28.46 -48.24 22.19
CA TYR A 418 -28.95 -47.12 22.96
C TYR A 418 -28.66 -45.82 22.23
N PRO A 419 -29.67 -45.10 21.74
CA PRO A 419 -29.41 -43.85 21.01
C PRO A 419 -29.11 -42.70 21.96
N LEU A 420 -27.84 -42.27 21.98
CA LEU A 420 -27.49 -41.08 22.74
C LEU A 420 -28.21 -39.84 22.24
N SER A 421 -28.27 -39.67 20.92
CA SER A 421 -28.95 -38.55 20.30
C SER A 421 -29.17 -38.89 18.83
N SER A 422 -29.56 -37.88 18.06
CA SER A 422 -29.58 -38.03 16.61
C SER A 422 -28.19 -38.13 16.01
N SER A 423 -27.15 -37.86 16.80
CA SER A 423 -25.78 -37.89 16.32
C SER A 423 -24.96 -39.04 16.88
N CYS A 424 -25.44 -39.75 17.89
CA CYS A 424 -24.67 -40.85 18.47
C CYS A 424 -25.61 -41.92 19.02
N VAL A 425 -25.17 -43.17 18.96
CA VAL A 425 -25.91 -44.31 19.49
C VAL A 425 -24.93 -45.22 20.23
N ILE A 426 -25.30 -45.66 21.43
CA ILE A 426 -24.50 -46.58 22.21
C ILE A 426 -24.81 -48.00 21.78
N LEU A 427 -23.77 -48.82 21.62
CA LEU A 427 -23.91 -50.24 21.35
C LEU A 427 -23.39 -51.05 22.52
N SER A 428 -24.22 -51.95 23.03
CA SER A 428 -23.85 -52.82 24.14
C SER A 428 -23.95 -54.27 23.70
N TRP A 429 -22.93 -55.06 24.04
CA TRP A 429 -22.96 -56.48 23.78
C TRP A 429 -22.11 -57.22 24.80
N THR A 430 -22.45 -58.50 24.99
CA THR A 430 -21.68 -59.42 25.81
C THR A 430 -21.29 -60.62 24.97
N LEU A 431 -20.04 -61.05 25.10
CA LEU A 431 -19.50 -62.14 24.30
C LEU A 431 -19.74 -63.48 24.97
N SER A 432 -19.79 -64.53 24.16
CA SER A 432 -19.85 -65.88 24.69
C SER A 432 -18.53 -66.21 25.39
N PRO A 433 -18.55 -66.93 26.51
CA PRO A 433 -17.31 -67.24 27.23
C PRO A 433 -16.38 -68.20 26.50
N ASP A 434 -16.78 -68.70 25.33
CA ASP A 434 -15.92 -69.61 24.58
C ASP A 434 -14.64 -68.91 24.15
N ASP A 435 -13.55 -69.67 24.08
CA ASP A 435 -12.24 -69.14 23.69
C ASP A 435 -12.16 -68.99 22.17
N TYR A 436 -13.00 -68.12 21.64
CA TYR A 436 -13.02 -67.84 20.21
C TYR A 436 -11.85 -66.93 19.84
N SER A 437 -11.15 -67.28 18.76
CA SER A 437 -10.04 -66.47 18.28
C SER A 437 -10.55 -65.25 17.52
N LEU A 438 -11.26 -64.37 18.23
CA LEU A 438 -11.83 -63.19 17.60
C LEU A 438 -10.73 -62.22 17.17
N LEU A 439 -10.53 -62.09 15.86
CA LEU A 439 -9.68 -61.02 15.35
C LEU A 439 -10.26 -59.65 15.68
N TYR A 440 -11.53 -59.47 15.34
CA TYR A 440 -12.20 -58.18 15.51
C TYR A 440 -13.70 -58.38 15.35
N LEU A 441 -14.43 -57.28 15.40
CA LEU A 441 -15.88 -57.28 15.24
C LEU A 441 -16.27 -56.23 14.22
N VAL A 442 -17.34 -56.51 13.48
CA VAL A 442 -17.84 -55.61 12.45
C VAL A 442 -19.24 -55.18 12.83
N ILE A 443 -19.39 -53.89 13.12
CA ILE A 443 -20.72 -53.30 13.31
C ILE A 443 -21.28 -52.95 11.94
N GLU A 444 -22.38 -53.61 11.59
CA GLU A 444 -23.01 -53.42 10.29
C GLU A 444 -24.44 -52.95 10.51
N TRP A 445 -24.77 -51.77 10.00
CA TRP A 445 -26.05 -51.15 10.29
C TRP A 445 -26.62 -50.47 9.05
N LYS A 446 -27.96 -50.39 9.03
CA LYS A 446 -28.66 -49.70 7.96
C LYS A 446 -30.07 -49.37 8.44
N ILE A 447 -30.73 -48.48 7.71
CA ILE A 447 -32.14 -48.20 7.96
C ILE A 447 -32.96 -49.36 7.45
N LEU A 448 -33.89 -49.84 8.28
CA LEU A 448 -34.74 -50.96 7.89
C LEU A 448 -35.61 -50.56 6.70
N ASN A 449 -35.88 -51.53 5.83
CA ASN A 449 -36.61 -51.41 4.57
C ASN A 449 -35.82 -50.62 3.53
N GLU A 450 -34.62 -50.13 3.86
CA GLU A 450 -33.76 -49.44 2.92
C GLU A 450 -32.63 -50.38 2.51
N ASP A 451 -32.55 -50.68 1.22
CA ASP A 451 -31.52 -51.58 0.71
C ASP A 451 -30.27 -50.87 0.23
N ASP A 452 -30.22 -49.54 0.29
CA ASP A 452 -29.07 -48.79 -0.22
C ASP A 452 -28.54 -47.77 0.78
N GLY A 453 -29.16 -47.64 1.95
CA GLY A 453 -28.62 -46.82 3.00
C GLY A 453 -27.70 -47.64 3.89
N MET A 454 -26.80 -48.38 3.25
CA MET A 454 -26.09 -49.45 3.92
C MET A 454 -24.78 -48.92 4.51
N LYS A 455 -24.47 -49.31 5.74
CA LYS A 455 -23.24 -48.89 6.41
C LYS A 455 -22.67 -50.04 7.24
N TRP A 456 -21.37 -49.97 7.49
CA TRP A 456 -20.68 -51.00 8.27
C TRP A 456 -19.37 -50.42 8.80
N LEU A 457 -18.83 -51.08 9.82
CA LEU A 457 -17.60 -50.62 10.46
C LEU A 457 -16.95 -51.77 11.22
N ARG A 458 -15.65 -51.94 11.00
CA ARG A 458 -14.86 -52.90 11.76
C ARG A 458 -14.42 -52.30 13.09
N ILE A 459 -14.52 -53.07 14.16
CA ILE A 459 -14.00 -52.66 15.46
C ILE A 459 -13.17 -53.80 16.04
N PRO A 460 -12.15 -53.52 16.85
CA PRO A 460 -11.35 -54.62 17.42
C PRO A 460 -12.18 -55.49 18.35
N SER A 461 -11.76 -56.76 18.45
CA SER A 461 -12.50 -57.73 19.24
C SER A 461 -12.44 -57.42 20.74
N ASN A 462 -11.44 -56.67 21.18
CA ASN A 462 -11.32 -56.33 22.60
C ASN A 462 -12.33 -55.28 23.05
N VAL A 463 -12.92 -54.53 22.13
CA VAL A 463 -13.89 -53.51 22.48
C VAL A 463 -15.18 -54.18 22.90
N LYS A 464 -15.76 -53.71 24.02
CA LYS A 464 -17.05 -54.18 24.48
C LYS A 464 -18.15 -53.14 24.35
N LYS A 465 -17.82 -51.86 24.51
CA LYS A 465 -18.77 -50.77 24.36
C LYS A 465 -18.30 -49.90 23.22
N PHE A 466 -19.19 -49.60 22.28
CA PHE A 466 -18.83 -48.77 21.14
C PHE A 466 -19.88 -47.69 20.89
N TYR A 467 -19.43 -46.57 20.33
CA TYR A 467 -20.28 -45.42 20.03
C TYR A 467 -20.22 -45.17 18.54
N ILE A 468 -21.38 -45.07 17.89
CA ILE A 468 -21.45 -44.77 16.46
C ILE A 468 -21.94 -43.33 16.28
N HIS A 469 -21.21 -42.55 15.50
CA HIS A 469 -21.53 -41.15 15.26
C HIS A 469 -22.06 -40.98 13.84
N ASP A 470 -23.36 -40.75 13.73
CA ASP A 470 -24.00 -40.58 12.43
C ASP A 470 -25.31 -39.84 12.63
N ASN A 471 -25.89 -39.37 11.53
CA ASN A 471 -27.18 -38.69 11.58
C ASN A 471 -28.27 -39.75 11.73
N PHE A 472 -28.72 -39.97 12.95
CA PHE A 472 -29.74 -40.96 13.26
C PHE A 472 -31.10 -40.27 13.30
N ILE A 473 -32.04 -40.77 12.50
CA ILE A 473 -33.40 -40.26 12.47
C ILE A 473 -34.26 -41.16 13.36
N PRO A 474 -34.78 -40.67 14.49
CA PRO A 474 -35.54 -41.54 15.39
C PRO A 474 -36.77 -42.17 14.76
N ILE A 475 -37.42 -41.48 13.80
CA ILE A 475 -38.59 -42.06 13.15
C ILE A 475 -38.22 -43.31 12.36
N GLU A 476 -37.12 -43.28 11.62
CA GLU A 476 -36.68 -44.43 10.85
C GLU A 476 -36.25 -45.57 11.77
N LYS A 477 -36.47 -46.79 11.31
CA LYS A 477 -36.09 -48.00 12.04
C LYS A 477 -34.74 -48.46 11.52
N TYR A 478 -33.78 -48.66 12.43
CA TYR A 478 -32.44 -49.05 12.07
C TYR A 478 -32.19 -50.52 12.42
N GLN A 479 -31.62 -51.26 11.48
CA GLN A 479 -31.22 -52.64 11.70
C GLN A 479 -29.74 -52.67 12.03
N PHE A 480 -29.40 -53.30 13.16
CA PHE A 480 -28.02 -53.36 13.65
C PHE A 480 -27.57 -54.81 13.65
N SER A 481 -26.37 -55.04 13.11
CA SER A 481 -25.81 -56.38 13.01
C SER A 481 -24.32 -56.35 13.34
N LEU A 482 -23.92 -57.19 14.29
CA LEU A 482 -22.53 -57.30 14.72
C LEU A 482 -22.01 -58.67 14.31
N TYR A 483 -20.80 -58.71 13.74
CA TYR A 483 -20.27 -59.93 13.14
C TYR A 483 -18.99 -60.36 13.83
N PRO A 484 -18.94 -61.56 14.39
CA PRO A 484 -17.67 -62.06 14.94
C PRO A 484 -16.77 -62.61 13.83
N VAL A 485 -15.48 -62.31 13.95
CA VAL A 485 -14.50 -62.59 12.90
C VAL A 485 -13.39 -63.47 13.47
N PHE A 486 -12.94 -64.44 12.67
CA PHE A 486 -11.94 -65.42 13.08
C PHE A 486 -10.99 -65.73 11.93
N MET A 487 -10.10 -66.68 12.18
CA MET A 487 -9.30 -67.26 11.09
C MET A 487 -10.18 -67.87 10.01
N GLU A 488 -11.12 -68.72 10.42
CA GLU A 488 -11.85 -69.56 9.48
C GLU A 488 -12.89 -68.79 8.67
N GLY A 489 -13.44 -67.73 9.22
CA GLY A 489 -14.48 -66.97 8.56
C GLY A 489 -15.28 -66.22 9.59
N VAL A 490 -16.43 -65.70 9.16
CA VAL A 490 -17.30 -64.93 10.03
C VAL A 490 -18.21 -65.88 10.81
N GLY A 491 -18.41 -65.58 12.09
CA GLY A 491 -19.37 -66.29 12.89
C GLY A 491 -20.77 -65.78 12.63
N LYS A 492 -21.75 -66.43 13.27
CA LYS A 492 -23.13 -66.04 13.08
C LYS A 492 -23.36 -64.66 13.70
N PRO A 493 -23.86 -63.69 12.94
CA PRO A 493 -24.01 -62.34 13.47
C PRO A 493 -25.20 -62.23 14.41
N LYS A 494 -25.14 -61.22 15.27
CA LYS A 494 -26.27 -60.87 16.12
C LYS A 494 -26.96 -59.64 15.52
N ILE A 495 -28.26 -59.77 15.25
CA ILE A 495 -29.01 -58.74 14.56
C ILE A 495 -30.21 -58.34 15.40
N ILE A 496 -30.38 -57.03 15.59
CA ILE A 496 -31.54 -56.48 16.28
C ILE A 496 -32.11 -55.35 15.44
N ASN A 497 -33.38 -55.05 15.64
CA ASN A 497 -34.07 -53.98 14.92
C ASN A 497 -34.57 -52.97 15.93
N GLY A 498 -34.17 -51.71 15.77
CA GLY A 498 -34.53 -50.66 16.70
C GLY A 498 -33.64 -50.66 17.93
N PHE A 499 -33.94 -49.71 18.82
CA PHE A 499 -33.17 -49.56 20.05
C PHE A 499 -33.80 -50.36 21.19
N THR B 1 -36.67 33.86 -59.43
CA THR B 1 -37.33 33.23 -58.29
C THR B 1 -37.58 31.75 -58.55
N GLN B 2 -38.35 31.13 -57.65
CA GLN B 2 -38.73 29.73 -57.78
C GLN B 2 -40.24 29.63 -57.56
N ASP B 3 -40.81 28.49 -57.94
CA ASP B 3 -42.24 28.28 -57.77
C ASP B 3 -42.68 28.49 -56.32
N VAL B 4 -41.85 28.11 -55.36
CA VAL B 4 -42.11 28.33 -53.95
C VAL B 4 -40.96 29.17 -53.40
N VAL B 5 -41.30 30.30 -52.78
CA VAL B 5 -40.30 31.23 -52.25
C VAL B 5 -40.55 31.38 -50.75
N TYR B 6 -39.58 30.94 -49.94
CA TYR B 6 -39.61 31.14 -48.49
C TYR B 6 -38.75 32.34 -48.15
N PHE B 7 -39.38 33.40 -47.64
CA PHE B 7 -38.62 34.55 -47.18
C PHE B 7 -39.02 34.92 -45.76
N PRO B 8 -38.09 34.85 -44.80
CA PRO B 8 -36.70 34.38 -44.95
C PRO B 8 -36.64 32.87 -45.09
N PRO B 9 -35.70 32.35 -45.89
CA PRO B 9 -35.66 30.89 -46.12
C PRO B 9 -35.33 30.06 -44.90
N LYS B 10 -34.22 30.35 -44.22
CA LYS B 10 -33.78 29.55 -43.09
C LYS B 10 -33.82 30.43 -41.84
N ILE B 11 -34.32 29.88 -40.74
CA ILE B 11 -34.47 30.63 -39.49
C ILE B 11 -33.88 29.83 -38.35
N LEU B 12 -33.03 30.47 -37.55
CA LEU B 12 -32.52 29.93 -36.30
C LEU B 12 -33.15 30.68 -35.14
N THR B 13 -33.73 29.93 -34.21
CA THR B 13 -34.38 30.54 -33.06
C THR B 13 -34.14 29.68 -31.83
N SER B 14 -34.58 30.18 -30.68
CA SER B 14 -34.43 29.49 -29.41
C SER B 14 -35.75 28.87 -28.98
N VAL B 15 -35.68 28.07 -27.90
CA VAL B 15 -36.89 27.48 -27.35
C VAL B 15 -37.78 28.56 -26.76
N GLY B 16 -39.08 28.38 -26.92
CA GLY B 16 -40.06 29.35 -26.46
C GLY B 16 -40.17 30.62 -27.27
N SER B 17 -39.23 30.86 -28.18
CA SER B 17 -39.27 32.05 -29.00
C SER B 17 -40.29 31.91 -30.11
N ASN B 18 -40.66 33.04 -30.71
CA ASN B 18 -41.64 33.09 -31.78
C ASN B 18 -40.96 33.42 -33.10
N ALA B 19 -41.26 32.62 -34.12
CA ALA B 19 -40.69 32.79 -35.45
C ALA B 19 -41.81 32.67 -36.48
N SER B 20 -41.59 33.27 -37.65
CA SER B 20 -42.59 33.29 -38.72
C SER B 20 -41.91 33.22 -40.08
N PHE B 21 -42.55 32.51 -41.00
CA PHE B 21 -42.10 32.40 -42.38
C PHE B 21 -43.14 33.00 -43.32
N HIS B 22 -42.75 33.15 -44.59
CA HIS B 22 -43.65 33.57 -45.65
C HIS B 22 -43.38 32.75 -46.90
N CYS B 23 -44.44 32.37 -47.60
CA CYS B 23 -44.32 31.59 -48.83
C CYS B 23 -45.08 32.24 -49.96
N ILE B 24 -44.60 32.02 -51.18
CA ILE B 24 -45.31 32.34 -52.41
C ILE B 24 -45.31 31.09 -53.28
N TYR B 25 -46.45 30.39 -53.28
CA TYR B 25 -46.56 29.09 -53.95
C TYR B 25 -47.08 29.29 -55.36
N LYS B 26 -46.29 28.84 -56.34
CA LYS B 26 -46.69 28.85 -57.74
C LYS B 26 -46.84 27.42 -58.22
N ASN B 27 -48.04 27.06 -58.68
CA ASN B 27 -48.33 25.74 -59.20
C ASN B 27 -48.40 25.83 -60.72
N GLU B 28 -47.52 25.10 -61.40
CA GLU B 28 -47.40 25.16 -62.85
C GLU B 28 -47.16 26.59 -63.32
N ASN B 29 -48.14 27.16 -64.02
CA ASN B 29 -48.04 28.53 -64.52
C ASN B 29 -48.90 29.51 -63.73
N GLN B 30 -49.56 29.06 -62.67
CA GLN B 30 -50.46 29.89 -61.88
C GLN B 30 -49.95 29.97 -60.45
N ILE B 31 -49.99 31.17 -59.87
CA ILE B 31 -49.64 31.36 -58.47
C ILE B 31 -50.85 31.01 -57.62
N ILE B 32 -50.71 29.99 -56.79
CA ILE B 32 -51.81 29.55 -55.94
C ILE B 32 -52.20 30.67 -54.97
N SER B 33 -53.51 30.90 -54.84
CA SER B 33 -54.00 31.90 -53.91
C SER B 33 -53.60 31.53 -52.48
N SER B 34 -53.31 32.57 -51.68
CA SER B 34 -52.87 32.34 -50.30
C SER B 34 -53.91 31.63 -49.46
N LYS B 35 -55.18 31.63 -49.88
CA LYS B 35 -56.22 30.95 -49.12
C LYS B 35 -56.26 29.46 -49.41
N GLN B 36 -55.59 29.00 -50.46
CA GLN B 36 -55.53 27.58 -50.80
C GLN B 36 -54.26 26.90 -50.31
N ILE B 37 -53.44 27.58 -49.52
CA ILE B 37 -52.12 27.08 -49.18
C ILE B 37 -52.14 26.54 -47.76
N VAL B 38 -51.61 25.33 -47.57
CA VAL B 38 -51.52 24.68 -46.27
C VAL B 38 -50.04 24.47 -45.95
N TRP B 39 -49.68 24.60 -44.67
CA TRP B 39 -48.32 24.34 -44.24
C TRP B 39 -48.21 22.93 -43.65
N TRP B 40 -47.04 22.33 -43.80
CA TRP B 40 -46.74 21.01 -43.26
C TRP B 40 -45.33 21.01 -42.70
N ARG B 41 -45.17 20.45 -41.50
CA ARG B 41 -43.87 20.34 -40.86
C ARG B 41 -43.33 18.93 -41.04
N ASN B 42 -42.21 18.82 -41.76
CA ASN B 42 -41.58 17.53 -42.06
C ASN B 42 -42.54 16.60 -42.80
N LEU B 43 -43.55 17.20 -43.47
CA LEU B 43 -44.54 16.47 -44.25
C LEU B 43 -45.29 15.45 -43.39
N ALA B 44 -45.24 15.61 -42.06
CA ALA B 44 -45.91 14.69 -41.15
C ALA B 44 -46.92 15.36 -40.23
N GLU B 45 -46.96 16.70 -40.19
CA GLU B 45 -47.86 17.43 -39.31
C GLU B 45 -48.36 18.66 -40.03
N LYS B 46 -49.65 18.67 -40.38
CA LYS B 46 -50.25 19.86 -40.98
C LYS B 46 -50.44 20.94 -39.92
N ILE B 47 -50.01 22.15 -40.23
CA ILE B 47 -50.14 23.25 -39.28
C ILE B 47 -51.57 23.78 -39.32
N PRO B 48 -52.22 23.98 -38.18
CA PRO B 48 -53.64 24.34 -38.17
C PRO B 48 -53.90 25.71 -38.81
N GLU B 49 -55.13 25.90 -39.27
CA GLU B 49 -55.50 27.12 -39.97
C GLU B 49 -55.48 28.35 -39.08
N ILE B 50 -55.77 28.20 -37.78
CA ILE B 50 -55.83 29.34 -36.89
C ILE B 50 -54.52 30.13 -36.89
N GLN B 51 -53.39 29.44 -37.00
CA GLN B 51 -52.10 30.10 -37.09
C GLN B 51 -51.85 30.74 -38.46
N TYR B 52 -52.69 30.46 -39.46
CA TYR B 52 -52.51 31.05 -40.78
C TYR B 52 -52.82 32.54 -40.72
N SER B 53 -51.96 33.33 -41.35
CA SER B 53 -52.19 34.75 -41.51
C SER B 53 -51.92 35.15 -42.95
N ILE B 54 -52.68 36.12 -43.44
CA ILE B 54 -52.61 36.54 -44.84
C ILE B 54 -51.99 37.93 -44.91
N VAL B 55 -50.79 38.00 -45.49
CA VAL B 55 -50.16 39.29 -45.75
C VAL B 55 -50.76 39.95 -46.99
N SER B 56 -50.92 39.18 -48.06
CA SER B 56 -51.54 39.67 -49.29
C SER B 56 -52.21 38.49 -49.99
N ASP B 57 -52.81 38.78 -51.14
CA ASP B 57 -53.48 37.73 -51.91
C ASP B 57 -52.53 36.66 -52.41
N ARG B 58 -51.22 36.95 -52.44
CA ARG B 58 -50.23 35.95 -52.82
C ARG B 58 -49.24 35.61 -51.72
N VAL B 59 -49.20 36.39 -50.64
CA VAL B 59 -48.28 36.17 -49.52
C VAL B 59 -49.09 35.77 -48.30
N SER B 60 -48.91 34.53 -47.85
CA SER B 60 -49.52 34.04 -46.63
C SER B 60 -48.44 33.84 -45.59
N LYS B 61 -48.79 34.03 -44.32
CA LYS B 61 -47.83 34.02 -43.23
C LYS B 61 -48.31 33.11 -42.11
N VAL B 62 -47.37 32.37 -41.52
CA VAL B 62 -47.63 31.57 -40.33
C VAL B 62 -46.57 31.93 -39.29
N THR B 63 -47.02 32.20 -38.06
CA THR B 63 -46.15 32.68 -37.00
C THR B 63 -46.10 31.64 -35.89
N PHE B 64 -45.05 30.83 -35.88
CA PHE B 64 -44.80 29.89 -34.79
C PHE B 64 -44.57 30.66 -33.50
N SER B 65 -45.17 30.20 -32.42
CA SER B 65 -44.95 30.74 -31.09
C SER B 65 -44.38 29.65 -30.21
N ASN B 66 -43.90 30.06 -29.03
CA ASN B 66 -43.42 29.17 -27.95
C ASN B 66 -42.76 27.90 -28.49
N LEU B 67 -41.83 28.13 -29.41
CA LEU B 67 -41.24 27.03 -30.17
C LEU B 67 -40.44 26.10 -29.26
N LYS B 68 -40.51 24.81 -29.56
CA LYS B 68 -39.79 23.79 -28.81
C LYS B 68 -38.54 23.36 -29.58
N ALA B 69 -37.56 22.86 -28.84
CA ALA B 69 -36.28 22.48 -29.43
C ALA B 69 -36.48 21.43 -30.51
N THR B 70 -35.78 21.61 -31.63
CA THR B 70 -35.90 20.70 -32.75
C THR B 70 -35.27 19.35 -32.40
N ARG B 71 -36.05 18.29 -32.53
CA ARG B 71 -35.55 16.94 -32.32
C ARG B 71 -34.84 16.46 -33.58
N PRO B 72 -33.57 16.07 -33.51
CA PRO B 72 -32.88 15.54 -34.69
C PRO B 72 -33.61 14.34 -35.26
N ARG B 73 -33.70 14.29 -36.59
CA ARG B 73 -34.44 13.25 -37.30
C ARG B 73 -33.47 12.59 -38.29
N GLY B 74 -32.78 11.57 -37.81
CA GLY B 74 -31.78 10.90 -38.63
C GLY B 74 -30.63 11.82 -38.96
N LYS B 75 -30.53 12.23 -40.23
CA LYS B 75 -29.53 13.20 -40.64
C LYS B 75 -30.04 14.63 -40.61
N PHE B 76 -31.28 14.85 -40.18
CA PHE B 76 -31.88 16.18 -40.17
C PHE B 76 -31.87 16.73 -38.76
N THR B 77 -31.18 17.86 -38.57
CA THR B 77 -31.15 18.56 -37.29
C THR B 77 -32.17 19.69 -37.25
N TYR B 78 -33.02 19.80 -38.26
CA TYR B 78 -33.98 20.88 -38.36
C TYR B 78 -35.38 20.29 -38.56
N ASP B 79 -36.38 21.13 -38.31
CA ASP B 79 -37.75 20.80 -38.66
C ASP B 79 -38.10 21.48 -39.98
N ALA B 80 -38.37 20.66 -41.00
CA ALA B 80 -38.65 21.17 -42.34
C ALA B 80 -40.13 21.51 -42.44
N VAL B 81 -40.42 22.79 -42.68
CA VAL B 81 -41.80 23.25 -42.85
C VAL B 81 -42.04 23.48 -44.34
N TYR B 82 -43.17 22.99 -44.83
CA TYR B 82 -43.44 22.91 -46.26
C TYR B 82 -44.61 23.80 -46.64
N CYS B 83 -44.43 24.55 -47.73
CA CYS B 83 -45.49 25.34 -48.31
C CYS B 83 -46.26 24.46 -49.29
N CYS B 84 -47.51 24.16 -48.97
CA CYS B 84 -48.29 23.16 -49.69
C CYS B 84 -49.59 23.77 -50.18
N ASN B 85 -49.88 23.54 -51.46
CA ASN B 85 -51.18 23.89 -52.04
C ASN B 85 -52.15 22.78 -51.66
N GLU B 86 -52.99 23.05 -50.64
CA GLU B 86 -53.89 22.06 -50.08
C GLU B 86 -53.09 20.83 -49.66
N GLN B 87 -53.04 19.81 -50.52
CA GLN B 87 -52.19 18.66 -50.32
C GLN B 87 -50.94 18.66 -51.20
N ALA B 88 -50.87 19.54 -52.19
CA ALA B 88 -49.76 19.57 -53.14
C ALA B 88 -48.56 20.22 -52.45
N CYS B 89 -47.69 19.39 -51.87
CA CYS B 89 -46.49 19.87 -51.20
C CYS B 89 -45.31 19.86 -52.17
N HIS B 90 -44.69 21.02 -52.36
CA HIS B 90 -43.52 21.12 -53.21
C HIS B 90 -42.30 20.57 -52.48
N HIS B 91 -41.33 20.09 -53.26
CA HIS B 91 -40.21 19.34 -52.69
C HIS B 91 -39.25 20.20 -51.88
N ARG B 92 -39.36 21.53 -51.92
CA ARG B 92 -38.52 22.40 -51.13
C ARG B 92 -39.24 22.76 -49.84
N TYR B 93 -38.49 23.29 -48.88
CA TYR B 93 -39.02 23.58 -47.56
C TYR B 93 -38.17 24.67 -46.90
N ALA B 94 -38.70 25.22 -45.81
CA ALA B 94 -37.94 26.11 -44.96
C ALA B 94 -37.47 25.33 -43.73
N GLU B 95 -36.25 25.65 -43.29
CA GLU B 95 -35.60 24.94 -42.19
C GLU B 95 -35.65 25.80 -40.94
N LEU B 96 -36.16 25.23 -39.85
CA LEU B 96 -36.25 25.92 -38.57
C LEU B 96 -35.31 25.21 -37.60
N TYR B 97 -34.44 25.97 -36.96
CA TYR B 97 -33.47 25.44 -35.99
C TYR B 97 -33.82 26.02 -34.62
N VAL B 98 -34.23 25.16 -33.69
CA VAL B 98 -34.58 25.58 -32.34
C VAL B 98 -33.64 24.85 -31.38
N ILE B 99 -32.94 25.62 -30.56
CA ILE B 99 -32.01 25.08 -29.57
C ILE B 99 -32.40 25.60 -28.19
N ASP B 100 -32.06 24.85 -27.15
CA ASP B 100 -32.33 25.26 -25.78
C ASP B 100 -31.20 26.13 -25.27
N VAL B 101 -31.47 27.43 -25.09
CA VAL B 101 -30.48 28.34 -24.53
C VAL B 101 -30.29 28.12 -23.03
N ASN B 102 -31.16 27.35 -22.38
CA ASN B 102 -31.04 27.12 -20.95
C ASN B 102 -29.89 26.16 -20.69
N ILE B 103 -28.68 26.70 -20.59
CA ILE B 103 -27.48 25.94 -20.26
C ILE B 103 -27.10 26.37 -18.85
N ASN B 104 -27.21 25.44 -17.90
CA ASN B 104 -26.85 25.75 -16.52
C ASN B 104 -25.35 26.02 -16.42
N ILE B 105 -25.00 27.02 -15.62
CA ILE B 105 -23.62 27.43 -15.43
C ILE B 105 -23.21 27.05 -14.02
N SER B 106 -22.27 26.11 -13.91
CA SER B 106 -21.74 25.67 -12.63
C SER B 106 -20.36 26.26 -12.43
N CYS B 107 -20.16 26.89 -11.27
CA CYS B 107 -18.92 27.60 -10.97
C CYS B 107 -18.37 27.13 -9.63
N GLU B 108 -17.07 27.29 -9.45
CA GLU B 108 -16.38 26.83 -8.25
C GLU B 108 -15.21 27.75 -7.96
N THR B 109 -14.95 27.98 -6.67
CA THR B 109 -13.78 28.72 -6.22
C THR B 109 -13.03 27.90 -5.19
N ASP B 110 -11.72 27.80 -5.37
CA ASP B 110 -10.90 26.97 -4.50
C ASP B 110 -10.81 27.58 -3.10
N GLY B 111 -10.44 26.72 -2.14
CA GLY B 111 -10.26 27.17 -0.78
C GLY B 111 -9.08 28.10 -0.57
N TYR B 112 -8.19 28.19 -1.55
CA TYR B 112 -7.07 29.13 -1.51
C TYR B 112 -7.45 30.52 -2.00
N LEU B 113 -8.66 30.70 -2.52
CA LEU B 113 -9.16 32.00 -2.97
C LEU B 113 -8.26 32.59 -4.05
N THR B 114 -7.70 31.73 -4.89
CA THR B 114 -6.79 32.16 -5.94
C THR B 114 -7.15 31.59 -7.31
N LYS B 115 -8.17 30.76 -7.39
CA LYS B 115 -8.54 30.14 -8.67
C LYS B 115 -10.06 30.05 -8.75
N MET B 116 -10.61 30.50 -9.88
CA MET B 116 -12.04 30.46 -10.14
C MET B 116 -12.30 29.53 -11.31
N THR B 117 -13.14 28.52 -11.09
CA THR B 117 -13.41 27.50 -12.11
C THR B 117 -14.91 27.42 -12.35
N CYS B 118 -15.29 27.30 -13.63
CA CYS B 118 -16.69 27.19 -13.99
C CYS B 118 -16.86 26.13 -15.08
N ARG B 119 -18.04 25.50 -15.10
CA ARG B 119 -18.41 24.50 -16.08
C ARG B 119 -19.84 24.73 -16.54
N TRP B 120 -20.17 24.14 -17.70
CA TRP B 120 -21.54 24.16 -18.20
C TRP B 120 -21.73 22.95 -19.11
N SER B 121 -23.00 22.63 -19.37
CA SER B 121 -23.16 21.40 -20.15
C SER B 121 -23.53 21.71 -21.59
N PRO B 122 -22.87 21.06 -22.55
CA PRO B 122 -23.21 21.28 -23.97
C PRO B 122 -24.34 20.38 -24.44
N SER B 123 -25.09 19.81 -23.50
CA SER B 123 -26.11 18.77 -23.70
C SER B 123 -27.13 19.08 -24.81
N THR B 124 -27.26 20.29 -25.35
CA THR B 124 -28.29 20.55 -26.35
C THR B 124 -27.70 21.09 -27.65
N ILE B 125 -26.43 21.49 -27.61
CA ILE B 125 -25.80 22.10 -28.78
C ILE B 125 -25.39 21.09 -29.85
N GLN B 126 -25.45 19.78 -29.55
CA GLN B 126 -25.07 18.80 -30.55
C GLN B 126 -26.03 18.79 -31.75
N SER B 127 -27.24 19.30 -31.56
CA SER B 127 -28.25 19.32 -32.61
C SER B 127 -28.06 20.46 -33.59
N LEU B 128 -26.92 21.14 -33.57
CA LEU B 128 -26.61 22.24 -34.49
C LEU B 128 -25.25 21.94 -35.13
N VAL B 129 -25.26 21.60 -36.41
CA VAL B 129 -24.03 21.30 -37.12
C VAL B 129 -23.40 22.59 -37.62
N GLY B 130 -22.10 22.74 -37.40
CA GLY B 130 -21.40 23.95 -37.78
C GLY B 130 -21.53 25.09 -36.79
N SER B 131 -22.02 24.83 -35.59
CA SER B 131 -22.21 25.86 -34.57
C SER B 131 -20.91 26.08 -33.82
N THR B 132 -20.48 27.34 -33.72
CA THR B 132 -19.23 27.65 -33.04
C THR B 132 -19.50 28.17 -31.63
N VAL B 133 -19.00 27.44 -30.64
CA VAL B 133 -19.24 27.75 -29.24
C VAL B 133 -18.19 28.74 -28.76
N GLN B 134 -18.63 29.69 -27.94
CA GLN B 134 -17.73 30.66 -27.32
C GLN B 134 -18.32 31.19 -26.02
N LEU B 135 -17.46 31.45 -25.04
CA LEU B 135 -17.87 32.03 -23.77
C LEU B 135 -17.54 33.51 -23.75
N ARG B 136 -18.54 34.32 -23.44
CA ARG B 136 -18.36 35.76 -23.27
C ARG B 136 -18.72 36.15 -21.84
N TYR B 137 -17.82 36.87 -21.20
CA TYR B 137 -18.01 37.32 -19.83
C TYR B 137 -17.75 38.82 -19.75
N HIS B 138 -18.34 39.47 -18.75
CA HIS B 138 -18.10 40.87 -18.45
C HIS B 138 -18.05 41.06 -16.96
N ARG B 139 -17.08 41.86 -16.50
CA ARG B 139 -16.87 42.11 -15.09
C ARG B 139 -17.55 43.41 -14.67
N ARG B 140 -18.34 43.36 -13.61
CA ARG B 140 -18.85 44.53 -12.94
C ARG B 140 -17.86 44.95 -11.86
N SER B 141 -17.77 46.27 -11.64
CA SER B 141 -16.79 46.78 -10.69
C SER B 141 -17.02 46.20 -9.30
N LEU B 142 -18.24 46.30 -8.80
CA LEU B 142 -18.58 45.75 -7.49
C LEU B 142 -19.95 45.09 -7.57
N TYR B 143 -20.08 43.92 -6.96
CA TYR B 143 -21.36 43.23 -6.81
C TYR B 143 -21.95 42.77 -8.14
N CYS B 144 -22.84 41.79 -8.09
CA CYS B 144 -23.63 41.45 -9.25
C CYS B 144 -24.87 42.35 -9.32
N PRO B 145 -25.34 42.66 -10.52
CA PRO B 145 -26.52 43.51 -10.64
C PRO B 145 -27.79 42.75 -10.32
N ASP B 146 -28.89 43.47 -10.07
CA ASP B 146 -30.14 42.83 -9.69
C ASP B 146 -30.70 42.00 -10.85
N SER B 147 -30.77 42.59 -12.03
CA SER B 147 -31.25 41.89 -13.22
C SER B 147 -30.10 41.62 -14.16
N PRO B 148 -29.66 40.36 -14.29
CA PRO B 148 -28.56 40.07 -15.22
C PRO B 148 -28.95 40.36 -16.66
N SER B 149 -27.96 40.83 -17.43
CA SER B 149 -28.16 41.13 -18.83
C SER B 149 -26.81 41.06 -19.52
N ILE B 150 -26.85 40.94 -20.85
CA ILE B 150 -25.64 40.83 -21.66
C ILE B 150 -25.06 42.23 -21.86
N HIS B 151 -23.79 42.39 -21.55
CA HIS B 151 -23.11 43.66 -21.79
C HIS B 151 -22.81 43.80 -23.27
N PRO B 152 -22.97 45.01 -23.83
CA PRO B 152 -22.60 45.19 -25.25
C PRO B 152 -21.15 44.84 -25.52
N THR B 153 -20.25 45.14 -24.60
CA THR B 153 -18.85 44.76 -24.69
C THR B 153 -18.56 43.63 -23.72
N SER B 154 -17.97 42.55 -24.23
CA SER B 154 -17.63 41.40 -23.41
C SER B 154 -16.27 40.87 -23.84
N GLU B 155 -15.72 39.96 -23.05
CA GLU B 155 -14.42 39.38 -23.34
C GLU B 155 -14.56 37.89 -23.61
N PRO B 156 -14.15 37.43 -24.79
CA PRO B 156 -14.21 35.99 -25.08
C PRO B 156 -13.24 35.21 -24.20
N LYS B 157 -13.61 33.96 -23.93
CA LYS B 157 -12.80 33.09 -23.08
C LYS B 157 -12.91 31.67 -23.60
N ASN B 158 -11.76 31.03 -23.82
CA ASN B 158 -11.75 29.67 -24.34
C ASN B 158 -12.01 28.67 -23.23
N CYS B 159 -12.81 27.65 -23.53
CA CYS B 159 -13.11 26.58 -22.59
C CYS B 159 -12.93 25.23 -23.26
N VAL B 160 -12.53 24.24 -22.48
CA VAL B 160 -12.12 22.94 -23.00
C VAL B 160 -13.10 21.87 -22.53
N LEU B 161 -13.47 20.99 -23.45
CA LEU B 161 -14.34 19.85 -23.16
C LEU B 161 -13.48 18.70 -22.65
N GLN B 162 -13.90 18.12 -21.52
CA GLN B 162 -13.20 17.00 -20.90
C GLN B 162 -13.92 15.69 -21.23
N ARG B 163 -13.36 14.58 -20.75
CA ARG B 163 -13.93 13.26 -21.00
C ARG B 163 -15.31 13.10 -20.39
N ASP B 164 -15.66 13.92 -19.40
CA ASP B 164 -17.00 13.93 -18.85
C ASP B 164 -18.03 14.49 -19.81
N GLY B 165 -17.60 15.08 -20.92
CA GLY B 165 -18.51 15.73 -21.84
C GLY B 165 -18.93 17.13 -21.44
N PHE B 166 -18.24 17.73 -20.48
CA PHE B 166 -18.54 19.09 -20.01
C PHE B 166 -17.43 20.02 -20.44
N TYR B 167 -17.72 21.31 -20.49
CA TYR B 167 -16.71 22.29 -20.88
C TYR B 167 -16.04 22.89 -19.65
N GLU B 168 -14.72 23.03 -19.71
CA GLU B 168 -13.93 23.45 -18.56
C GLU B 168 -13.09 24.65 -18.92
N CYS B 169 -13.13 25.66 -18.05
CA CYS B 169 -12.29 26.85 -18.19
C CYS B 169 -12.31 27.63 -16.89
N VAL B 170 -11.20 28.32 -16.61
CA VAL B 170 -10.94 28.92 -15.31
C VAL B 170 -10.53 30.38 -15.48
N PHE B 171 -10.31 31.03 -14.34
CA PHE B 171 -9.85 32.41 -14.31
C PHE B 171 -8.75 32.57 -13.26
N GLN B 172 -7.70 33.30 -13.61
CA GLN B 172 -6.61 33.62 -12.69
C GLN B 172 -5.78 34.76 -13.26
N PRO B 173 -5.52 35.82 -12.48
CA PRO B 173 -5.97 36.06 -11.09
C PRO B 173 -7.45 36.41 -11.04
N ILE B 174 -8.03 36.48 -9.84
CA ILE B 174 -9.47 36.62 -9.70
C ILE B 174 -9.79 37.88 -8.92
N PHE B 175 -10.98 38.42 -9.17
CA PHE B 175 -11.50 39.56 -8.45
C PHE B 175 -12.45 39.05 -7.37
N LEU B 176 -12.15 39.37 -6.10
CA LEU B 176 -12.92 38.80 -5.01
C LEU B 176 -14.35 39.35 -4.98
N LEU B 177 -14.51 40.67 -5.13
CA LEU B 177 -15.81 41.32 -4.95
C LEU B 177 -16.15 42.13 -6.19
N SER B 178 -16.01 41.52 -7.37
CA SER B 178 -16.40 42.14 -8.62
C SER B 178 -17.40 41.23 -9.33
N GLY B 179 -18.56 41.78 -9.67
CA GLY B 179 -19.59 41.00 -10.33
C GLY B 179 -19.14 40.51 -11.70
N TYR B 180 -19.39 39.23 -11.96
CA TYR B 180 -19.04 38.60 -13.22
C TYR B 180 -20.31 38.26 -13.97
N THR B 181 -20.58 38.99 -15.05
CA THR B 181 -21.71 38.72 -15.93
C THR B 181 -21.21 38.00 -17.16
N MET B 182 -21.67 36.76 -17.36
CA MET B 182 -21.23 35.96 -18.49
C MET B 182 -22.42 35.24 -19.10
N TRP B 183 -22.21 34.77 -20.33
CA TRP B 183 -23.21 34.00 -21.05
C TRP B 183 -22.51 33.21 -22.15
N ILE B 184 -23.21 32.18 -22.63
CA ILE B 184 -22.75 31.37 -23.76
C ILE B 184 -23.26 32.00 -25.04
N ARG B 185 -22.34 32.27 -25.96
CA ARG B 185 -22.69 32.83 -27.26
C ARG B 185 -22.43 31.81 -28.34
N ILE B 186 -23.41 31.61 -29.23
CA ILE B 186 -23.28 30.71 -30.35
C ILE B 186 -23.21 31.54 -31.63
N ASN B 187 -22.49 31.05 -32.62
CA ASN B 187 -22.32 31.75 -33.89
C ASN B 187 -22.50 30.76 -35.03
N HIS B 188 -23.30 31.16 -36.02
CA HIS B 188 -23.60 30.29 -37.15
C HIS B 188 -23.93 31.19 -38.35
N SER B 189 -24.15 30.57 -39.50
CA SER B 189 -24.42 31.29 -40.74
C SER B 189 -25.76 32.02 -40.72
N LEU B 190 -26.67 31.67 -39.80
CA LEU B 190 -27.96 32.33 -39.71
C LEU B 190 -27.98 33.44 -38.66
N GLY B 191 -26.85 33.71 -38.01
CA GLY B 191 -26.76 34.75 -37.02
C GLY B 191 -26.08 34.25 -35.77
N SER B 192 -26.39 34.90 -34.65
CA SER B 192 -25.83 34.55 -33.36
C SER B 192 -26.93 34.57 -32.31
N LEU B 193 -26.83 33.68 -31.33
CA LEU B 193 -27.78 33.60 -30.25
C LEU B 193 -27.05 33.51 -28.92
N ASP B 194 -27.67 34.02 -27.86
CA ASP B 194 -27.04 34.11 -26.56
C ASP B 194 -27.90 33.42 -25.50
N SER B 195 -27.24 32.71 -24.60
CA SER B 195 -27.90 32.12 -23.46
C SER B 195 -28.37 33.22 -22.50
N PRO B 196 -29.38 32.95 -21.69
CA PRO B 196 -29.81 33.95 -20.71
C PRO B 196 -28.75 34.14 -19.65
N PRO B 197 -28.10 35.30 -19.62
CA PRO B 197 -26.91 35.47 -18.78
C PRO B 197 -27.21 35.43 -17.29
N THR B 198 -26.25 34.93 -16.52
CA THR B 198 -26.35 34.89 -15.07
C THR B 198 -25.09 35.53 -14.49
N CYS B 199 -25.23 36.29 -13.42
CA CYS B 199 -24.10 36.87 -12.73
C CYS B 199 -23.80 36.09 -11.45
N VAL B 200 -22.52 35.89 -11.18
CA VAL B 200 -22.07 35.12 -10.03
C VAL B 200 -21.13 35.97 -9.19
N LEU B 201 -21.36 35.99 -7.89
CA LEU B 201 -20.40 36.58 -6.96
C LEU B 201 -19.36 35.53 -6.57
N PRO B 202 -18.07 35.82 -6.78
CA PRO B 202 -17.05 34.78 -6.49
C PRO B 202 -17.02 34.33 -5.05
N ASP B 203 -17.46 35.17 -4.11
CA ASP B 203 -17.37 34.85 -2.70
C ASP B 203 -18.46 33.89 -2.22
N SER B 204 -19.53 33.71 -2.98
CA SER B 204 -20.63 32.86 -2.57
C SER B 204 -20.49 31.42 -3.03
N VAL B 205 -19.49 31.11 -3.85
CA VAL B 205 -19.32 29.78 -4.42
C VAL B 205 -18.01 29.17 -3.96
N VAL B 206 -17.58 29.50 -2.75
CA VAL B 206 -16.30 29.07 -2.23
C VAL B 206 -16.50 27.87 -1.30
N LYS B 207 -15.76 26.80 -1.54
CA LYS B 207 -15.75 25.74 -0.55
C LYS B 207 -14.34 25.55 -0.01
N PRO B 208 -14.20 25.27 1.27
CA PRO B 208 -12.86 25.21 1.87
C PRO B 208 -12.24 23.83 1.80
N LEU B 209 -11.04 23.69 2.35
CA LEU B 209 -10.42 22.40 2.54
C LEU B 209 -10.97 21.76 3.81
N PRO B 210 -10.89 20.43 3.92
CA PRO B 210 -11.33 19.78 5.15
C PRO B 210 -10.51 20.26 6.33
N PRO B 211 -11.13 20.41 7.49
CA PRO B 211 -10.39 20.87 8.69
C PRO B 211 -9.43 19.78 9.16
N SER B 212 -8.22 20.19 9.54
CA SER B 212 -7.18 19.24 9.86
C SER B 212 -6.96 19.14 11.37
N ASN B 213 -6.01 18.28 11.75
CA ASN B 213 -5.63 18.05 13.14
C ASN B 213 -6.85 17.66 13.99
N VAL B 214 -7.66 16.78 13.43
CA VAL B 214 -8.81 16.23 14.15
C VAL B 214 -8.32 15.11 15.05
N LYS B 215 -8.74 15.15 16.31
CA LYS B 215 -8.34 14.16 17.30
C LYS B 215 -9.59 13.67 18.03
N ALA B 216 -9.55 12.41 18.45
CA ALA B 216 -10.69 11.81 19.12
C ALA B 216 -10.21 11.04 20.34
N GLU B 217 -11.03 11.04 21.39
CA GLU B 217 -10.72 10.30 22.60
C GLU B 217 -12.01 10.06 23.37
N ILE B 218 -11.95 9.10 24.30
CA ILE B 218 -13.08 8.72 25.12
C ILE B 218 -12.89 9.34 26.50
N THR B 219 -13.90 10.07 26.97
CA THR B 219 -13.83 10.68 28.29
C THR B 219 -13.93 9.59 29.34
N VAL B 220 -12.99 9.60 30.29
CA VAL B 220 -12.88 8.51 31.25
C VAL B 220 -14.05 8.47 32.21
N ASN B 221 -14.47 9.63 32.74
CA ASN B 221 -15.39 9.61 33.87
C ASN B 221 -16.82 9.90 33.43
N THR B 222 -17.00 10.56 32.28
CA THR B 222 -18.33 10.91 31.80
C THR B 222 -18.85 9.89 30.79
N GLY B 223 -18.11 9.65 29.72
CA GLY B 223 -18.52 8.68 28.73
C GLY B 223 -18.96 9.31 27.42
N LEU B 224 -18.46 10.50 27.13
CA LEU B 224 -18.75 11.18 25.88
C LEU B 224 -17.46 11.35 25.07
N LEU B 225 -17.55 11.06 23.77
CA LEU B 225 -16.40 11.19 22.88
C LEU B 225 -15.94 12.64 22.83
N LYS B 226 -14.65 12.86 23.04
CA LYS B 226 -14.06 14.19 23.04
C LYS B 226 -13.26 14.35 21.75
N VAL B 227 -13.67 15.31 20.93
CA VAL B 227 -13.09 15.52 19.61
C VAL B 227 -12.73 16.99 19.45
N SER B 228 -11.52 17.25 18.95
CA SER B 228 -11.03 18.60 18.72
C SER B 228 -10.55 18.71 17.28
N TRP B 229 -10.64 19.92 16.72
CA TRP B 229 -10.24 20.17 15.35
C TRP B 229 -9.77 21.62 15.22
N GLU B 230 -9.33 21.97 14.01
CA GLU B 230 -8.86 23.30 13.70
C GLU B 230 -9.51 23.79 12.41
N LYS B 231 -10.00 25.03 12.43
CA LYS B 231 -10.65 25.60 11.26
C LYS B 231 -9.63 25.79 10.14
N PRO B 232 -10.06 25.61 8.89
CA PRO B 232 -9.20 25.96 7.76
C PRO B 232 -8.84 27.44 7.78
N VAL B 233 -7.64 27.74 7.25
CA VAL B 233 -7.16 29.12 7.25
C VAL B 233 -8.09 30.01 6.44
N PHE B 234 -8.64 29.51 5.34
CA PHE B 234 -9.55 30.28 4.52
C PHE B 234 -10.77 29.44 4.20
N PRO B 235 -11.96 30.03 4.21
CA PRO B 235 -12.25 31.44 4.49
C PRO B 235 -12.28 31.78 5.98
N GLU B 236 -12.26 33.07 6.31
CA GLU B 236 -12.21 33.54 7.68
C GLU B 236 -13.59 33.70 8.31
N ASN B 237 -14.66 33.63 7.53
CA ASN B 237 -15.99 33.88 8.05
C ASN B 237 -16.42 32.77 8.99
N ASN B 238 -17.50 33.01 9.73
CA ASN B 238 -18.02 32.02 10.64
C ASN B 238 -18.57 30.81 9.86
N LEU B 239 -18.23 29.62 10.34
CA LEU B 239 -18.58 28.39 9.65
C LEU B 239 -19.31 27.46 10.61
N GLN B 240 -20.02 26.50 10.02
CA GLN B 240 -20.73 25.47 10.77
C GLN B 240 -20.14 24.12 10.44
N PHE B 241 -20.01 23.28 11.46
CA PHE B 241 -19.38 21.97 11.33
C PHE B 241 -20.40 20.86 11.53
N GLN B 242 -20.32 19.85 10.67
CA GLN B 242 -21.15 18.66 10.78
C GLN B 242 -20.25 17.47 11.07
N ILE B 243 -20.61 16.68 12.07
CA ILE B 243 -19.78 15.59 12.56
C ILE B 243 -20.53 14.28 12.36
N ARG B 244 -19.83 13.28 11.87
CA ARG B 244 -20.38 11.94 11.68
C ARG B 244 -19.46 10.92 12.35
N TYR B 245 -20.08 9.92 12.98
CA TYR B 245 -19.35 8.90 13.71
C TYR B 245 -20.02 7.55 13.50
N GLY B 246 -19.24 6.49 13.68
CA GLY B 246 -19.75 5.16 13.49
C GLY B 246 -18.75 4.14 13.99
N LEU B 247 -19.17 2.87 13.94
CA LEU B 247 -18.34 1.78 14.43
C LEU B 247 -17.27 1.41 13.41
N SER B 248 -16.40 0.49 13.80
CA SER B 248 -15.31 0.00 12.96
C SER B 248 -15.70 -1.36 12.40
N GLY B 249 -15.64 -1.49 11.08
CA GLY B 249 -15.98 -2.74 10.43
C GLY B 249 -16.03 -2.57 8.93
N LYS B 250 -16.45 -3.64 8.27
CA LYS B 250 -16.60 -3.59 6.81
C LYS B 250 -17.64 -2.55 6.40
N GLU B 251 -18.75 -2.50 7.13
CA GLU B 251 -19.77 -1.48 6.94
C GLU B 251 -19.86 -0.62 8.19
N ILE B 252 -20.19 0.66 8.00
CA ILE B 252 -20.29 1.61 9.10
C ILE B 252 -21.68 2.19 9.09
N GLN B 253 -22.40 2.04 10.20
CA GLN B 253 -23.72 2.65 10.38
C GLN B 253 -23.51 3.99 11.07
N TRP B 254 -23.26 5.01 10.26
CA TRP B 254 -22.89 6.31 10.81
C TRP B 254 -24.08 6.96 11.52
N LYS B 255 -23.75 7.89 12.41
CA LYS B 255 -24.74 8.75 13.06
C LYS B 255 -24.26 10.18 12.94
N THR B 256 -25.17 11.08 12.55
CA THR B 256 -24.81 12.43 12.19
C THR B 256 -25.13 13.41 13.31
N HIS B 257 -24.34 14.47 13.39
CA HIS B 257 -24.54 15.55 14.35
C HIS B 257 -23.85 16.79 13.82
N GLU B 258 -24.30 17.94 14.29
CA GLU B 258 -23.73 19.21 13.85
C GLU B 258 -23.57 20.14 15.04
N VAL B 259 -22.62 21.07 14.92
CA VAL B 259 -22.41 22.13 15.89
C VAL B 259 -22.59 23.45 15.17
N PHE B 260 -23.06 24.47 15.90
CA PHE B 260 -23.36 25.75 15.29
C PHE B 260 -22.43 26.86 15.78
N ASP B 261 -21.99 26.77 17.03
CA ASP B 261 -21.03 27.74 17.56
C ASP B 261 -19.68 27.55 16.88
N ALA B 262 -19.27 28.53 16.08
CA ALA B 262 -17.99 28.43 15.38
C ALA B 262 -16.83 28.49 16.35
N LYS B 263 -16.97 29.23 17.44
CA LYS B 263 -15.90 29.38 18.43
C LYS B 263 -15.54 28.07 19.12
N SER B 264 -16.44 27.10 19.14
CA SER B 264 -16.18 25.82 19.79
C SER B 264 -15.33 24.96 18.87
N LYS B 265 -14.11 24.65 19.31
CA LYS B 265 -13.25 23.72 18.61
C LYS B 265 -13.25 22.34 19.24
N SER B 266 -14.13 22.09 20.21
CA SER B 266 -14.22 20.81 20.90
C SER B 266 -15.67 20.38 20.96
N ALA B 267 -15.90 19.08 21.12
CA ALA B 267 -17.25 18.55 21.13
C ALA B 267 -17.31 17.31 22.00
N SER B 268 -18.53 16.99 22.45
CA SER B 268 -18.81 15.80 23.23
C SER B 268 -20.17 15.26 22.83
N LEU B 269 -20.24 13.95 22.59
CA LEU B 269 -21.46 13.30 22.15
C LEU B 269 -21.69 12.02 22.93
N LEU B 270 -22.97 11.67 23.10
CA LEU B 270 -23.32 10.45 23.80
C LEU B 270 -22.91 9.23 22.99
N VAL B 271 -22.64 8.13 23.71
CA VAL B 271 -22.21 6.89 23.09
C VAL B 271 -23.09 5.74 23.60
N SER B 272 -23.01 4.62 22.91
CA SER B 272 -23.68 3.39 23.33
C SER B 272 -22.73 2.33 23.85
N ASP B 273 -21.54 2.19 23.25
CA ASP B 273 -20.53 1.26 23.72
C ASP B 273 -19.24 2.01 23.95
N LEU B 274 -18.38 1.45 24.80
CA LEU B 274 -17.16 2.11 25.24
C LEU B 274 -15.90 1.38 24.80
N CYS B 275 -15.94 0.06 24.71
CA CYS B 275 -14.72 -0.71 24.51
C CYS B 275 -14.47 -1.05 23.06
N ALA B 276 -15.31 -0.59 22.15
CA ALA B 276 -15.10 -0.80 20.73
C ALA B 276 -14.27 0.36 20.16
N VAL B 277 -13.95 0.29 18.87
CA VAL B 277 -13.23 1.36 18.18
C VAL B 277 -14.20 2.04 17.24
N TYR B 278 -14.33 3.36 17.37
CA TYR B 278 -15.21 4.13 16.51
C TYR B 278 -14.42 4.84 15.43
N VAL B 279 -15.13 5.21 14.36
CA VAL B 279 -14.58 6.00 13.27
C VAL B 279 -15.39 7.28 13.18
N VAL B 280 -14.71 8.40 12.93
CA VAL B 280 -15.35 9.71 12.99
C VAL B 280 -14.75 10.60 11.90
N GLN B 281 -15.60 11.41 11.29
CA GLN B 281 -15.18 12.36 10.26
C GLN B 281 -16.01 13.63 10.40
N VAL B 282 -15.42 14.75 9.99
CA VAL B 282 -16.04 16.07 10.12
C VAL B 282 -15.89 16.81 8.80
N ARG B 283 -16.80 17.75 8.56
CA ARG B 283 -16.73 18.62 7.39
C ARG B 283 -17.25 20.00 7.77
N CYS B 284 -16.85 20.99 6.99
CA CYS B 284 -17.12 22.38 7.33
C CYS B 284 -17.68 23.13 6.13
N ARG B 285 -18.53 24.10 6.41
CA ARG B 285 -19.05 25.00 5.39
C ARG B 285 -19.52 26.28 6.08
N ARG B 286 -19.78 27.29 5.28
CA ARG B 286 -20.14 28.61 5.80
C ARG B 286 -21.45 28.56 6.58
N LEU B 287 -21.52 29.35 7.64
CA LEU B 287 -22.72 29.37 8.48
C LEU B 287 -23.93 29.89 7.72
N ASP B 288 -23.76 30.95 6.93
CA ASP B 288 -24.89 31.57 6.26
C ASP B 288 -25.53 30.62 5.25
N GLY B 289 -24.71 29.85 4.53
CA GLY B 289 -25.22 28.93 3.54
C GLY B 289 -24.50 29.04 2.22
N LEU B 290 -23.79 30.15 2.02
CA LEU B 290 -23.01 30.33 0.81
C LEU B 290 -21.87 29.31 0.76
N GLY B 291 -21.47 28.96 -0.46
CA GLY B 291 -20.44 27.98 -0.64
C GLY B 291 -20.96 26.56 -0.47
N TYR B 292 -20.02 25.64 -0.36
CA TYR B 292 -20.33 24.22 -0.35
C TYR B 292 -19.59 23.53 0.80
N TRP B 293 -20.06 22.33 1.13
CA TRP B 293 -19.40 21.51 2.14
C TRP B 293 -18.00 21.13 1.67
N SER B 294 -17.07 21.03 2.62
CA SER B 294 -15.67 20.74 2.34
C SER B 294 -15.45 19.24 2.46
N ASN B 295 -15.97 18.49 1.49
CA ASN B 295 -15.91 17.03 1.46
C ASN B 295 -16.17 16.45 2.84
N TRP B 296 -15.17 15.74 3.39
CA TRP B 296 -15.19 15.30 4.77
C TRP B 296 -13.74 15.28 5.26
N SER B 297 -13.55 14.95 6.53
CA SER B 297 -12.20 14.86 7.09
C SER B 297 -11.67 13.44 6.92
N SER B 298 -10.38 13.30 7.20
CA SER B 298 -9.77 11.99 7.17
C SER B 298 -10.36 11.11 8.28
N PRO B 299 -10.53 9.81 8.02
CA PRO B 299 -11.05 8.90 9.06
C PRO B 299 -10.13 8.88 10.27
N ALA B 300 -10.72 8.80 11.45
CA ALA B 300 -9.99 8.80 12.71
C ALA B 300 -10.34 7.56 13.50
N TYR B 301 -9.35 6.98 14.17
CA TYR B 301 -9.53 5.77 14.96
C TYR B 301 -9.28 6.07 16.44
N THR B 302 -10.25 5.70 17.28
CA THR B 302 -10.08 5.85 18.71
C THR B 302 -9.22 4.72 19.26
N LEU B 303 -8.75 4.91 20.49
CA LEU B 303 -7.94 3.92 21.18
C LEU B 303 -8.72 3.32 22.34
N VAL B 304 -8.73 1.99 22.43
CA VAL B 304 -9.43 1.30 23.51
C VAL B 304 -8.54 1.36 24.75
N MET B 305 -9.09 1.87 25.84
CA MET B 305 -8.40 1.96 27.12
C MET B 305 -9.37 1.58 28.23
N ASP B 306 -8.82 1.06 29.33
CA ASP B 306 -9.66 0.67 30.46
C ASP B 306 -10.31 1.91 31.05
N VAL B 307 -11.60 2.07 30.79
CA VAL B 307 -12.32 3.27 31.22
C VAL B 307 -12.42 3.37 32.75
N LYS B 308 -12.71 2.26 33.44
CA LYS B 308 -12.83 2.24 34.88
C LYS B 308 -12.38 0.89 35.40
N VAL B 309 -12.16 0.82 36.71
CA VAL B 309 -11.81 -0.43 37.38
C VAL B 309 -12.98 -1.39 37.21
N PRO B 310 -12.73 -2.71 37.15
CA PRO B 310 -13.83 -3.65 36.89
C PRO B 310 -14.94 -3.52 37.92
N MET B 311 -16.18 -3.71 37.44
CA MET B 311 -17.34 -3.35 38.25
C MET B 311 -17.59 -4.34 39.37
N ARG B 312 -17.39 -5.63 39.13
CA ARG B 312 -17.48 -6.63 40.19
C ARG B 312 -16.33 -7.61 40.10
N GLY B 313 -16.04 -8.28 41.21
CA GLY B 313 -15.11 -9.38 41.22
C GLY B 313 -15.77 -10.64 40.68
N PRO B 314 -14.96 -11.56 40.17
CA PRO B 314 -15.52 -12.78 39.58
C PRO B 314 -16.08 -13.73 40.63
N GLU B 315 -17.19 -14.37 40.28
CA GLU B 315 -17.74 -15.43 41.12
C GLU B 315 -16.85 -16.66 41.01
N PHE B 316 -16.53 -17.27 42.16
CA PHE B 316 -15.55 -18.33 42.20
C PHE B 316 -16.03 -19.46 43.09
N TRP B 317 -15.51 -20.66 42.82
CA TRP B 317 -15.79 -21.83 43.65
C TRP B 317 -14.49 -22.58 43.93
N ARG B 318 -14.60 -23.72 44.61
CA ARG B 318 -13.45 -24.45 45.15
C ARG B 318 -13.56 -25.93 44.80
N LYS B 319 -12.41 -26.58 44.66
CA LYS B 319 -12.33 -28.03 44.53
C LYS B 319 -11.51 -28.61 45.68
N MET B 320 -12.15 -29.49 46.45
CA MET B 320 -11.48 -30.26 47.50
C MET B 320 -10.60 -31.32 46.85
N ASP B 321 -9.29 -31.21 47.07
CA ASP B 321 -8.33 -32.24 46.69
C ASP B 321 -7.50 -32.58 47.92
N GLY B 322 -7.85 -33.68 48.58
CA GLY B 322 -7.19 -34.05 49.81
C GLY B 322 -8.04 -34.92 50.71
N ASP B 323 -7.40 -35.84 51.43
CA ASP B 323 -8.12 -36.77 52.28
C ASP B 323 -8.79 -36.04 53.45
N VAL B 324 -9.92 -36.59 53.90
CA VAL B 324 -10.60 -36.03 55.07
C VAL B 324 -9.71 -36.11 56.30
N THR B 325 -9.04 -37.25 56.49
CA THR B 325 -8.14 -37.40 57.62
C THR B 325 -6.97 -36.41 57.59
N LYS B 326 -6.44 -36.11 56.41
CA LYS B 326 -5.35 -35.16 56.30
C LYS B 326 -5.81 -33.77 56.65
N LYS B 327 -5.08 -33.11 57.56
CA LYS B 327 -5.43 -31.76 57.96
C LYS B 327 -5.08 -30.73 56.88
N GLU B 328 -3.98 -30.93 56.16
CA GLU B 328 -3.61 -30.11 55.02
C GLU B 328 -4.40 -30.56 53.80
N ARG B 329 -5.13 -29.63 53.19
CA ARG B 329 -6.04 -29.95 52.10
C ARG B 329 -5.85 -28.95 50.97
N ASN B 330 -5.66 -29.45 49.76
CA ASN B 330 -5.48 -28.59 48.61
C ASN B 330 -6.80 -27.93 48.23
N VAL B 331 -6.74 -26.65 47.88
CA VAL B 331 -7.90 -25.86 47.55
C VAL B 331 -7.69 -25.26 46.16
N THR B 332 -8.37 -25.81 45.16
CA THR B 332 -8.30 -25.32 43.79
C THR B 332 -9.44 -24.34 43.57
N LEU B 333 -9.15 -23.06 43.66
CA LEU B 333 -10.16 -22.04 43.39
C LEU B 333 -10.50 -22.03 41.90
N LEU B 334 -11.79 -21.90 41.60
CA LEU B 334 -12.27 -21.97 40.23
C LEU B 334 -13.25 -20.83 39.97
N TRP B 335 -12.94 -19.99 38.99
CA TRP B 335 -13.81 -18.89 38.60
C TRP B 335 -13.80 -18.76 37.09
N LYS B 336 -14.58 -17.80 36.58
CA LYS B 336 -14.71 -17.58 35.15
C LYS B 336 -14.31 -16.16 34.78
N PRO B 337 -13.91 -15.93 33.52
CA PRO B 337 -13.59 -14.57 33.09
C PRO B 337 -14.79 -13.65 33.18
N LEU B 338 -14.53 -12.38 33.48
CA LEU B 338 -15.60 -11.40 33.59
C LEU B 338 -16.20 -11.11 32.22
N THR B 339 -17.51 -10.92 32.20
CA THR B 339 -18.19 -10.59 30.96
C THR B 339 -17.87 -9.16 30.52
N LYS B 340 -18.31 -8.81 29.31
CA LYS B 340 -18.11 -7.46 28.82
C LYS B 340 -18.71 -6.43 29.77
N ASN B 341 -19.87 -6.74 30.33
CA ASN B 341 -20.45 -5.86 31.35
C ASN B 341 -19.63 -5.88 32.63
N ASP B 342 -19.18 -7.07 33.06
CA ASP B 342 -18.42 -7.16 34.31
C ASP B 342 -16.99 -6.69 34.14
N SER B 343 -16.32 -7.10 33.06
CA SER B 343 -14.97 -6.64 32.80
C SER B 343 -14.93 -5.19 32.32
N LEU B 344 -16.10 -4.59 32.08
CA LEU B 344 -16.21 -3.30 31.43
C LEU B 344 -15.54 -3.37 30.06
N CYS B 345 -14.24 -3.09 30.00
CA CYS B 345 -13.47 -3.24 28.78
C CYS B 345 -12.51 -4.41 28.86
N SER B 346 -11.71 -4.51 29.92
CA SER B 346 -10.77 -5.60 30.06
C SER B 346 -10.43 -5.82 31.53
N VAL B 347 -10.02 -7.05 31.84
CA VAL B 347 -9.43 -7.40 33.12
C VAL B 347 -8.00 -7.83 32.83
N ARG B 348 -7.03 -7.02 33.24
CA ARG B 348 -5.65 -7.26 32.86
C ARG B 348 -5.04 -8.42 33.65
N ARG B 349 -5.55 -8.68 34.84
CA ARG B 349 -4.96 -9.71 35.70
C ARG B 349 -5.94 -10.05 36.81
N TYR B 350 -5.81 -11.27 37.32
CA TYR B 350 -6.59 -11.72 38.47
C TYR B 350 -5.70 -11.79 39.71
N VAL B 351 -6.08 -11.02 40.72
CA VAL B 351 -5.36 -10.98 42.00
C VAL B 351 -6.26 -11.61 43.05
N VAL B 352 -5.82 -12.71 43.63
CA VAL B 352 -6.59 -13.44 44.64
C VAL B 352 -6.07 -13.05 46.00
N LYS B 353 -6.86 -12.27 46.74
CA LYS B 353 -6.51 -11.85 48.09
C LYS B 353 -6.95 -12.90 49.08
N HIS B 354 -6.11 -13.19 50.06
CA HIS B 354 -6.41 -14.15 51.11
C HIS B 354 -6.47 -13.44 52.45
N ARG B 355 -7.11 -14.09 53.43
CA ARG B 355 -7.17 -13.58 54.79
C ARG B 355 -7.09 -14.73 55.77
N THR B 356 -6.27 -14.57 56.80
CA THR B 356 -6.16 -15.54 57.87
C THR B 356 -6.05 -14.79 59.20
N ALA B 357 -6.35 -15.50 60.29
CA ALA B 357 -6.18 -14.91 61.61
C ALA B 357 -4.72 -14.80 61.99
N HIS B 358 -3.87 -15.66 61.43
CA HIS B 358 -2.45 -15.69 61.77
C HIS B 358 -1.58 -14.97 60.74
N ASN B 359 -1.66 -15.39 59.48
CA ASN B 359 -0.88 -14.73 58.43
C ASN B 359 -1.53 -13.44 57.95
N GLY B 360 -2.57 -12.95 58.64
CA GLY B 360 -3.22 -11.72 58.22
C GLY B 360 -3.85 -11.86 56.85
N THR B 361 -3.64 -10.86 56.01
CA THR B 361 -4.19 -10.82 54.67
C THR B 361 -3.07 -10.65 53.66
N TRP B 362 -3.15 -11.38 52.55
CA TRP B 362 -2.20 -11.26 51.45
C TRP B 362 -2.92 -11.58 50.14
N SER B 363 -2.33 -11.15 49.04
CA SER B 363 -2.95 -11.31 47.73
C SER B 363 -1.97 -12.00 46.79
N GLU B 364 -2.51 -12.85 45.91
CA GLU B 364 -1.73 -13.55 44.90
C GLU B 364 -2.25 -13.19 43.52
N ASP B 365 -1.35 -12.75 42.65
CA ASP B 365 -1.69 -12.44 41.27
C ASP B 365 -1.64 -13.72 40.45
N VAL B 366 -2.79 -14.14 39.94
CA VAL B 366 -2.89 -15.34 39.13
C VAL B 366 -2.69 -15.06 37.64
N GLY B 367 -2.55 -13.79 37.26
CA GLY B 367 -2.42 -13.46 35.86
C GLY B 367 -3.76 -13.56 35.16
N ASN B 368 -3.74 -14.15 33.96
CA ASN B 368 -4.96 -14.38 33.21
C ASN B 368 -5.61 -15.72 33.52
N ARG B 369 -5.03 -16.51 34.40
CA ARG B 369 -5.59 -17.81 34.74
C ARG B 369 -6.85 -17.67 35.58
N THR B 370 -7.82 -18.53 35.31
CA THR B 370 -9.10 -18.52 36.01
C THR B 370 -9.16 -19.57 37.12
N ASN B 371 -8.04 -20.19 37.45
CA ASN B 371 -7.99 -21.15 38.54
C ASN B 371 -6.76 -20.91 39.39
N LEU B 372 -6.85 -21.30 40.66
CA LEU B 372 -5.73 -21.16 41.59
C LEU B 372 -5.82 -22.26 42.64
N THR B 373 -4.75 -23.02 42.78
CA THR B 373 -4.68 -24.13 43.74
C THR B 373 -3.76 -23.75 44.88
N PHE B 374 -4.22 -23.93 46.11
CA PHE B 374 -3.42 -23.68 47.30
C PHE B 374 -3.82 -24.66 48.40
N LEU B 375 -2.94 -24.77 49.40
CA LEU B 375 -3.13 -25.72 50.49
C LEU B 375 -3.90 -25.03 51.62
N TRP B 376 -4.84 -25.76 52.22
CA TRP B 376 -5.61 -25.28 53.36
C TRP B 376 -4.97 -25.83 54.63
N THR B 377 -4.43 -24.95 55.47
CA THR B 377 -3.71 -25.34 56.66
C THR B 377 -4.22 -24.66 57.93
N GLU B 378 -4.77 -23.45 57.83
CA GLU B 378 -5.30 -22.79 59.01
C GLU B 378 -6.76 -23.15 59.22
N PRO B 379 -7.22 -23.15 60.47
CA PRO B 379 -8.66 -23.39 60.73
C PRO B 379 -9.56 -22.36 60.07
N ALA B 380 -9.14 -21.09 60.03
CA ALA B 380 -9.92 -20.03 59.41
C ALA B 380 -9.12 -19.40 58.29
N HIS B 381 -9.74 -19.27 57.12
CA HIS B 381 -9.07 -18.72 55.95
C HIS B 381 -10.12 -18.07 55.05
N THR B 382 -10.04 -16.75 54.91
CA THR B 382 -10.94 -16.01 54.05
C THR B 382 -10.23 -15.61 52.77
N VAL B 383 -10.88 -15.80 51.63
CA VAL B 383 -10.26 -15.57 50.33
C VAL B 383 -11.18 -14.65 49.52
N THR B 384 -10.56 -13.73 48.79
CA THR B 384 -11.28 -12.76 47.98
C THR B 384 -10.51 -12.51 46.68
N VAL B 385 -11.18 -12.72 45.55
CA VAL B 385 -10.57 -12.59 44.23
C VAL B 385 -10.81 -11.17 43.73
N LEU B 386 -9.75 -10.52 43.26
CA LEU B 386 -9.81 -9.16 42.76
C LEU B 386 -9.48 -9.13 41.28
N ALA B 387 -10.31 -8.45 40.50
CA ALA B 387 -10.07 -8.24 39.09
C ALA B 387 -9.46 -6.87 38.87
N VAL B 388 -8.23 -6.85 38.36
CA VAL B 388 -7.44 -5.63 38.26
C VAL B 388 -7.22 -5.30 36.79
N ASN B 389 -7.69 -4.14 36.37
CA ASN B 389 -7.35 -3.56 35.08
C ASN B 389 -6.22 -2.55 35.29
N SER B 390 -5.95 -1.74 34.27
CA SER B 390 -4.92 -0.72 34.38
C SER B 390 -5.21 0.28 35.48
N LEU B 391 -6.49 0.54 35.78
CA LEU B 391 -6.85 1.54 36.78
C LEU B 391 -6.90 0.99 38.19
N GLY B 392 -7.05 -0.31 38.37
CA GLY B 392 -7.02 -0.90 39.69
C GLY B 392 -7.94 -2.10 39.77
N ALA B 393 -8.12 -2.57 41.01
CA ALA B 393 -8.93 -3.76 41.28
C ALA B 393 -10.41 -3.43 41.27
N SER B 394 -11.23 -4.48 41.24
CA SER B 394 -12.68 -4.30 41.25
C SER B 394 -13.15 -3.83 42.62
N LEU B 395 -14.28 -3.12 42.63
CA LEU B 395 -14.71 -2.43 43.84
C LEU B 395 -15.23 -3.41 44.89
N VAL B 396 -16.30 -4.13 44.58
CA VAL B 396 -16.91 -5.08 45.51
C VAL B 396 -16.64 -6.49 44.98
N ASN B 397 -16.16 -7.36 45.87
CA ASN B 397 -15.71 -8.70 45.50
C ASN B 397 -16.32 -9.72 46.44
N PHE B 398 -16.46 -10.95 45.93
CA PHE B 398 -17.05 -12.02 46.72
C PHE B 398 -16.02 -12.59 47.69
N ASN B 399 -16.48 -12.88 48.90
CA ASN B 399 -15.64 -13.42 49.95
C ASN B 399 -16.07 -14.85 50.28
N LEU B 400 -15.07 -15.68 50.57
CA LEU B 400 -15.30 -17.08 50.90
C LEU B 400 -14.37 -17.47 52.04
N THR B 401 -14.91 -18.20 53.02
CA THR B 401 -14.16 -18.58 54.21
C THR B 401 -14.21 -20.10 54.38
N PHE B 402 -13.14 -20.67 54.91
CA PHE B 402 -13.09 -22.10 55.21
C PHE B 402 -12.83 -22.27 56.71
N SER B 403 -13.61 -23.16 57.34
CA SER B 403 -13.51 -23.38 58.78
C SER B 403 -13.67 -24.86 59.08
N TRP B 404 -12.67 -25.43 59.77
CA TRP B 404 -12.78 -26.82 60.20
C TRP B 404 -13.94 -27.08 61.15
N PRO B 405 -14.14 -26.33 62.24
CA PRO B 405 -15.20 -26.70 63.19
C PRO B 405 -16.60 -26.66 62.59
N MET B 406 -16.95 -25.60 61.86
CA MET B 406 -18.31 -25.51 61.35
C MET B 406 -18.49 -26.33 60.08
N SER B 407 -17.41 -26.92 59.55
CA SER B 407 -17.57 -27.83 58.42
C SER B 407 -18.41 -29.04 58.78
N LYS B 408 -18.56 -29.33 60.08
CA LYS B 408 -19.42 -30.40 60.55
C LYS B 408 -20.86 -29.95 60.79
N VAL B 409 -21.13 -28.65 60.68
CA VAL B 409 -22.49 -28.14 60.83
C VAL B 409 -23.33 -28.54 59.63
N SER B 410 -24.36 -29.34 59.87
CA SER B 410 -25.26 -29.83 58.82
C SER B 410 -26.50 -28.95 58.84
N ALA B 411 -26.67 -28.14 57.80
CA ALA B 411 -27.80 -27.23 57.70
C ALA B 411 -28.88 -27.70 56.75
N VAL B 412 -28.55 -28.53 55.76
CA VAL B 412 -29.50 -29.00 54.76
C VAL B 412 -30.18 -30.24 55.30
N GLU B 413 -31.52 -30.24 55.32
CA GLU B 413 -32.27 -31.37 55.85
C GLU B 413 -32.56 -32.40 54.77
N SER B 414 -33.25 -32.00 53.71
CA SER B 414 -33.64 -32.90 52.63
C SER B 414 -32.97 -32.48 51.33
N LEU B 415 -33.01 -33.37 50.35
CA LEU B 415 -32.47 -33.10 49.03
C LEU B 415 -33.07 -34.08 48.04
N SER B 416 -33.86 -33.56 47.10
CA SER B 416 -34.58 -34.39 46.13
C SER B 416 -34.37 -33.83 44.72
N ALA B 417 -34.16 -34.74 43.78
CA ALA B 417 -33.93 -34.40 42.38
C ALA B 417 -35.04 -35.02 41.52
N TYR B 418 -35.58 -34.22 40.60
CA TYR B 418 -36.65 -34.66 39.72
C TYR B 418 -36.32 -34.28 38.29
N PRO B 419 -36.10 -35.24 37.39
CA PRO B 419 -35.73 -34.91 36.01
C PRO B 419 -36.95 -34.54 35.17
N LEU B 420 -37.06 -33.26 34.82
CA LEU B 420 -38.09 -32.83 33.89
C LEU B 420 -37.86 -33.38 32.48
N SER B 421 -36.63 -33.34 32.01
CA SER B 421 -36.28 -33.78 30.66
C SER B 421 -34.76 -33.90 30.57
N SER B 422 -34.28 -34.18 29.37
CA SER B 422 -32.85 -34.18 29.11
C SER B 422 -32.26 -32.78 29.18
N SER B 423 -33.08 -31.74 29.19
CA SER B 423 -32.61 -30.37 29.24
C SER B 423 -33.00 -29.63 30.52
N CYS B 424 -33.67 -30.28 31.46
CA CYS B 424 -34.07 -29.61 32.69
C CYS B 424 -34.31 -30.63 33.79
N VAL B 425 -33.90 -30.28 35.01
CA VAL B 425 -34.12 -31.10 36.20
C VAL B 425 -34.52 -30.18 37.35
N ILE B 426 -35.51 -30.60 38.13
CA ILE B 426 -35.95 -29.85 39.30
C ILE B 426 -35.17 -30.32 40.52
N LEU B 427 -34.73 -29.36 41.33
CA LEU B 427 -34.15 -29.65 42.63
C LEU B 427 -35.09 -29.13 43.72
N SER B 428 -35.45 -30.00 44.66
CA SER B 428 -36.34 -29.64 45.75
C SER B 428 -35.72 -30.08 47.06
N TRP B 429 -35.82 -29.23 48.08
CA TRP B 429 -35.24 -29.52 49.38
C TRP B 429 -36.01 -28.79 50.45
N THR B 430 -35.83 -29.25 51.69
CA THR B 430 -36.36 -28.60 52.88
C THR B 430 -35.22 -28.28 53.83
N LEU B 431 -35.34 -27.17 54.55
CA LEU B 431 -34.27 -26.67 55.39
C LEU B 431 -34.48 -27.06 56.84
N SER B 432 -33.39 -27.06 57.60
CA SER B 432 -33.48 -27.24 59.04
C SER B 432 -34.14 -26.02 59.67
N PRO B 433 -35.01 -26.20 60.67
CA PRO B 433 -35.69 -25.05 61.28
C PRO B 433 -34.79 -24.17 62.13
N ASP B 434 -33.50 -24.49 62.24
CA ASP B 434 -32.59 -23.66 63.02
C ASP B 434 -32.46 -22.29 62.36
N ASP B 435 -32.28 -21.26 63.20
CA ASP B 435 -32.14 -19.89 62.72
C ASP B 435 -30.73 -19.66 62.17
N TYR B 436 -30.41 -20.42 61.12
CA TYR B 436 -29.13 -20.31 60.46
C TYR B 436 -29.10 -19.07 59.58
N SER B 437 -28.12 -18.20 59.81
CA SER B 437 -27.96 -17.01 58.98
C SER B 437 -27.30 -17.39 57.66
N LEU B 438 -28.08 -17.98 56.77
CA LEU B 438 -27.52 -18.52 55.53
C LEU B 438 -27.28 -17.40 54.53
N LEU B 439 -26.03 -17.26 54.09
CA LEU B 439 -25.72 -16.31 53.04
C LEU B 439 -26.36 -16.73 51.72
N TYR B 440 -25.99 -17.91 51.23
CA TYR B 440 -26.52 -18.43 49.98
C TYR B 440 -26.30 -19.93 49.95
N LEU B 441 -26.74 -20.55 48.86
CA LEU B 441 -26.55 -21.98 48.65
C LEU B 441 -25.82 -22.21 47.33
N VAL B 442 -24.99 -23.25 47.30
CA VAL B 442 -24.21 -23.60 46.13
C VAL B 442 -24.63 -24.99 45.67
N ILE B 443 -25.14 -25.07 44.45
CA ILE B 443 -25.52 -26.35 43.86
C ILE B 443 -24.31 -26.87 43.10
N GLU B 444 -23.74 -27.98 43.58
CA GLU B 444 -22.60 -28.62 42.94
C GLU B 444 -23.02 -30.01 42.47
N TRP B 445 -22.81 -30.28 41.19
CA TRP B 445 -23.22 -31.55 40.61
C TRP B 445 -22.16 -32.05 39.64
N LYS B 446 -22.17 -33.36 39.43
CA LYS B 446 -21.26 -34.01 38.49
C LYS B 446 -21.88 -35.32 38.05
N ILE B 447 -21.29 -35.91 37.01
CA ILE B 447 -21.60 -37.30 36.67
C ILE B 447 -20.76 -38.20 37.56
N LEU B 448 -21.40 -39.20 38.15
CA LEU B 448 -20.68 -40.13 39.01
C LEU B 448 -19.62 -40.86 38.21
N ASN B 449 -18.45 -41.06 38.83
CA ASN B 449 -17.23 -41.64 38.28
C ASN B 449 -16.56 -40.70 37.28
N GLU B 450 -17.11 -39.50 37.06
CA GLU B 450 -16.48 -38.51 36.20
C GLU B 450 -15.85 -37.43 37.08
N ASP B 451 -14.53 -37.32 37.03
CA ASP B 451 -13.78 -36.38 37.87
C ASP B 451 -13.63 -35.01 37.23
N ASP B 452 -14.01 -34.84 35.97
CA ASP B 452 -13.90 -33.57 35.29
C ASP B 452 -15.24 -33.07 34.75
N GLY B 453 -16.34 -33.64 35.24
CA GLY B 453 -17.65 -33.12 34.94
C GLY B 453 -18.05 -32.08 35.98
N MET B 454 -17.05 -31.40 36.53
CA MET B 454 -17.29 -30.38 37.53
C MET B 454 -18.21 -29.30 36.97
N LYS B 455 -19.29 -29.04 37.69
CA LYS B 455 -20.16 -27.89 37.48
C LYS B 455 -20.71 -27.45 38.83
N TRP B 456 -20.96 -26.15 38.96
CA TRP B 456 -21.42 -25.60 40.21
C TRP B 456 -22.23 -24.33 39.94
N LEU B 457 -23.14 -24.03 40.86
CA LEU B 457 -23.95 -22.82 40.77
C LEU B 457 -24.25 -22.28 42.15
N ARG B 458 -24.03 -20.99 42.33
CA ARG B 458 -24.45 -20.29 43.54
C ARG B 458 -25.90 -19.84 43.41
N ILE B 459 -26.73 -20.17 44.40
CA ILE B 459 -28.13 -19.77 44.38
C ILE B 459 -28.47 -19.03 45.67
N PRO B 460 -29.47 -18.14 45.67
CA PRO B 460 -29.80 -17.39 46.88
C PRO B 460 -30.29 -18.30 48.01
N SER B 461 -30.10 -17.84 49.24
CA SER B 461 -30.49 -18.62 50.41
C SER B 461 -31.99 -18.75 50.56
N ASN B 462 -32.77 -17.88 49.92
CA ASN B 462 -34.22 -17.90 50.07
C ASN B 462 -34.89 -18.91 49.16
N VAL B 463 -34.18 -19.49 48.20
CA VAL B 463 -34.77 -20.42 47.24
C VAL B 463 -35.00 -21.76 47.93
N LYS B 464 -36.14 -22.39 47.64
CA LYS B 464 -36.44 -23.72 48.13
C LYS B 464 -36.58 -24.76 47.01
N LYS B 465 -36.78 -24.33 45.77
CA LYS B 465 -36.83 -25.23 44.63
C LYS B 465 -36.14 -24.56 43.45
N PHE B 466 -35.30 -25.33 42.75
CA PHE B 466 -34.48 -24.78 41.68
C PHE B 466 -34.59 -25.68 40.45
N TYR B 467 -34.40 -25.08 39.28
CA TYR B 467 -34.47 -25.77 38.00
C TYR B 467 -33.13 -25.64 37.30
N ILE B 468 -32.53 -26.76 36.94
CA ILE B 468 -31.22 -26.77 36.30
C ILE B 468 -31.39 -27.12 34.83
N HIS B 469 -30.97 -26.21 33.96
CA HIS B 469 -31.07 -26.42 32.51
C HIS B 469 -29.71 -26.83 31.97
N ASP B 470 -29.57 -28.11 31.63
CA ASP B 470 -28.33 -28.64 31.08
C ASP B 470 -28.66 -29.92 30.34
N ASN B 471 -27.72 -30.39 29.53
CA ASN B 471 -27.89 -31.63 28.79
C ASN B 471 -27.76 -32.80 29.76
N PHE B 472 -28.89 -33.41 30.13
CA PHE B 472 -28.92 -34.52 31.07
C PHE B 472 -29.13 -35.82 30.29
N ILE B 473 -28.24 -36.79 30.51
CA ILE B 473 -28.38 -38.11 29.92
C ILE B 473 -28.96 -39.03 31.00
N PRO B 474 -30.17 -39.56 30.81
CA PRO B 474 -30.77 -40.41 31.87
C PRO B 474 -29.95 -41.64 32.18
N ILE B 475 -29.18 -42.16 31.23
CA ILE B 475 -28.37 -43.35 31.47
C ILE B 475 -27.30 -43.08 32.52
N GLU B 476 -26.63 -41.95 32.45
CA GLU B 476 -25.53 -41.64 33.37
C GLU B 476 -26.05 -41.41 34.78
N LYS B 477 -25.21 -41.75 35.76
CA LYS B 477 -25.50 -41.54 37.16
C LYS B 477 -24.89 -40.20 37.59
N TYR B 478 -25.70 -39.37 38.22
CA TYR B 478 -25.28 -38.02 38.59
C TYR B 478 -25.21 -37.86 40.10
N GLN B 479 -24.13 -37.26 40.58
CA GLN B 479 -23.97 -36.93 41.98
C GLN B 479 -24.33 -35.46 42.18
N PHE B 480 -25.25 -35.19 43.11
CA PHE B 480 -25.75 -33.85 43.36
C PHE B 480 -25.37 -33.43 44.77
N SER B 481 -24.78 -32.24 44.90
CA SER B 481 -24.32 -31.73 46.19
C SER B 481 -24.79 -30.29 46.36
N LEU B 482 -25.46 -30.00 47.48
CA LEU B 482 -25.94 -28.67 47.80
C LEU B 482 -25.20 -28.18 49.05
N TYR B 483 -24.57 -27.01 48.94
CA TYR B 483 -23.68 -26.51 49.98
C TYR B 483 -24.29 -25.33 50.71
N PRO B 484 -24.59 -25.45 52.00
CA PRO B 484 -24.98 -24.28 52.79
C PRO B 484 -23.78 -23.42 53.13
N VAL B 485 -23.83 -22.17 52.73
CA VAL B 485 -22.72 -21.24 52.88
C VAL B 485 -23.11 -20.16 53.88
N PHE B 486 -22.24 -19.91 54.84
CA PHE B 486 -22.48 -18.95 55.90
C PHE B 486 -21.35 -17.93 55.93
N MET B 487 -21.47 -16.97 56.85
CA MET B 487 -20.41 -15.98 57.00
C MET B 487 -19.10 -16.63 57.42
N GLU B 488 -19.18 -17.60 58.35
CA GLU B 488 -17.99 -18.22 58.90
C GLU B 488 -17.38 -19.25 57.97
N GLY B 489 -18.07 -19.63 56.90
CA GLY B 489 -17.58 -20.61 55.95
C GLY B 489 -18.71 -21.35 55.30
N VAL B 490 -18.40 -22.54 54.78
CA VAL B 490 -19.39 -23.37 54.12
C VAL B 490 -19.77 -24.52 55.03
N GLY B 491 -21.07 -24.73 55.21
CA GLY B 491 -21.55 -25.81 56.06
C GLY B 491 -21.48 -27.15 55.37
N LYS B 492 -21.85 -28.19 56.12
CA LYS B 492 -21.78 -29.54 55.59
C LYS B 492 -22.80 -29.70 54.46
N PRO B 493 -22.39 -30.11 53.27
CA PRO B 493 -23.32 -30.22 52.15
C PRO B 493 -24.18 -31.47 52.25
N LYS B 494 -25.29 -31.45 51.52
CA LYS B 494 -26.14 -32.61 51.33
C LYS B 494 -25.88 -33.20 49.96
N ILE B 495 -25.68 -34.52 49.90
CA ILE B 495 -25.29 -35.19 48.67
C ILE B 495 -26.27 -36.32 48.38
N ILE B 496 -26.77 -36.34 47.13
CA ILE B 496 -27.56 -37.46 46.63
C ILE B 496 -26.97 -37.86 45.29
N ASN B 497 -27.17 -39.11 44.90
CA ASN B 497 -26.67 -39.66 43.65
C ASN B 497 -27.85 -40.12 42.81
N GLY B 498 -27.98 -39.57 41.61
CA GLY B 498 -29.10 -39.90 40.74
C GLY B 498 -30.37 -39.19 41.15
N PHE B 499 -31.46 -39.57 40.49
CA PHE B 499 -32.77 -38.99 40.76
C PHE B 499 -33.47 -39.74 41.89
N VAL C 22 -27.36 50.25 -1.54
CA VAL C 22 -27.11 49.24 -0.51
C VAL C 22 -27.02 49.89 0.86
N PRO C 23 -27.54 49.20 1.88
CA PRO C 23 -27.46 49.74 3.24
C PRO C 23 -26.02 49.86 3.73
N ILE C 24 -25.79 50.86 4.58
CA ILE C 24 -24.43 51.20 4.98
C ILE C 24 -23.83 50.13 5.89
N GLN C 25 -24.65 49.44 6.67
CA GLN C 25 -24.13 48.44 7.58
C GLN C 25 -23.45 47.31 6.82
N LYS C 26 -24.07 46.88 5.72
CA LYS C 26 -23.43 45.87 4.87
C LYS C 26 -22.13 46.40 4.26
N VAL C 27 -22.10 47.66 3.85
CA VAL C 27 -20.85 48.23 3.35
C VAL C 27 -19.77 48.15 4.43
N GLN C 28 -20.11 48.53 5.65
CA GLN C 28 -19.13 48.55 6.74
C GLN C 28 -18.62 47.14 7.05
N ASP C 29 -19.53 46.18 7.20
CA ASP C 29 -19.09 44.84 7.58
C ASP C 29 -18.33 44.17 6.44
N ASP C 30 -18.72 44.45 5.19
CA ASP C 30 -17.98 43.93 4.05
C ASP C 30 -16.58 44.52 3.98
N THR C 31 -16.44 45.81 4.28
CA THR C 31 -15.12 46.42 4.32
C THR C 31 -14.26 45.80 5.41
N LYS C 32 -14.85 45.56 6.58
CA LYS C 32 -14.10 44.90 7.65
C LYS C 32 -13.65 43.51 7.22
N THR C 33 -14.56 42.75 6.60
CA THR C 33 -14.20 41.42 6.11
C THR C 33 -13.07 41.50 5.10
N LEU C 34 -13.16 42.45 4.17
CA LEU C 34 -12.10 42.58 3.16
C LEU C 34 -10.76 42.88 3.81
N ILE C 35 -10.73 43.84 4.74
CA ILE C 35 -9.44 44.25 5.29
C ILE C 35 -8.83 43.13 6.12
N LYS C 36 -9.66 42.37 6.84
CA LYS C 36 -9.09 41.27 7.61
C LYS C 36 -8.64 40.13 6.69
N THR C 37 -9.34 39.90 5.58
CA THR C 37 -8.81 38.96 4.58
C THR C 37 -7.44 39.42 4.09
N ILE C 38 -7.31 40.72 3.85
CA ILE C 38 -6.04 41.26 3.35
C ILE C 38 -4.92 41.04 4.35
N VAL C 39 -5.17 41.32 5.62
CA VAL C 39 -4.10 41.15 6.60
C VAL C 39 -3.79 39.67 6.81
N THR C 40 -4.80 38.80 6.74
CA THR C 40 -4.52 37.37 6.82
C THR C 40 -3.66 36.91 5.65
N ARG C 41 -3.94 37.41 4.45
CA ARG C 41 -3.14 37.06 3.29
C ARG C 41 -1.71 37.56 3.42
N ILE C 42 -1.53 38.81 3.87
CA ILE C 42 -0.18 39.33 3.98
C ILE C 42 0.58 38.56 5.07
N ASN C 43 -0.12 38.12 6.10
CA ASN C 43 0.54 37.31 7.13
C ASN C 43 0.96 35.96 6.57
N ASP C 44 0.07 35.30 5.83
CA ASP C 44 0.38 33.94 5.37
C ASP C 44 1.37 33.96 4.21
N ILE C 45 1.58 35.12 3.58
CA ILE C 45 2.66 35.19 2.59
C ILE C 45 3.97 35.65 3.24
N SER C 46 3.91 36.64 4.13
CA SER C 46 5.10 37.22 4.73
C SER C 46 5.76 36.30 5.76
N HIS C 47 5.13 35.17 6.07
CA HIS C 47 5.77 34.21 6.97
C HIS C 47 7.14 33.80 6.46
N THR C 48 7.29 33.66 5.14
CA THR C 48 8.58 33.38 4.53
C THR C 48 9.49 34.60 4.48
N GLN C 49 8.98 35.79 4.81
CA GLN C 49 9.75 37.03 4.78
C GLN C 49 9.58 37.81 6.07
N SER C 50 9.71 37.13 7.20
CA SER C 50 9.63 37.81 8.50
C SER C 50 10.76 38.82 8.63
N VAL C 51 10.43 40.02 9.11
CA VAL C 51 11.37 41.14 9.12
C VAL C 51 11.32 41.79 10.49
N SER C 52 12.38 42.55 10.80
CA SER C 52 12.47 43.34 12.00
C SER C 52 12.15 44.81 11.68
N ALA C 53 11.09 45.32 12.31
CA ALA C 53 10.65 46.69 12.04
C ALA C 53 11.57 47.74 12.66
N LYS C 54 12.43 47.34 13.58
CA LYS C 54 13.37 48.24 14.25
C LYS C 54 14.39 48.84 13.27
N GLN C 55 14.68 48.14 12.18
CA GLN C 55 15.69 48.55 11.22
C GLN C 55 15.07 49.53 10.23
N ARG C 56 15.74 50.64 10.00
CA ARG C 56 15.28 51.65 9.05
C ARG C 56 16.21 51.69 7.84
N VAL C 57 15.62 51.76 6.65
CA VAL C 57 16.35 51.72 5.39
C VAL C 57 16.23 53.09 4.73
N THR C 58 17.27 53.48 4.00
CA THR C 58 17.27 54.74 3.29
C THR C 58 16.61 54.60 1.92
N GLY C 59 16.18 55.73 1.36
CA GLY C 59 15.64 55.76 0.03
C GLY C 59 14.19 55.37 -0.11
N LEU C 60 13.51 55.05 0.99
CA LEU C 60 12.12 54.63 0.94
C LEU C 60 11.22 55.59 1.70
N ASP C 61 11.59 56.88 1.72
CA ASP C 61 10.78 57.87 2.42
C ASP C 61 9.37 57.99 1.86
N PHE C 62 9.22 57.84 0.54
CA PHE C 62 7.91 57.95 -0.09
C PHE C 62 6.96 56.83 0.31
N ILE C 63 7.45 55.77 0.94
CA ILE C 63 6.58 54.74 1.49
C ILE C 63 6.10 55.21 2.87
N PRO C 64 4.80 55.43 3.05
CA PRO C 64 4.32 55.95 4.34
C PRO C 64 4.09 54.85 5.36
N GLY C 65 3.55 55.22 6.52
CA GLY C 65 3.28 54.26 7.57
C GLY C 65 3.91 54.65 8.89
N LEU C 66 4.66 55.75 8.88
CA LEU C 66 5.34 56.24 10.07
C LEU C 66 4.47 57.16 10.90
N HIS C 67 3.24 57.44 10.47
CA HIS C 67 2.35 58.35 11.16
C HIS C 67 0.97 57.74 11.26
N PRO C 68 0.20 58.10 12.28
CA PRO C 68 -1.21 57.67 12.34
C PRO C 68 -2.00 58.27 11.20
N ILE C 69 -3.06 57.56 10.82
CA ILE C 69 -3.92 57.95 9.71
C ILE C 69 -5.30 58.26 10.26
N LEU C 70 -5.84 59.43 9.89
CA LEU C 70 -7.07 59.91 10.49
C LEU C 70 -8.17 60.18 9.48
N SER C 71 -7.90 60.91 8.40
CA SER C 71 -8.95 61.47 7.57
C SER C 71 -9.10 60.72 6.25
N LEU C 72 -10.18 61.04 5.54
CA LEU C 72 -10.54 60.33 4.31
C LEU C 72 -9.51 60.56 3.21
N SER C 73 -9.19 61.82 2.94
CA SER C 73 -8.31 62.14 1.81
C SER C 73 -6.91 61.58 2.02
N LYS C 74 -6.40 61.64 3.24
CA LYS C 74 -5.08 61.07 3.51
C LYS C 74 -5.07 59.58 3.24
N MET C 75 -6.12 58.87 3.67
CA MET C 75 -6.22 57.45 3.36
C MET C 75 -6.22 57.21 1.85
N ASP C 76 -7.02 57.99 1.12
CA ASP C 76 -7.11 57.78 -0.32
C ASP C 76 -5.76 57.99 -0.98
N GLN C 77 -5.07 59.08 -0.63
CA GLN C 77 -3.77 59.37 -1.25
C GLN C 77 -2.73 58.32 -0.88
N THR C 78 -2.67 57.94 0.39
CA THR C 78 -1.70 56.93 0.81
C THR C 78 -1.94 55.61 0.10
N LEU C 79 -3.20 55.18 0.01
CA LEU C 79 -3.48 53.91 -0.63
C LEU C 79 -3.28 53.98 -2.14
N ALA C 80 -3.46 55.15 -2.75
CA ALA C 80 -3.05 55.30 -4.15
C ALA C 80 -1.54 55.12 -4.29
N VAL C 81 -0.78 55.67 -3.35
CA VAL C 81 0.67 55.49 -3.37
C VAL C 81 1.02 54.01 -3.26
N TYR C 82 0.36 53.31 -2.33
CA TYR C 82 0.61 51.87 -2.18
C TYR C 82 0.22 51.12 -3.44
N GLN C 83 -0.90 51.48 -4.06
CA GLN C 83 -1.23 50.96 -5.39
C GLN C 83 -0.05 51.06 -6.32
N GLN C 84 0.43 52.29 -6.54
CA GLN C 84 1.44 52.51 -7.57
C GLN C 84 2.73 51.76 -7.24
N VAL C 85 3.11 51.72 -5.97
CA VAL C 85 4.33 51.00 -5.62
C VAL C 85 4.15 49.50 -5.83
N LEU C 86 2.95 48.95 -5.56
CA LEU C 86 2.72 47.53 -5.83
C LEU C 86 2.75 47.25 -7.32
N THR C 87 2.14 48.11 -8.12
CA THR C 87 2.12 47.90 -9.57
C THR C 87 3.51 47.79 -10.16
N SER C 88 4.49 48.46 -9.56
CA SER C 88 5.87 48.36 -10.01
C SER C 88 6.48 46.99 -9.75
N LEU C 89 5.90 46.18 -8.87
CA LEU C 89 6.50 44.91 -8.52
C LEU C 89 5.88 43.77 -9.31
N PRO C 90 6.71 42.95 -9.97
CA PRO C 90 6.22 41.86 -10.84
C PRO C 90 6.02 40.53 -10.12
N SER C 91 4.93 40.42 -9.36
CA SER C 91 4.57 39.16 -8.72
C SER C 91 3.08 38.95 -8.82
N GLN C 92 2.68 37.72 -9.19
CA GLN C 92 1.26 37.41 -9.37
C GLN C 92 0.49 37.59 -8.06
N ASN C 93 1.05 37.11 -6.95
CA ASN C 93 0.43 37.35 -5.66
C ASN C 93 0.29 38.84 -5.40
N VAL C 94 1.35 39.60 -5.69
CA VAL C 94 1.29 41.06 -5.55
C VAL C 94 0.26 41.64 -6.52
N LEU C 95 0.10 41.03 -7.70
CA LEU C 95 -0.94 41.48 -8.62
C LEU C 95 -2.32 41.36 -7.99
N GLN C 96 -2.62 40.21 -7.39
CA GLN C 96 -3.90 40.03 -6.72
C GLN C 96 -4.04 40.99 -5.55
N ILE C 97 -2.94 41.22 -4.83
CA ILE C 97 -2.97 42.15 -3.69
C ILE C 97 -3.31 43.56 -4.17
N ALA C 98 -2.71 44.00 -5.28
CA ALA C 98 -3.02 45.32 -5.82
C ALA C 98 -4.47 45.39 -6.28
N ASN C 99 -4.96 44.32 -6.90
CA ASN C 99 -6.37 44.27 -7.26
C ASN C 99 -7.26 44.47 -6.03
N ASP C 100 -6.96 43.77 -4.95
CA ASP C 100 -7.76 43.89 -3.74
C ASP C 100 -7.62 45.28 -3.13
N LEU C 101 -6.43 45.87 -3.22
CA LEU C 101 -6.22 47.22 -2.72
C LEU C 101 -7.10 48.22 -3.46
N GLU C 102 -7.16 48.10 -4.78
CA GLU C 102 -8.06 48.98 -5.53
C GLU C 102 -9.52 48.70 -5.19
N ASN C 103 -9.86 47.44 -4.95
CA ASN C 103 -11.21 47.13 -4.48
C ASN C 103 -11.52 47.89 -3.20
N LEU C 104 -10.64 47.82 -2.21
CA LEU C 104 -10.92 48.48 -0.93
C LEU C 104 -10.85 50.00 -1.07
N ARG C 105 -10.07 50.51 -2.01
CA ARG C 105 -10.10 51.94 -2.28
C ARG C 105 -11.45 52.36 -2.84
N ASP C 106 -12.02 51.55 -3.74
CA ASP C 106 -13.37 51.82 -4.21
C ASP C 106 -14.37 51.77 -3.06
N LEU C 107 -14.19 50.79 -2.16
CA LEU C 107 -15.06 50.70 -0.99
C LEU C 107 -14.99 51.96 -0.14
N LEU C 108 -13.77 52.46 0.11
CA LEU C 108 -13.64 53.63 0.95
C LEU C 108 -14.16 54.88 0.25
N HIS C 109 -14.02 54.95 -1.08
CA HIS C 109 -14.64 56.06 -1.80
C HIS C 109 -16.15 56.04 -1.63
N LEU C 110 -16.76 54.86 -1.75
CA LEU C 110 -18.20 54.75 -1.56
C LEU C 110 -18.60 55.09 -0.13
N LEU C 111 -17.77 54.68 0.84
CA LEU C 111 -18.04 55.02 2.23
C LEU C 111 -17.98 56.52 2.46
N ALA C 112 -16.99 57.18 1.86
CA ALA C 112 -16.91 58.64 1.94
C ALA C 112 -18.13 59.29 1.33
N PHE C 113 -18.58 58.78 0.18
CA PHE C 113 -19.83 59.26 -0.40
C PHE C 113 -21.01 59.05 0.54
N SER C 114 -20.98 57.94 1.29
CA SER C 114 -22.07 57.65 2.22
C SER C 114 -22.05 58.59 3.42
N LYS C 115 -20.87 59.12 3.76
CA LYS C 115 -20.76 60.09 4.85
C LYS C 115 -21.45 61.42 4.55
N SER C 116 -22.07 61.54 3.37
CA SER C 116 -22.80 62.75 2.98
C SER C 116 -21.89 63.97 2.92
N CYS C 117 -20.60 63.76 2.66
CA CYS C 117 -19.66 64.85 2.42
C CYS C 117 -19.39 64.94 0.93
N SER C 118 -19.61 66.14 0.37
CA SER C 118 -19.52 66.37 -1.06
C SER C 118 -18.20 67.02 -1.45
N LEU C 119 -17.12 66.65 -0.77
CA LEU C 119 -15.81 67.20 -1.10
C LEU C 119 -15.37 66.73 -2.49
N PRO C 120 -14.88 67.63 -3.34
CA PRO C 120 -14.38 67.19 -4.64
C PRO C 120 -13.25 66.17 -4.48
N GLN C 121 -13.25 65.18 -5.36
CA GLN C 121 -12.32 64.06 -5.27
C GLN C 121 -11.09 64.38 -6.13
N THR C 122 -10.00 64.79 -5.49
CA THR C 122 -8.74 65.06 -6.18
C THR C 122 -7.78 63.94 -5.81
N SER C 123 -7.33 63.18 -6.81
CA SER C 123 -6.46 62.04 -6.60
C SER C 123 -5.38 62.00 -7.67
N GLY C 124 -4.30 61.29 -7.36
CA GLY C 124 -3.16 61.23 -8.26
C GLY C 124 -1.93 61.86 -7.64
N LEU C 125 -1.24 62.69 -8.42
CA LEU C 125 -0.08 63.46 -7.95
C LEU C 125 1.02 62.53 -7.43
N GLN C 126 1.55 61.73 -8.35
CA GLN C 126 2.65 60.82 -8.06
C GLN C 126 3.85 61.17 -8.92
N LYS C 127 5.02 61.15 -8.30
CA LYS C 127 6.28 61.51 -8.97
C LYS C 127 7.28 60.39 -8.68
N PRO C 128 7.06 59.21 -9.27
CA PRO C 128 7.82 57.98 -8.95
C PRO C 128 9.04 57.69 -9.83
N GLU C 129 10.09 58.49 -9.68
CA GLU C 129 11.36 58.10 -10.31
C GLU C 129 12.30 57.46 -9.29
N SER C 130 12.26 57.93 -8.04
CA SER C 130 12.93 57.21 -6.97
C SER C 130 12.33 55.83 -6.80
N LEU C 131 11.01 55.71 -7.02
CA LEU C 131 10.36 54.40 -7.06
C LEU C 131 11.07 53.49 -8.04
N ASP C 132 11.28 53.96 -9.28
CA ASP C 132 11.93 53.15 -10.29
C ASP C 132 13.38 52.84 -9.90
N GLY C 133 14.09 53.82 -9.36
CA GLY C 133 15.48 53.59 -8.99
C GLY C 133 15.62 52.52 -7.92
N VAL C 134 14.83 52.62 -6.85
CA VAL C 134 14.93 51.63 -5.79
C VAL C 134 14.36 50.29 -6.26
N LEU C 135 13.38 50.30 -7.17
CA LEU C 135 12.86 49.07 -7.74
C LEU C 135 13.94 48.31 -8.49
N GLU C 136 14.67 49.02 -9.37
CA GLU C 136 15.78 48.38 -10.07
C GLU C 136 16.99 48.16 -9.17
N ALA C 137 16.98 48.72 -7.96
CA ALA C 137 18.10 48.56 -7.03
C ALA C 137 17.88 47.49 -5.97
N SER C 138 16.79 47.56 -5.21
CA SER C 138 16.63 46.79 -3.98
C SER C 138 15.27 46.09 -3.95
N LEU C 139 14.95 45.36 -5.02
CA LEU C 139 13.68 44.65 -5.17
C LEU C 139 13.21 43.99 -3.87
N TYR C 140 14.07 43.16 -3.28
CA TYR C 140 13.73 42.47 -2.05
C TYR C 140 13.41 43.46 -0.94
N SER C 141 14.30 44.45 -0.76
CA SER C 141 14.07 45.46 0.26
C SER C 141 12.77 46.21 0.00
N THR C 142 12.52 46.57 -1.26
CA THR C 142 11.30 47.29 -1.61
C THR C 142 10.08 46.49 -1.19
N GLU C 143 10.01 45.22 -1.61
CA GLU C 143 8.80 44.45 -1.32
C GLU C 143 8.61 44.24 0.17
N VAL C 144 9.70 43.97 0.90
CA VAL C 144 9.54 43.69 2.32
C VAL C 144 9.10 44.95 3.07
N VAL C 145 9.73 46.10 2.79
CA VAL C 145 9.34 47.31 3.49
C VAL C 145 7.92 47.69 3.13
N ALA C 146 7.54 47.52 1.86
CA ALA C 146 6.19 47.84 1.44
C ALA C 146 5.17 47.00 2.18
N LEU C 147 5.38 45.68 2.21
CA LEU C 147 4.41 44.81 2.88
C LEU C 147 4.33 45.13 4.36
N SER C 148 5.48 45.33 5.02
CA SER C 148 5.46 45.62 6.45
C SER C 148 4.72 46.91 6.75
N ARG C 149 5.05 47.98 6.02
CA ARG C 149 4.43 49.27 6.30
C ARG C 149 2.94 49.27 5.98
N LEU C 150 2.53 48.66 4.87
CA LEU C 150 1.10 48.64 4.56
C LEU C 150 0.36 47.75 5.55
N GLN C 151 1.00 46.67 6.01
CA GLN C 151 0.44 45.84 7.07
C GLN C 151 0.16 46.65 8.33
N GLY C 152 1.16 47.39 8.79
CA GLY C 152 0.97 48.24 9.94
C GLY C 152 -0.11 49.29 9.73
N SER C 153 -0.14 49.89 8.54
CA SER C 153 -1.16 50.89 8.23
C SER C 153 -2.55 50.28 8.24
N LEU C 154 -2.67 49.05 7.75
CA LEU C 154 -3.96 48.36 7.78
C LEU C 154 -4.43 48.12 9.20
N GLN C 155 -3.53 47.69 10.10
CA GLN C 155 -3.96 47.57 11.49
C GLN C 155 -4.32 48.93 12.10
N ASP C 156 -3.54 49.98 11.80
CA ASP C 156 -3.86 51.29 12.37
C ASP C 156 -5.23 51.77 11.92
N ILE C 157 -5.56 51.60 10.64
CA ILE C 157 -6.87 52.02 10.16
C ILE C 157 -7.94 51.06 10.67
N LEU C 158 -7.55 49.82 11.01
CA LEU C 158 -8.50 48.92 11.66
C LEU C 158 -8.92 49.47 13.02
N GLN C 159 -7.96 49.94 13.81
CA GLN C 159 -8.30 50.57 15.08
C GLN C 159 -9.07 51.86 14.87
N GLN C 160 -8.64 52.70 13.94
CA GLN C 160 -9.31 53.96 13.65
C GLN C 160 -10.71 53.77 13.09
N LEU C 161 -11.00 52.59 12.54
CA LEU C 161 -12.28 52.37 11.88
C LEU C 161 -13.45 52.48 12.86
N ASP C 162 -13.28 51.95 14.07
CA ASP C 162 -14.33 52.02 15.07
C ASP C 162 -14.47 53.44 15.61
N VAL D 22 50.66 -4.93 -0.77
CA VAL D 22 49.90 -6.05 -1.31
C VAL D 22 50.71 -7.34 -1.20
N PRO D 23 50.13 -8.35 -0.58
CA PRO D 23 50.83 -9.65 -0.47
C PRO D 23 51.12 -10.24 -1.84
N ILE D 24 52.25 -10.94 -1.95
CA ILE D 24 52.65 -11.55 -3.21
C ILE D 24 51.66 -12.62 -3.62
N GLN D 25 51.10 -13.34 -2.65
CA GLN D 25 50.15 -14.41 -2.96
C GLN D 25 48.91 -13.87 -3.66
N LYS D 26 48.41 -12.71 -3.23
CA LYS D 26 47.26 -12.11 -3.88
C LYS D 26 47.59 -11.74 -5.33
N VAL D 27 48.80 -11.20 -5.56
CA VAL D 27 49.20 -10.87 -6.92
C VAL D 27 49.28 -12.13 -7.78
N GLN D 28 49.83 -13.20 -7.25
CA GLN D 28 49.92 -14.45 -8.01
C GLN D 28 48.52 -14.99 -8.32
N ASP D 29 47.60 -14.92 -7.35
CA ASP D 29 46.24 -15.37 -7.58
C ASP D 29 45.55 -14.54 -8.66
N ASP D 30 45.76 -13.22 -8.63
CA ASP D 30 45.17 -12.36 -9.66
C ASP D 30 45.75 -12.67 -11.03
N THR D 31 47.06 -12.92 -11.11
CA THR D 31 47.67 -13.31 -12.38
C THR D 31 47.08 -14.61 -12.89
N LYS D 32 46.89 -15.59 -12.01
CA LYS D 32 46.26 -16.85 -12.43
C LYS D 32 44.84 -16.62 -12.89
N THR D 33 44.11 -15.74 -12.21
CA THR D 33 42.76 -15.37 -12.63
C THR D 33 42.75 -14.83 -14.04
N LEU D 34 43.67 -13.89 -14.33
CA LEU D 34 43.73 -13.31 -15.67
C LEU D 34 44.14 -14.35 -16.70
N ILE D 35 45.04 -15.27 -16.33
CA ILE D 35 45.42 -16.36 -17.23
C ILE D 35 44.19 -17.18 -17.61
N LYS D 36 43.40 -17.56 -16.60
CA LYS D 36 42.20 -18.36 -16.84
C LYS D 36 41.20 -17.59 -17.70
N THR D 37 41.01 -16.30 -17.41
CA THR D 37 40.04 -15.50 -18.15
C THR D 37 40.46 -15.35 -19.61
N ILE D 38 41.75 -15.11 -19.86
CA ILE D 38 42.22 -14.97 -21.23
C ILE D 38 42.07 -16.29 -21.99
N VAL D 39 42.40 -17.39 -21.32
CA VAL D 39 42.20 -18.71 -21.91
C VAL D 39 40.73 -18.91 -22.26
N THR D 40 39.84 -18.49 -21.37
CA THR D 40 38.40 -18.60 -21.61
C THR D 40 37.96 -17.77 -22.82
N ARG D 41 38.41 -16.52 -22.90
CA ARG D 41 37.99 -15.65 -24.01
C ARG D 41 38.56 -16.14 -25.34
N ILE D 42 39.78 -16.67 -25.31
CA ILE D 42 40.36 -17.28 -26.51
C ILE D 42 39.52 -18.47 -26.94
N ASN D 43 39.08 -19.29 -25.98
CA ASN D 43 38.18 -20.38 -26.32
C ASN D 43 36.86 -19.87 -26.89
N ASP D 44 36.33 -18.79 -26.32
CA ASP D 44 35.05 -18.25 -26.79
C ASP D 44 35.15 -17.79 -28.24
N ILE D 45 36.23 -17.08 -28.59
CA ILE D 45 36.37 -16.63 -29.97
C ILE D 45 36.71 -17.80 -30.89
N SER D 46 37.43 -18.80 -30.37
CA SER D 46 37.79 -19.96 -31.19
C SER D 46 36.58 -20.82 -31.53
N HIS D 47 35.60 -20.89 -30.62
CA HIS D 47 34.36 -21.59 -30.95
C HIS D 47 33.65 -20.94 -32.13
N THR D 48 33.63 -19.60 -32.16
CA THR D 48 33.04 -18.90 -33.30
C THR D 48 33.92 -18.96 -34.54
N GLN D 49 35.20 -19.30 -34.39
CA GLN D 49 36.13 -19.43 -35.51
C GLN D 49 36.59 -20.87 -35.63
N SER D 50 35.79 -21.66 -36.35
CA SER D 50 36.10 -23.08 -36.56
C SER D 50 37.11 -23.20 -37.70
N VAL D 51 38.37 -23.37 -37.35
CA VAL D 51 39.47 -23.43 -38.31
C VAL D 51 40.25 -24.72 -38.10
N SER D 52 40.52 -25.43 -39.20
CA SER D 52 41.34 -26.62 -39.13
C SER D 52 42.75 -26.25 -38.68
N ALA D 53 43.28 -27.00 -37.71
CA ALA D 53 44.61 -26.74 -37.18
C ALA D 53 45.71 -27.13 -38.15
N LYS D 54 45.39 -27.82 -39.24
CA LYS D 54 46.38 -28.29 -40.20
C LYS D 54 46.76 -27.24 -41.23
N GLN D 55 46.14 -26.05 -41.18
CA GLN D 55 46.45 -25.01 -42.15
C GLN D 55 47.82 -24.39 -41.88
N ARG D 56 48.84 -24.88 -42.57
CA ARG D 56 50.19 -24.35 -42.41
C ARG D 56 50.36 -23.12 -43.29
N VAL D 57 50.49 -21.96 -42.66
CA VAL D 57 50.66 -20.70 -43.38
C VAL D 57 52.09 -20.21 -43.16
N THR D 58 52.83 -20.03 -44.26
CA THR D 58 54.22 -19.61 -44.17
C THR D 58 54.33 -18.14 -43.83
N GLY D 59 55.52 -17.74 -43.38
CA GLY D 59 55.79 -16.37 -43.00
C GLY D 59 55.38 -16.00 -41.59
N LEU D 60 54.99 -16.98 -40.77
CA LEU D 60 54.49 -16.73 -39.42
C LEU D 60 55.54 -17.00 -38.35
N ASP D 61 56.82 -16.95 -38.70
CA ASP D 61 57.87 -17.20 -37.72
C ASP D 61 57.97 -16.09 -36.68
N PHE D 62 57.41 -14.91 -36.96
CA PHE D 62 57.49 -13.80 -36.00
C PHE D 62 56.66 -14.06 -34.76
N ILE D 63 55.55 -14.77 -34.88
CA ILE D 63 54.74 -15.16 -33.72
C ILE D 63 55.58 -16.12 -32.87
N PRO D 64 55.68 -15.90 -31.56
CA PRO D 64 56.44 -16.81 -30.72
C PRO D 64 55.90 -18.24 -30.78
N GLY D 65 56.81 -19.20 -30.89
CA GLY D 65 56.42 -20.58 -30.97
C GLY D 65 56.18 -21.18 -29.60
N LEU D 66 55.61 -22.40 -29.62
CA LEU D 66 55.38 -23.14 -28.39
C LEU D 66 56.68 -23.77 -27.90
N HIS D 67 57.47 -23.00 -27.15
CA HIS D 67 58.73 -23.47 -26.61
C HIS D 67 58.74 -23.34 -25.10
N PRO D 68 59.53 -24.16 -24.39
CA PRO D 68 59.62 -24.03 -22.93
C PRO D 68 60.06 -22.65 -22.51
N ILE D 69 59.16 -21.93 -21.83
CA ILE D 69 59.44 -20.57 -21.35
C ILE D 69 59.56 -20.68 -19.84
N LEU D 70 60.67 -20.16 -19.29
CA LEU D 70 61.03 -20.45 -17.91
C LEU D 70 61.06 -19.24 -16.99
N SER D 71 61.60 -18.11 -17.43
CA SER D 71 61.84 -16.98 -16.53
C SER D 71 60.94 -15.81 -16.89
N LEU D 72 60.74 -14.92 -15.91
CA LEU D 72 59.72 -13.88 -16.03
C LEU D 72 60.07 -12.87 -17.12
N SER D 73 61.37 -12.65 -17.36
CA SER D 73 61.78 -11.73 -18.41
C SER D 73 61.29 -12.23 -19.78
N LYS D 74 61.45 -13.53 -20.05
CA LYS D 74 60.90 -14.09 -21.27
C LYS D 74 59.38 -14.03 -21.29
N MET D 75 58.73 -14.20 -20.13
CA MET D 75 57.28 -14.01 -20.08
C MET D 75 56.89 -12.64 -20.61
N ASP D 76 57.52 -11.59 -20.06
CA ASP D 76 57.18 -10.23 -20.47
C ASP D 76 57.51 -10.01 -21.95
N GLN D 77 58.66 -10.50 -22.39
CA GLN D 77 59.07 -10.30 -23.78
C GLN D 77 58.08 -10.95 -24.75
N THR D 78 57.79 -12.24 -24.55
CA THR D 78 56.90 -12.93 -25.48
C THR D 78 55.48 -12.38 -25.40
N LEU D 79 55.06 -11.93 -24.22
CA LEU D 79 53.71 -11.40 -24.11
C LEU D 79 53.61 -10.05 -24.81
N ALA D 80 54.66 -9.23 -24.72
CA ALA D 80 54.69 -7.98 -25.47
C ALA D 80 54.68 -8.25 -26.96
N VAL D 81 55.42 -9.26 -27.42
CA VAL D 81 55.40 -9.62 -28.84
C VAL D 81 53.99 -10.01 -29.26
N TYR D 82 53.33 -10.85 -28.46
CA TYR D 82 51.97 -11.28 -28.79
C TYR D 82 51.01 -10.10 -28.81
N GLN D 83 51.13 -9.19 -27.84
CA GLN D 83 50.26 -8.03 -27.80
C GLN D 83 50.46 -7.13 -29.01
N GLN D 84 51.71 -6.96 -29.44
CA GLN D 84 51.98 -6.20 -30.66
C GLN D 84 51.36 -6.90 -31.87
N VAL D 85 51.45 -8.23 -31.92
CA VAL D 85 50.81 -8.97 -33.00
C VAL D 85 49.29 -8.79 -32.94
N LEU D 86 48.72 -8.89 -31.73
CA LEU D 86 47.28 -8.77 -31.58
C LEU D 86 46.81 -7.35 -31.90
N THR D 87 47.57 -6.34 -31.50
CA THR D 87 47.16 -4.95 -31.73
C THR D 87 47.00 -4.66 -33.21
N SER D 88 47.76 -5.34 -34.06
CA SER D 88 47.66 -5.15 -35.50
C SER D 88 46.41 -5.78 -36.10
N LEU D 89 45.71 -6.64 -35.36
CA LEU D 89 44.49 -7.25 -35.86
C LEU D 89 43.31 -6.28 -35.74
N PRO D 90 42.45 -6.23 -36.74
CA PRO D 90 41.34 -5.26 -36.73
C PRO D 90 40.14 -5.66 -35.90
N SER D 91 40.24 -6.71 -35.07
CA SER D 91 39.11 -7.19 -34.29
C SER D 91 39.08 -6.48 -32.95
N GLN D 92 37.90 -5.97 -32.57
CA GLN D 92 37.76 -5.25 -31.32
C GLN D 92 37.99 -6.17 -30.11
N ASN D 93 37.48 -7.39 -30.18
CA ASN D 93 37.73 -8.35 -29.10
C ASN D 93 39.23 -8.62 -28.96
N VAL D 94 39.95 -8.70 -30.07
CA VAL D 94 41.40 -8.84 -30.01
C VAL D 94 42.04 -7.62 -29.37
N LEU D 95 41.47 -6.44 -29.62
CA LEU D 95 41.98 -5.23 -28.97
C LEU D 95 41.81 -5.30 -27.45
N GLN D 96 40.64 -5.76 -26.99
CA GLN D 96 40.44 -5.88 -25.54
C GLN D 96 41.31 -6.99 -24.96
N ILE D 97 41.59 -8.02 -25.76
CA ILE D 97 42.56 -9.03 -25.33
C ILE D 97 43.94 -8.40 -25.16
N ALA D 98 44.33 -7.53 -26.09
CA ALA D 98 45.61 -6.82 -25.95
C ALA D 98 45.61 -5.94 -24.70
N ASN D 99 44.46 -5.34 -24.37
CA ASN D 99 44.34 -4.60 -23.12
C ASN D 99 44.59 -5.52 -21.92
N ASP D 100 44.01 -6.71 -21.94
CA ASP D 100 44.27 -7.68 -20.88
C ASP D 100 45.73 -8.06 -20.84
N LEU D 101 46.39 -8.18 -21.99
CA LEU D 101 47.81 -8.49 -22.03
C LEU D 101 48.66 -7.38 -21.43
N GLU D 102 48.33 -6.12 -21.69
CA GLU D 102 49.11 -5.03 -21.08
C GLU D 102 48.89 -5.01 -19.57
N ASN D 103 47.65 -5.29 -19.13
CA ASN D 103 47.41 -5.42 -17.70
C ASN D 103 48.22 -6.57 -17.09
N LEU D 104 48.33 -7.68 -17.83
CA LEU D 104 49.08 -8.82 -17.31
C LEU D 104 50.56 -8.54 -17.29
N ARG D 105 51.07 -7.73 -18.23
CA ARG D 105 52.44 -7.26 -18.13
C ARG D 105 52.63 -6.40 -16.89
N ASP D 106 51.65 -5.55 -16.58
CA ASP D 106 51.72 -4.77 -15.34
C ASP D 106 51.84 -5.69 -14.13
N LEU D 107 51.04 -6.75 -14.09
CA LEU D 107 51.11 -7.67 -12.94
C LEU D 107 52.40 -8.48 -12.94
N LEU D 108 52.92 -8.83 -14.13
CA LEU D 108 54.20 -9.52 -14.18
C LEU D 108 55.32 -8.65 -13.62
N HIS D 109 55.31 -7.36 -13.97
CA HIS D 109 56.29 -6.44 -13.40
C HIS D 109 56.08 -6.27 -11.90
N LEU D 110 54.83 -6.27 -11.45
CA LEU D 110 54.56 -6.22 -10.02
C LEU D 110 55.14 -7.44 -9.30
N LEU D 111 54.99 -8.62 -9.89
CA LEU D 111 55.59 -9.83 -9.33
C LEU D 111 57.11 -9.73 -9.33
N ALA D 112 57.67 -9.11 -10.38
CA ALA D 112 59.11 -8.93 -10.45
C ALA D 112 59.61 -8.08 -9.28
N PHE D 113 58.88 -7.01 -8.95
CA PHE D 113 59.23 -6.19 -7.80
C PHE D 113 59.12 -6.98 -6.50
N SER D 114 58.11 -7.84 -6.40
CA SER D 114 57.94 -8.66 -5.20
C SER D 114 59.10 -9.62 -4.98
N LYS D 115 59.74 -10.09 -6.04
CA LYS D 115 60.88 -10.98 -5.94
C LYS D 115 62.21 -10.28 -6.13
N SER D 116 62.22 -8.94 -6.09
CA SER D 116 63.45 -8.14 -6.14
C SER D 116 64.22 -8.34 -7.45
N CYS D 117 63.50 -8.62 -8.54
CA CYS D 117 64.09 -8.72 -9.86
C CYS D 117 63.50 -7.65 -10.77
N SER D 118 64.32 -7.14 -11.67
CA SER D 118 63.95 -6.05 -12.55
C SER D 118 63.84 -6.57 -13.97
N LEU D 119 62.60 -6.70 -14.47
CA LEU D 119 62.41 -7.07 -15.87
C LEU D 119 62.87 -5.93 -16.77
N PRO D 120 63.59 -6.24 -17.85
CA PRO D 120 63.95 -5.20 -18.81
C PRO D 120 62.70 -4.58 -19.41
N GLN D 121 62.73 -3.26 -19.60
CA GLN D 121 61.58 -2.55 -20.16
C GLN D 121 61.41 -2.96 -21.62
N THR D 122 60.42 -3.80 -21.88
CA THR D 122 60.24 -4.34 -23.23
C THR D 122 59.45 -3.35 -24.08
N SER D 123 59.98 -2.14 -24.21
CA SER D 123 59.39 -1.11 -25.06
C SER D 123 60.20 -0.85 -26.31
N GLY D 124 61.22 -1.66 -26.58
CA GLY D 124 62.07 -1.44 -27.74
C GLY D 124 61.86 -2.46 -28.84
N LEU D 125 60.78 -3.24 -28.75
CA LEU D 125 60.45 -4.19 -29.80
C LEU D 125 60.02 -3.46 -31.06
N GLN D 126 60.88 -3.43 -32.07
CA GLN D 126 60.53 -2.82 -33.35
C GLN D 126 59.33 -3.54 -33.94
N LYS D 127 58.43 -2.76 -34.56
CA LYS D 127 57.26 -3.33 -35.20
C LYS D 127 57.70 -4.32 -36.27
N PRO D 128 57.29 -5.59 -36.18
CA PRO D 128 57.72 -6.59 -37.17
C PRO D 128 57.35 -6.18 -38.59
N GLU D 129 58.37 -6.10 -39.46
CA GLU D 129 58.14 -5.69 -40.84
C GLU D 129 57.31 -6.72 -41.60
N SER D 130 57.24 -7.96 -41.12
CA SER D 130 56.47 -8.98 -41.80
C SER D 130 54.98 -8.89 -41.48
N LEU D 131 54.59 -8.11 -40.46
CA LEU D 131 53.18 -7.97 -40.14
C LEU D 131 52.40 -7.39 -41.30
N ASP D 132 52.91 -6.32 -41.91
CA ASP D 132 52.20 -5.68 -43.01
C ASP D 132 52.08 -6.62 -44.20
N GLY D 133 53.09 -7.44 -44.44
CA GLY D 133 53.05 -8.35 -45.58
C GLY D 133 52.21 -9.59 -45.36
N VAL D 134 52.06 -10.02 -44.10
CA VAL D 134 51.35 -11.26 -43.84
C VAL D 134 49.89 -11.04 -43.45
N LEU D 135 49.58 -9.93 -42.77
CA LEU D 135 48.18 -9.64 -42.44
C LEU D 135 47.36 -9.42 -43.70
N GLU D 136 47.93 -8.72 -44.68
CA GLU D 136 47.23 -8.51 -45.95
C GLU D 136 46.97 -9.83 -46.66
N ALA D 137 47.93 -10.76 -46.60
CA ALA D 137 47.72 -12.08 -47.19
C ALA D 137 46.62 -12.85 -46.47
N SER D 138 46.68 -12.92 -45.14
CA SER D 138 45.62 -13.58 -44.38
C SER D 138 45.44 -12.98 -43.00
N LEU D 139 44.50 -12.04 -42.86
CA LEU D 139 44.15 -11.52 -41.53
C LEU D 139 43.57 -12.63 -40.64
N TYR D 140 42.68 -13.44 -41.21
CA TYR D 140 41.92 -14.39 -40.40
C TYR D 140 42.79 -15.55 -39.92
N SER D 141 43.56 -16.15 -40.81
CA SER D 141 44.41 -17.28 -40.42
C SER D 141 45.49 -16.84 -39.44
N THR D 142 46.08 -15.66 -39.65
CA THR D 142 47.05 -15.13 -38.69
C THR D 142 46.41 -14.94 -37.33
N GLU D 143 45.18 -14.42 -37.29
CA GLU D 143 44.47 -14.27 -36.03
C GLU D 143 44.29 -15.61 -35.34
N VAL D 144 43.88 -16.63 -36.10
CA VAL D 144 43.62 -17.95 -35.51
C VAL D 144 44.90 -18.54 -34.94
N VAL D 145 45.99 -18.50 -35.72
CA VAL D 145 47.23 -19.11 -35.26
C VAL D 145 47.81 -18.33 -34.09
N ALA D 146 47.70 -17.00 -34.11
CA ALA D 146 48.19 -16.19 -33.01
C ALA D 146 47.41 -16.49 -31.73
N LEU D 147 46.08 -16.63 -31.84
CA LEU D 147 45.29 -16.99 -30.67
C LEU D 147 45.68 -18.34 -30.12
N SER D 148 45.86 -19.34 -31.00
CA SER D 148 46.22 -20.68 -30.54
C SER D 148 47.57 -20.68 -29.85
N ARG D 149 48.56 -20.02 -30.46
CA ARG D 149 49.90 -20.02 -29.88
C ARG D 149 49.95 -19.23 -28.59
N LEU D 150 49.23 -18.10 -28.53
CA LEU D 150 49.14 -17.35 -27.27
C LEU D 150 48.48 -18.19 -26.18
N GLN D 151 47.41 -18.92 -26.51
CA GLN D 151 46.76 -19.74 -25.50
C GLN D 151 47.71 -20.81 -24.98
N GLY D 152 48.41 -21.50 -25.89
CA GLY D 152 49.36 -22.52 -25.46
C GLY D 152 50.47 -21.95 -24.61
N SER D 153 51.05 -20.82 -25.02
CA SER D 153 52.09 -20.17 -24.24
C SER D 153 51.56 -19.71 -22.89
N LEU D 154 50.29 -19.33 -22.83
CA LEU D 154 49.72 -18.85 -21.57
C LEU D 154 49.43 -20.00 -20.61
N GLN D 155 49.01 -21.18 -21.12
CA GLN D 155 49.01 -22.35 -20.25
C GLN D 155 50.41 -22.68 -19.78
N ASP D 156 51.40 -22.54 -20.67
CA ASP D 156 52.79 -22.75 -20.26
C ASP D 156 53.16 -21.84 -19.09
N ILE D 157 52.70 -20.59 -19.16
CA ILE D 157 52.95 -19.63 -18.09
C ILE D 157 52.25 -20.05 -16.80
N LEU D 158 50.99 -20.49 -16.91
CA LEU D 158 50.24 -20.91 -15.73
C LEU D 158 50.92 -22.10 -15.04
N GLN D 159 51.42 -23.05 -15.84
CA GLN D 159 52.17 -24.14 -15.25
C GLN D 159 53.44 -23.63 -14.58
N GLN D 160 54.17 -22.74 -15.24
CA GLN D 160 55.41 -22.22 -14.69
C GLN D 160 55.15 -21.40 -13.42
N LEU D 161 54.10 -20.58 -13.43
CA LEU D 161 53.79 -19.78 -12.25
C LEU D 161 53.49 -20.65 -11.04
N ASP D 162 53.04 -21.90 -11.26
CA ASP D 162 52.84 -22.82 -10.14
C ASP D 162 54.18 -23.31 -9.57
N VAL D 163 55.24 -23.31 -10.37
CA VAL D 163 56.54 -23.83 -9.94
C VAL D 163 57.55 -22.72 -9.72
N SER D 164 57.10 -21.51 -9.36
CA SER D 164 57.98 -20.40 -9.00
C SER D 164 59.01 -20.12 -10.09
N PRO D 165 58.59 -19.54 -11.22
CA PRO D 165 59.54 -19.31 -12.32
C PRO D 165 60.59 -18.29 -11.94
N GLU D 166 61.77 -18.42 -12.57
CA GLU D 166 62.89 -17.56 -12.26
C GLU D 166 62.68 -16.16 -12.84
N CYS D 167 63.67 -15.31 -12.65
CA CYS D 167 63.61 -13.93 -13.10
C CYS D 167 64.10 -13.79 -14.54
#